data_9NJD
#
_entry.id   9NJD
#
_cell.length_a   1.00
_cell.length_b   1.00
_cell.length_c   1.00
_cell.angle_alpha   90.00
_cell.angle_beta   90.00
_cell.angle_gamma   90.00
#
_symmetry.space_group_name_H-M   'P 1'
#
loop_
_entity.id
_entity.type
_entity.pdbx_description
1 polymer 'Polyribonucleotide nucleotidyltransferase 1, mitochondrial'
2 non-polymer 'PHOSPHATE ION'
#
_entity_poly.entity_id   1
_entity_poly.type   'polypeptide(L)'
_entity_poly.pdbx_seq_one_letter_code
;MAVAVDLGNRKLEISSGKLARFADGSAVVQSGDTAVMVTAVSKTKPSPSQFMPLVVDYRQKAAAAGRIPTNYLRREIGTS
DKEILTSRIIDRSIRPLFPAGYFYDTQVLCNLLAVDGVNEPDVLAINGASVALSLSDIPWNGPVGAVRIGIIDGEYVVNP
TRKEMSSSTLNLVVAGAPKSQIVMLEASAENILQQDFCHAIKVGVKYTQQIIQGIQQLVKETGVTKRTPQKLFTPSPEIV
KYTHKLAMERLYAVFTDYEHDKVSRDEAVNKIRLDTEEQLKEKFPEADPYEIIESFNVVAKEVFRSIVLNEYKRCDGRDL
TSLRNVSCEVDMFKTLHGSALFQRGQTQVLCTVTFDSLESGIKSDQVITAINGIKDKNFMLHYEFPPYATNEIGKVTGLN
RRELGHGALAEKALYPVIPRDFPFTIRVTSEVLESNGSSSMASACGGSLALMDSGVPISSAVAGVAIGLVTKTDPEKGEI
EDYRLLTDILGIEDYNGDMDFKIAGTNKGITALQADIKLPGIPIKIVMEAIQQASVAKKEILQIMNKTISKPRASRKENG
PVVETVQVPLSKRAKFVGPGGYNLKKLQAETGVTISQVDEETFSVFAPTPSAMHEARDFITEICKDDQEQQLEFGAVYTA
TITEIRDTGVMVKLYPNMTAVLLHNTQLDQRKIKHPTALGLEVGQEIQVKYFGRDPADGRMRLSRKVLQSPATTVVRTLN
DRSSIVMGEPISQSSSNSQSGSGSAWSHPQFEKGGGSGGGSGGSAWSHPQFEK
;
_entity_poly.pdbx_strand_id   C,A,B
#
loop_
_chem_comp.id
_chem_comp.type
_chem_comp.name
_chem_comp.formula
PO4 non-polymer 'PHOSPHATE ION' 'O4 P -3'
#
# COMPACT_ATOMS: atom_id res chain seq x y z
N ALA A 2 -40.07 4.24 -10.86
CA ALA A 2 -40.22 3.80 -9.48
C ALA A 2 -41.18 2.61 -9.39
N VAL A 3 -40.62 1.42 -9.18
CA VAL A 3 -41.38 0.19 -9.11
C VAL A 3 -41.15 -0.45 -7.74
N ALA A 4 -42.22 -0.82 -7.07
CA ALA A 4 -42.16 -1.47 -5.77
C ALA A 4 -42.37 -2.97 -5.92
N VAL A 5 -41.60 -3.74 -5.16
CA VAL A 5 -41.69 -5.20 -5.15
C VAL A 5 -42.02 -5.63 -3.73
N ASP A 6 -43.04 -6.47 -3.58
CA ASP A 6 -43.45 -6.98 -2.28
C ASP A 6 -42.97 -8.41 -2.13
N LEU A 7 -42.23 -8.68 -1.05
CA LEU A 7 -41.69 -10.01 -0.77
C LEU A 7 -42.18 -10.44 0.60
N GLY A 8 -43.40 -10.96 0.66
CA GLY A 8 -43.94 -11.49 1.89
C GLY A 8 -44.40 -10.41 2.85
N ASN A 9 -43.44 -9.75 3.49
CA ASN A 9 -43.74 -8.64 4.38
C ASN A 9 -42.71 -7.52 4.25
N ARG A 10 -41.78 -7.62 3.30
CA ARG A 10 -40.79 -6.59 3.04
C ARG A 10 -41.18 -5.81 1.79
N LYS A 11 -40.51 -4.67 1.60
CA LYS A 11 -40.72 -3.83 0.44
C LYS A 11 -39.38 -3.59 -0.25
N LEU A 12 -39.42 -3.50 -1.57
CA LEU A 12 -38.21 -3.27 -2.37
C LEU A 12 -38.52 -2.18 -3.38
N GLU A 13 -38.19 -0.94 -3.02
CA GLU A 13 -38.43 0.20 -3.90
C GLU A 13 -37.23 0.40 -4.81
N ILE A 14 -37.47 0.36 -6.12
CA ILE A 14 -36.43 0.51 -7.13
C ILE A 14 -36.73 1.77 -7.94
N SER A 15 -35.73 2.64 -8.06
CA SER A 15 -35.89 3.89 -8.78
C SER A 15 -34.63 4.18 -9.58
N SER A 16 -34.77 5.05 -10.58
CA SER A 16 -33.65 5.42 -11.44
C SER A 16 -33.94 6.75 -12.10
N GLY A 17 -32.89 7.36 -12.64
CA GLY A 17 -33.02 8.60 -13.38
C GLY A 17 -32.85 9.87 -12.57
N LYS A 18 -32.43 9.76 -11.30
CA LYS A 18 -32.26 10.92 -10.44
C LYS A 18 -30.80 11.17 -10.07
N LEU A 19 -30.09 10.14 -9.63
CA LEU A 19 -28.72 10.27 -9.15
C LEU A 19 -27.76 9.61 -10.13
N ALA A 20 -26.60 10.24 -10.31
CA ALA A 20 -25.52 9.72 -11.15
C ALA A 20 -26.02 9.37 -12.56
N ARG A 21 -26.48 10.41 -13.25
CA ARG A 21 -27.06 10.25 -14.58
C ARG A 21 -26.00 10.16 -15.68
N PHE A 22 -24.73 10.34 -15.35
CA PHE A 22 -23.68 10.22 -16.35
C PHE A 22 -23.23 8.78 -16.58
N ALA A 23 -23.42 7.90 -15.59
CA ALA A 23 -23.01 6.52 -15.73
C ALA A 23 -23.85 5.81 -16.79
N ASP A 24 -23.29 4.75 -17.38
CA ASP A 24 -24.01 3.98 -18.38
C ASP A 24 -25.30 3.42 -17.81
N GLY A 25 -25.27 2.99 -16.56
CA GLY A 25 -26.47 2.56 -15.87
C GLY A 25 -26.39 2.92 -14.41
N SER A 26 -27.55 3.20 -13.82
CA SER A 26 -27.60 3.56 -12.41
C SER A 26 -28.96 3.18 -11.86
N ALA A 27 -29.00 2.88 -10.57
CA ALA A 27 -30.25 2.51 -9.92
C ALA A 27 -30.11 2.71 -8.42
N VAL A 28 -31.24 2.95 -7.77
CA VAL A 28 -31.31 3.08 -6.31
C VAL A 28 -32.30 2.03 -5.80
N VAL A 29 -31.85 1.22 -4.86
CA VAL A 29 -32.67 0.17 -4.25
C VAL A 29 -32.83 0.51 -2.79
N GLN A 30 -34.06 0.57 -2.31
CA GLN A 30 -34.35 0.96 -0.94
C GLN A 30 -35.26 -0.08 -0.30
N SER A 31 -34.90 -0.48 0.92
CA SER A 31 -35.75 -1.34 1.75
C SER A 31 -35.78 -0.73 3.14
N GLY A 32 -36.96 -0.34 3.59
CA GLY A 32 -37.05 0.39 4.85
C GLY A 32 -36.39 1.75 4.69
N ASP A 33 -35.43 2.04 5.58
CA ASP A 33 -34.68 3.28 5.52
C ASP A 33 -33.25 3.08 5.02
N THR A 34 -32.96 1.93 4.42
CA THR A 34 -31.65 1.65 3.85
C THR A 34 -31.71 1.83 2.34
N ALA A 35 -30.82 2.67 1.81
CA ALA A 35 -30.77 2.94 0.38
C ALA A 35 -29.37 2.67 -0.13
N VAL A 36 -29.29 2.02 -1.29
CA VAL A 36 -28.03 1.71 -1.96
C VAL A 36 -28.18 2.10 -3.43
N MET A 37 -27.21 2.86 -3.94
CA MET A 37 -27.19 3.24 -5.34
C MET A 37 -26.03 2.54 -6.03
N VAL A 38 -26.35 1.81 -7.10
CA VAL A 38 -25.36 1.02 -7.83
C VAL A 38 -25.25 1.57 -9.24
N THR A 39 -24.01 1.76 -9.71
CA THR A 39 -23.75 2.26 -11.04
C THR A 39 -22.95 1.23 -11.82
N ALA A 40 -23.15 1.23 -13.14
CA ALA A 40 -22.44 0.33 -14.04
C ALA A 40 -21.84 1.14 -15.17
N VAL A 41 -20.54 0.94 -15.41
CA VAL A 41 -19.81 1.64 -16.47
C VAL A 41 -19.08 0.59 -17.29
N SER A 42 -19.21 0.68 -18.62
CA SER A 42 -18.52 -0.23 -19.53
C SER A 42 -17.88 0.57 -20.64
N LYS A 43 -16.58 0.34 -20.87
CA LYS A 43 -15.86 1.05 -21.91
C LYS A 43 -16.32 0.58 -23.29
N THR A 44 -16.36 1.52 -24.23
CA THR A 44 -16.71 1.18 -25.62
C THR A 44 -15.54 0.51 -26.32
N LYS A 45 -14.31 0.98 -26.07
CA LYS A 45 -13.15 0.42 -26.74
C LYS A 45 -12.86 -0.99 -26.21
N PRO A 46 -12.45 -1.92 -27.08
CA PRO A 46 -12.11 -3.26 -26.60
C PRO A 46 -10.92 -3.22 -25.66
N SER A 47 -10.96 -4.07 -24.64
CA SER A 47 -9.91 -4.13 -23.64
C SER A 47 -8.68 -4.84 -24.20
N PRO A 48 -7.48 -4.36 -23.88
CA PRO A 48 -6.27 -5.09 -24.30
C PRO A 48 -6.17 -6.49 -23.71
N SER A 49 -6.71 -6.70 -22.51
CA SER A 49 -6.69 -8.02 -21.90
C SER A 49 -7.63 -8.96 -22.65
N GLN A 50 -7.21 -10.20 -22.80
CA GLN A 50 -7.96 -11.19 -23.59
C GLN A 50 -8.92 -11.98 -22.70
N PHE A 51 -9.78 -11.25 -22.01
CA PHE A 51 -10.86 -11.84 -21.23
C PHE A 51 -11.89 -10.75 -20.96
N MET A 52 -12.82 -11.05 -20.05
CA MET A 52 -13.83 -10.10 -19.61
C MET A 52 -13.36 -9.39 -18.35
N PRO A 53 -12.81 -8.18 -18.45
CA PRO A 53 -12.38 -7.47 -17.25
C PRO A 53 -13.57 -6.84 -16.53
N LEU A 54 -13.99 -7.45 -15.43
CA LEU A 54 -15.13 -6.98 -14.66
C LEU A 54 -14.75 -6.96 -13.19
N VAL A 55 -14.82 -5.77 -12.59
CA VAL A 55 -14.52 -5.59 -11.18
C VAL A 55 -15.75 -5.02 -10.50
N VAL A 56 -16.03 -5.52 -9.29
CA VAL A 56 -17.14 -5.06 -8.48
C VAL A 56 -16.57 -4.54 -7.18
N ASP A 57 -16.88 -3.29 -6.86
CA ASP A 57 -16.40 -2.64 -5.64
C ASP A 57 -17.60 -2.25 -4.80
N TYR A 58 -17.76 -2.89 -3.65
CA TYR A 58 -18.82 -2.59 -2.71
C TYR A 58 -18.21 -1.82 -1.53
N ARG A 59 -18.60 -0.57 -1.39
CA ARG A 59 -18.04 0.30 -0.35
C ARG A 59 -19.08 0.57 0.72
N GLN A 60 -18.66 0.49 1.98
CA GLN A 60 -19.50 0.84 3.10
C GLN A 60 -18.85 2.01 3.84
N LYS A 61 -19.68 2.73 4.61
CA LYS A 61 -19.24 3.93 5.29
C LYS A 61 -19.43 3.87 6.80
N ALA A 62 -19.80 2.72 7.35
CA ALA A 62 -20.22 2.70 8.75
C ALA A 62 -19.71 1.52 9.56
N ALA A 63 -18.86 0.65 9.02
CA ALA A 63 -18.36 -0.51 9.75
C ALA A 63 -19.52 -1.31 10.33
N ALA A 64 -19.64 -1.32 11.66
CA ALA A 64 -20.84 -1.84 12.29
C ALA A 64 -22.05 -1.06 11.79
N ALA A 65 -22.96 -1.75 11.09
CA ALA A 65 -23.92 -1.12 10.20
C ALA A 65 -24.60 0.10 10.82
N GLY A 66 -24.31 1.27 10.26
CA GLY A 66 -24.88 2.51 10.74
C GLY A 66 -24.24 3.07 12.00
N ARG A 67 -23.95 2.18 12.96
CA ARG A 67 -23.58 2.61 14.29
C ARG A 67 -22.28 3.39 14.29
N ILE A 68 -21.21 2.83 13.73
CA ILE A 68 -20.01 3.66 13.55
C ILE A 68 -20.29 4.69 12.47
N PRO A 69 -20.09 5.97 12.75
CA PRO A 69 -20.48 7.00 11.78
C PRO A 69 -19.76 6.87 10.46
N THR A 70 -18.43 6.94 10.50
CA THR A 70 -17.62 6.87 9.30
C THR A 70 -16.43 5.97 9.56
N ASN A 71 -16.07 5.18 8.56
CA ASN A 71 -14.73 4.61 8.50
C ASN A 71 -13.91 5.27 7.40
N TYR A 72 -14.57 5.81 6.38
CA TYR A 72 -13.86 6.42 5.26
C TYR A 72 -13.31 7.80 5.60
N LEU A 73 -14.04 8.59 6.38
CA LEU A 73 -13.54 9.91 6.74
C LEU A 73 -12.31 9.81 7.65
N ARG A 74 -12.32 8.88 8.58
CA ARG A 74 -11.27 8.80 9.57
C ARG A 74 -10.18 7.79 9.22
N ARG A 75 -10.52 6.72 8.50
CA ARG A 75 -9.58 5.62 8.24
C ARG A 75 -9.63 5.24 6.76
N GLU A 76 -8.69 5.75 5.97
CA GLU A 76 -8.55 5.35 4.58
C GLU A 76 -7.71 4.09 4.42
N ILE A 77 -7.46 3.35 5.52
CA ILE A 77 -6.43 2.31 5.55
C ILE A 77 -6.72 1.17 4.59
N GLY A 78 -7.97 0.94 4.21
CA GLY A 78 -8.26 -0.11 3.26
C GLY A 78 -9.67 -0.63 3.41
N THR A 79 -9.96 -1.66 2.63
CA THR A 79 -11.29 -2.27 2.56
C THR A 79 -11.34 -3.50 3.45
N SER A 80 -12.37 -3.57 4.29
CA SER A 80 -12.55 -4.68 5.19
C SER A 80 -12.84 -5.98 4.42
N ASP A 81 -12.96 -7.08 5.15
CA ASP A 81 -13.25 -8.35 4.51
C ASP A 81 -14.74 -8.49 4.21
N LYS A 82 -15.60 -7.75 4.93
CA LYS A 82 -17.01 -7.75 4.60
C LYS A 82 -17.25 -7.09 3.25
N GLU A 83 -16.54 -6.00 2.96
CA GLU A 83 -16.67 -5.36 1.67
C GLU A 83 -16.16 -6.25 0.55
N ILE A 84 -15.05 -6.95 0.77
CA ILE A 84 -14.52 -7.86 -0.25
C ILE A 84 -15.47 -9.02 -0.49
N LEU A 85 -16.00 -9.62 0.58
CA LEU A 85 -16.89 -10.76 0.42
C LEU A 85 -18.17 -10.37 -0.31
N THR A 86 -18.73 -9.20 0.02
CA THR A 86 -19.93 -8.74 -0.66
C THR A 86 -19.65 -8.47 -2.14
N SER A 87 -18.47 -7.93 -2.44
CA SER A 87 -18.10 -7.71 -3.84
C SER A 87 -18.02 -9.03 -4.60
N ARG A 88 -17.49 -10.07 -3.95
CA ARG A 88 -17.40 -11.38 -4.59
C ARG A 88 -18.79 -11.96 -4.84
N ILE A 89 -19.70 -11.80 -3.88
CA ILE A 89 -21.05 -12.33 -4.05
C ILE A 89 -21.77 -11.63 -5.19
N ILE A 90 -21.65 -10.30 -5.27
CA ILE A 90 -22.25 -9.56 -6.37
C ILE A 90 -21.60 -9.96 -7.69
N ASP A 91 -20.28 -10.12 -7.70
CA ASP A 91 -19.58 -10.52 -8.93
C ASP A 91 -20.05 -11.89 -9.42
N ARG A 92 -20.29 -12.82 -8.49
CA ARG A 92 -20.76 -14.15 -8.88
C ARG A 92 -22.17 -14.10 -9.46
N SER A 93 -22.99 -13.14 -9.01
CA SER A 93 -24.37 -13.09 -9.46
C SER A 93 -24.53 -12.52 -10.85
N ILE A 94 -23.61 -11.66 -11.28
CA ILE A 94 -23.78 -10.94 -12.54
C ILE A 94 -22.84 -11.42 -13.64
N ARG A 95 -21.70 -12.01 -13.30
CA ARG A 95 -20.74 -12.43 -14.32
C ARG A 95 -21.30 -13.46 -15.31
N PRO A 96 -22.01 -14.52 -14.90
CA PRO A 96 -22.46 -15.52 -15.88
C PRO A 96 -23.41 -14.97 -16.93
N LEU A 97 -24.12 -13.87 -16.65
CA LEU A 97 -25.10 -13.35 -17.58
C LEU A 97 -24.48 -12.47 -18.66
N PHE A 98 -23.22 -12.10 -18.56
CA PHE A 98 -22.58 -11.34 -19.61
C PHE A 98 -22.40 -12.22 -20.85
N PRO A 99 -22.57 -11.68 -22.04
CA PRO A 99 -22.39 -12.48 -23.25
C PRO A 99 -20.94 -12.89 -23.43
N ALA A 100 -20.76 -14.00 -24.15
CA ALA A 100 -19.42 -14.48 -24.44
C ALA A 100 -18.68 -13.53 -25.37
N GLY A 101 -17.40 -13.32 -25.09
CA GLY A 101 -16.59 -12.45 -25.92
C GLY A 101 -16.73 -10.97 -25.65
N TYR A 102 -17.32 -10.60 -24.51
CA TYR A 102 -17.50 -9.19 -24.16
C TYR A 102 -16.22 -8.66 -23.53
N PHE A 103 -15.20 -8.48 -24.38
CA PHE A 103 -13.88 -8.07 -23.93
C PHE A 103 -13.84 -6.54 -23.81
N TYR A 104 -14.52 -6.05 -22.77
CA TYR A 104 -14.61 -4.62 -22.51
C TYR A 104 -14.53 -4.38 -21.01
N ASP A 105 -13.76 -3.37 -20.61
CA ASP A 105 -13.61 -3.06 -19.20
C ASP A 105 -14.94 -2.62 -18.61
N THR A 106 -15.33 -3.24 -17.51
CA THR A 106 -16.60 -2.97 -16.87
C THR A 106 -16.40 -2.88 -15.36
N GLN A 107 -16.95 -1.85 -14.75
CA GLN A 107 -16.88 -1.67 -13.30
C GLN A 107 -18.28 -1.45 -12.76
N VAL A 108 -18.60 -2.17 -11.68
CA VAL A 108 -19.86 -2.01 -10.97
C VAL A 108 -19.54 -1.51 -9.58
N LEU A 109 -20.06 -0.35 -9.22
CA LEU A 109 -19.79 0.29 -7.95
C LEU A 109 -21.07 0.44 -7.14
N CYS A 110 -20.99 0.14 -5.86
CA CYS A 110 -22.12 0.25 -4.95
C CYS A 110 -21.81 1.29 -3.89
N ASN A 111 -22.64 2.31 -3.78
CA ASN A 111 -22.49 3.39 -2.82
C ASN A 111 -23.66 3.32 -1.86
N LEU A 112 -23.36 3.18 -0.57
CA LEU A 112 -24.39 3.04 0.46
C LEU A 112 -24.85 4.43 0.87
N LEU A 113 -25.95 4.89 0.26
CA LEU A 113 -26.46 6.21 0.56
C LEU A 113 -26.89 6.33 2.02
N ALA A 114 -27.57 5.32 2.54
CA ALA A 114 -28.02 5.35 3.92
C ALA A 114 -28.25 3.93 4.40
N VAL A 115 -28.05 3.72 5.70
CA VAL A 115 -28.29 2.43 6.34
C VAL A 115 -28.99 2.69 7.68
N ASP A 116 -30.05 1.94 7.95
CA ASP A 116 -30.84 2.12 9.17
C ASP A 116 -30.42 1.17 10.29
N GLY A 117 -29.45 0.30 10.06
CA GLY A 117 -29.08 -0.66 11.08
C GLY A 117 -30.06 -1.78 11.28
N VAL A 118 -31.04 -1.92 10.38
CA VAL A 118 -32.06 -2.97 10.46
C VAL A 118 -32.07 -3.82 9.20
N ASN A 119 -32.16 -3.19 8.04
CA ASN A 119 -32.19 -3.89 6.75
C ASN A 119 -30.78 -3.94 6.19
N GLU A 120 -30.28 -5.14 5.96
CA GLU A 120 -28.90 -5.30 5.48
C GLU A 120 -28.78 -4.79 4.05
N PRO A 121 -27.76 -3.99 3.74
CA PRO A 121 -27.63 -3.45 2.39
C PRO A 121 -26.94 -4.37 1.40
N ASP A 122 -26.36 -5.49 1.85
CA ASP A 122 -25.66 -6.37 0.92
C ASP A 122 -26.61 -7.01 -0.09
N VAL A 123 -27.81 -7.41 0.36
CA VAL A 123 -28.77 -8.02 -0.54
C VAL A 123 -29.28 -6.99 -1.55
N LEU A 124 -29.58 -5.77 -1.08
CA LEU A 124 -30.04 -4.73 -1.99
C LEU A 124 -28.96 -4.34 -3.00
N ALA A 125 -27.69 -4.54 -2.66
CA ALA A 125 -26.62 -4.23 -3.58
C ALA A 125 -26.61 -5.17 -4.77
N ILE A 126 -26.93 -6.45 -4.55
CA ILE A 126 -27.00 -7.41 -5.65
C ILE A 126 -28.13 -7.04 -6.60
N ASN A 127 -29.30 -6.70 -6.06
CA ASN A 127 -30.41 -6.28 -6.90
C ASN A 127 -30.09 -4.98 -7.62
N GLY A 128 -29.42 -4.05 -6.95
CA GLY A 128 -29.04 -2.81 -7.60
C GLY A 128 -28.13 -3.02 -8.79
N ALA A 129 -27.20 -3.98 -8.68
CA ALA A 129 -26.33 -4.28 -9.82
C ALA A 129 -27.14 -4.81 -10.99
N SER A 130 -28.15 -5.64 -10.72
CA SER A 130 -28.99 -6.16 -11.79
C SER A 130 -29.82 -5.06 -12.43
N VAL A 131 -30.40 -4.17 -11.63
CA VAL A 131 -31.24 -3.11 -12.17
C VAL A 131 -30.39 -2.11 -12.95
N ALA A 132 -29.23 -1.75 -12.41
CA ALA A 132 -28.36 -0.81 -13.10
C ALA A 132 -27.89 -1.36 -14.44
N LEU A 133 -27.58 -2.66 -14.48
CA LEU A 133 -27.19 -3.28 -15.75
C LEU A 133 -28.37 -3.45 -16.68
N SER A 134 -29.58 -3.65 -16.14
CA SER A 134 -30.75 -3.84 -16.98
C SER A 134 -31.15 -2.56 -17.68
N LEU A 135 -31.09 -1.43 -16.97
CA LEU A 135 -31.46 -0.14 -17.55
C LEU A 135 -30.35 0.46 -18.40
N SER A 136 -29.14 -0.08 -18.34
CA SER A 136 -28.02 0.46 -19.09
C SER A 136 -28.04 -0.07 -20.52
N ASP A 137 -27.11 0.43 -21.34
CA ASP A 137 -26.92 -0.08 -22.68
C ASP A 137 -25.87 -1.17 -22.75
N ILE A 138 -25.33 -1.59 -21.62
CA ILE A 138 -24.35 -2.69 -21.60
C ILE A 138 -25.05 -3.99 -21.97
N PRO A 139 -24.54 -4.76 -22.93
CA PRO A 139 -25.17 -6.05 -23.27
C PRO A 139 -25.13 -6.99 -22.07
N TRP A 140 -26.32 -7.35 -21.59
CA TRP A 140 -26.46 -8.19 -20.41
C TRP A 140 -27.77 -8.95 -20.53
N ASN A 141 -27.77 -10.18 -20.03
CA ASN A 141 -28.94 -11.03 -20.13
C ASN A 141 -29.99 -10.61 -19.10
N GLY A 142 -31.04 -11.42 -18.95
CA GLY A 142 -32.18 -11.08 -18.14
C GLY A 142 -31.83 -10.67 -16.73
N PRO A 143 -32.74 -9.96 -16.07
CA PRO A 143 -32.45 -9.46 -14.72
C PRO A 143 -32.31 -10.58 -13.71
N VAL A 144 -31.58 -10.29 -12.64
CA VAL A 144 -31.31 -11.24 -11.58
C VAL A 144 -31.93 -10.71 -10.29
N GLY A 145 -32.70 -11.56 -9.62
CA GLY A 145 -33.26 -11.23 -8.32
C GLY A 145 -32.48 -11.96 -7.23
N ALA A 146 -32.24 -11.27 -6.12
CA ALA A 146 -31.47 -11.82 -5.02
C ALA A 146 -32.22 -11.60 -3.71
N VAL A 147 -32.35 -12.67 -2.93
CA VAL A 147 -32.94 -12.60 -1.60
C VAL A 147 -32.06 -13.39 -0.64
N ARG A 148 -32.24 -13.13 0.65
CA ARG A 148 -31.58 -13.90 1.70
C ARG A 148 -32.65 -14.65 2.49
N ILE A 149 -32.49 -15.97 2.60
CA ILE A 149 -33.43 -16.81 3.32
C ILE A 149 -32.81 -17.20 4.66
N GLY A 150 -33.56 -17.02 5.73
CA GLY A 150 -33.14 -17.48 7.04
C GLY A 150 -34.22 -18.35 7.66
N ILE A 151 -33.83 -19.07 8.70
CA ILE A 151 -34.74 -19.93 9.44
C ILE A 151 -34.74 -19.45 10.89
N ILE A 152 -35.88 -18.96 11.35
CA ILE A 152 -36.05 -18.48 12.72
C ILE A 152 -37.21 -19.25 13.33
N ASP A 153 -36.90 -20.04 14.36
CA ASP A 153 -37.89 -20.87 15.04
C ASP A 153 -38.62 -21.79 14.06
N GLY A 154 -37.88 -22.33 13.10
CA GLY A 154 -38.42 -23.28 12.15
C GLY A 154 -39.16 -22.67 10.98
N GLU A 155 -39.25 -21.34 10.90
CA GLU A 155 -39.98 -20.66 9.84
C GLU A 155 -38.99 -19.93 8.92
N TYR A 156 -39.28 -19.94 7.63
CA TYR A 156 -38.42 -19.32 6.63
C TYR A 156 -38.77 -17.85 6.49
N VAL A 157 -37.76 -16.99 6.57
CA VAL A 157 -37.93 -15.54 6.53
C VAL A 157 -37.17 -15.01 5.32
N VAL A 158 -37.82 -14.18 4.51
CA VAL A 158 -37.20 -13.58 3.34
C VAL A 158 -36.64 -12.22 3.74
N ASN A 159 -35.37 -12.00 3.40
CA ASN A 159 -34.64 -10.79 3.76
C ASN A 159 -34.77 -10.47 5.25
N PRO A 160 -34.26 -11.33 6.13
CA PRO A 160 -34.39 -11.06 7.56
C PRO A 160 -33.59 -9.84 7.98
N THR A 161 -34.09 -9.15 9.00
CA THR A 161 -33.41 -7.99 9.53
C THR A 161 -32.15 -8.42 10.28
N ARG A 162 -31.43 -7.43 10.80
CA ARG A 162 -30.22 -7.73 11.56
C ARG A 162 -30.53 -8.48 12.85
N LYS A 163 -31.63 -8.12 13.51
CA LYS A 163 -32.01 -8.79 14.75
C LYS A 163 -32.37 -10.25 14.49
N GLU A 164 -33.09 -10.52 13.40
CA GLU A 164 -33.46 -11.90 13.09
C GLU A 164 -32.27 -12.69 12.54
N MET A 165 -31.35 -12.01 11.85
CA MET A 165 -30.19 -12.69 11.28
C MET A 165 -29.30 -13.28 12.37
N SER A 166 -29.29 -12.67 13.56
CA SER A 166 -28.48 -13.19 14.64
C SER A 166 -29.09 -14.44 15.26
N SER A 167 -30.42 -14.56 15.22
CA SER A 167 -31.11 -15.72 15.76
C SER A 167 -31.39 -16.79 14.72
N SER A 168 -30.90 -16.62 13.50
CA SER A 168 -31.19 -17.55 12.42
C SER A 168 -30.16 -18.69 12.40
N THR A 169 -30.65 -19.90 12.14
CA THR A 169 -29.77 -21.05 11.98
C THR A 169 -29.31 -21.24 10.54
N LEU A 170 -29.74 -20.38 9.62
CA LEU A 170 -29.36 -20.48 8.22
C LEU A 170 -29.17 -19.08 7.66
N ASN A 171 -28.11 -18.90 6.89
CA ASN A 171 -27.78 -17.62 6.25
C ASN A 171 -27.53 -17.94 4.78
N LEU A 172 -28.59 -17.98 3.98
CA LEU A 172 -28.52 -18.40 2.59
C LEU A 172 -28.88 -17.22 1.69
N VAL A 173 -28.07 -17.01 0.64
CA VAL A 173 -28.32 -15.98 -0.36
C VAL A 173 -28.49 -16.67 -1.71
N VAL A 174 -29.61 -16.38 -2.37
CA VAL A 174 -29.94 -16.99 -3.65
C VAL A 174 -30.08 -15.88 -4.69
N ALA A 175 -29.40 -16.04 -5.82
CA ALA A 175 -29.57 -15.16 -6.97
C ALA A 175 -30.15 -15.98 -8.12
N GLY A 176 -31.30 -15.54 -8.62
CA GLY A 176 -32.06 -16.30 -9.60
C GLY A 176 -32.20 -15.55 -10.91
N ALA A 177 -32.18 -16.29 -11.99
CA ALA A 177 -32.39 -15.79 -13.35
C ALA A 177 -33.84 -16.01 -13.76
N PRO A 178 -34.26 -15.49 -14.91
CA PRO A 178 -35.60 -15.80 -15.41
C PRO A 178 -35.79 -17.30 -15.61
N LYS A 179 -37.05 -17.73 -15.53
CA LYS A 179 -37.45 -19.14 -15.64
C LYS A 179 -36.92 -19.98 -14.48
N SER A 180 -36.84 -19.38 -13.30
CA SER A 180 -36.48 -20.07 -12.06
C SER A 180 -35.11 -20.74 -12.14
N GLN A 181 -34.18 -20.13 -12.88
CA GLN A 181 -32.81 -20.61 -12.89
C GLN A 181 -32.05 -20.10 -11.66
N ILE A 182 -30.93 -20.73 -11.39
CA ILE A 182 -30.07 -20.36 -10.26
C ILE A 182 -28.71 -19.98 -10.80
N VAL A 183 -28.22 -18.79 -10.44
CA VAL A 183 -26.92 -18.32 -10.88
C VAL A 183 -25.93 -18.17 -9.74
N MET A 184 -26.39 -18.10 -8.49
CA MET A 184 -25.48 -17.95 -7.36
C MET A 184 -26.11 -18.54 -6.12
N LEU A 185 -25.33 -19.30 -5.35
CA LEU A 185 -25.76 -19.82 -4.07
C LEU A 185 -24.62 -19.63 -3.08
N GLU A 186 -24.94 -19.08 -1.91
CA GLU A 186 -23.93 -18.81 -0.90
C GLU A 186 -24.62 -18.93 0.46
N ALA A 187 -24.29 -19.98 1.21
CA ALA A 187 -24.98 -20.26 2.45
C ALA A 187 -24.00 -20.63 3.55
N SER A 188 -24.41 -20.36 4.79
CA SER A 188 -23.74 -20.86 5.98
C SER A 188 -24.81 -21.25 6.98
N ALA A 189 -24.79 -22.49 7.42
CA ALA A 189 -25.83 -23.03 8.27
C ALA A 189 -25.23 -23.60 9.55
N GLU A 190 -26.06 -23.67 10.58
CA GLU A 190 -25.65 -24.22 11.88
C GLU A 190 -25.96 -25.71 11.95
N ASN A 191 -25.39 -26.44 11.00
CA ASN A 191 -25.54 -27.89 10.93
C ASN A 191 -27.00 -28.31 10.80
N ILE A 192 -27.67 -27.73 9.82
CA ILE A 192 -29.09 -28.02 9.59
C ILE A 192 -29.20 -29.22 8.65
N LEU A 193 -30.38 -29.82 8.65
CA LEU A 193 -30.62 -31.02 7.85
C LEU A 193 -30.66 -30.67 6.37
N GLN A 194 -30.44 -31.70 5.55
CA GLN A 194 -30.47 -31.50 4.10
C GLN A 194 -31.87 -31.16 3.61
N GLN A 195 -32.90 -31.73 4.23
CA GLN A 195 -34.27 -31.44 3.82
C GLN A 195 -34.63 -29.99 4.10
N ASP A 196 -34.24 -29.46 5.27
CA ASP A 196 -34.48 -28.06 5.55
C ASP A 196 -33.71 -27.15 4.61
N PHE A 197 -32.46 -27.52 4.30
CA PHE A 197 -31.63 -26.72 3.41
C PHE A 197 -32.21 -26.66 2.01
N CYS A 198 -32.69 -27.79 1.50
CA CYS A 198 -33.23 -27.84 0.14
C CYS A 198 -34.51 -27.04 0.02
N HIS A 199 -35.35 -27.07 1.06
CA HIS A 199 -36.60 -26.32 1.02
C HIS A 199 -36.34 -24.82 0.94
N ALA A 200 -35.33 -24.34 1.68
CA ALA A 200 -35.01 -22.91 1.66
C ALA A 200 -34.58 -22.44 0.28
N ILE A 201 -33.91 -23.31 -0.49
CA ILE A 201 -33.50 -22.92 -1.83
C ILE A 201 -34.71 -22.77 -2.75
N LYS A 202 -35.68 -23.68 -2.64
CA LYS A 202 -36.88 -23.57 -3.45
C LYS A 202 -37.68 -22.33 -3.09
N VAL A 203 -37.79 -22.02 -1.80
CA VAL A 203 -38.49 -20.82 -1.36
C VAL A 203 -37.77 -19.58 -1.89
N GLY A 204 -36.44 -19.56 -1.82
CA GLY A 204 -35.70 -18.40 -2.27
C GLY A 204 -35.86 -18.12 -3.74
N VAL A 205 -35.84 -19.17 -4.57
CA VAL A 205 -35.97 -18.99 -6.01
C VAL A 205 -37.34 -18.43 -6.36
N LYS A 206 -38.37 -18.85 -5.61
CA LYS A 206 -39.71 -18.31 -5.84
C LYS A 206 -39.75 -16.81 -5.58
N TYR A 207 -39.07 -16.35 -4.53
CA TYR A 207 -39.08 -14.93 -4.20
C TYR A 207 -38.30 -14.12 -5.23
N THR A 208 -37.21 -14.66 -5.75
CA THR A 208 -36.41 -13.93 -6.73
C THR A 208 -37.17 -13.74 -8.05
N GLN A 209 -38.16 -14.60 -8.34
CA GLN A 209 -38.94 -14.42 -9.55
C GLN A 209 -39.83 -13.17 -9.46
N GLN A 210 -40.32 -12.86 -8.26
CA GLN A 210 -41.11 -11.64 -8.09
C GLN A 210 -40.26 -10.40 -8.33
N ILE A 211 -39.00 -10.43 -7.87
CA ILE A 211 -38.10 -9.30 -8.11
C ILE A 211 -37.83 -9.14 -9.60
N ILE A 212 -37.63 -10.25 -10.31
CA ILE A 212 -37.37 -10.20 -11.74
C ILE A 212 -38.56 -9.60 -12.48
N GLN A 213 -39.78 -9.96 -12.07
CA GLN A 213 -40.96 -9.38 -12.68
C GLN A 213 -41.04 -7.88 -12.46
N GLY A 214 -40.69 -7.44 -11.25
CA GLY A 214 -40.67 -6.01 -10.97
C GLY A 214 -39.62 -5.26 -11.78
N ILE A 215 -38.42 -5.84 -11.89
CA ILE A 215 -37.36 -5.20 -12.66
C ILE A 215 -37.74 -5.10 -14.13
N GLN A 216 -38.32 -6.17 -14.69
CA GLN A 216 -38.74 -6.15 -16.07
C GLN A 216 -39.82 -5.10 -16.31
N GLN A 217 -40.65 -4.83 -15.31
CA GLN A 217 -41.63 -3.76 -15.43
C GLN A 217 -40.95 -2.41 -15.51
N LEU A 218 -39.94 -2.18 -14.68
CA LEU A 218 -39.19 -0.92 -14.72
C LEU A 218 -38.45 -0.76 -16.05
N VAL A 219 -37.92 -1.87 -16.58
CA VAL A 219 -37.28 -1.83 -17.89
C VAL A 219 -38.28 -1.51 -18.98
N LYS A 220 -39.54 -1.94 -18.81
CA LYS A 220 -40.57 -1.63 -19.79
C LYS A 220 -40.93 -0.15 -19.76
N GLU A 221 -41.02 0.45 -18.58
CA GLU A 221 -41.44 1.83 -18.46
C GLU A 221 -40.45 2.78 -19.13
N THR A 222 -39.16 2.56 -18.91
CA THR A 222 -38.12 3.41 -19.47
C THR A 222 -37.50 2.72 -20.68
N GLY A 223 -37.46 3.42 -21.80
CA GLY A 223 -36.90 2.84 -23.02
C GLY A 223 -35.44 2.47 -22.86
N VAL A 224 -35.13 1.18 -23.03
CA VAL A 224 -33.78 0.67 -22.89
C VAL A 224 -33.33 0.14 -24.25
N THR A 225 -32.27 0.71 -24.79
CA THR A 225 -31.71 0.28 -26.07
C THR A 225 -30.26 -0.14 -25.82
N LYS A 226 -30.00 -1.45 -25.93
CA LYS A 226 -28.66 -1.95 -25.72
C LYS A 226 -27.72 -1.48 -26.83
N ARG A 227 -26.48 -1.20 -26.46
CA ARG A 227 -25.47 -0.81 -27.43
C ARG A 227 -25.10 -2.00 -28.30
N THR A 228 -24.47 -1.69 -29.43
CA THR A 228 -23.89 -2.72 -30.28
C THR A 228 -22.37 -2.67 -30.14
N PRO A 229 -21.75 -3.65 -29.49
CA PRO A 229 -20.29 -3.63 -29.35
C PRO A 229 -19.62 -3.72 -30.70
N GLN A 230 -18.39 -3.21 -30.76
CA GLN A 230 -17.62 -3.23 -32.01
C GLN A 230 -17.53 -4.64 -32.57
N LYS A 231 -17.19 -5.61 -31.71
CA LYS A 231 -17.21 -7.01 -32.08
C LYS A 231 -17.18 -7.84 -30.82
N LEU A 232 -17.91 -8.95 -30.82
CA LEU A 232 -17.85 -9.91 -29.73
C LEU A 232 -16.74 -10.91 -30.02
N PHE A 233 -15.82 -11.06 -29.07
CA PHE A 233 -14.58 -11.79 -29.29
C PHE A 233 -14.83 -13.29 -29.05
N THR A 234 -15.40 -13.94 -30.06
CA THR A 234 -15.60 -15.37 -30.06
C THR A 234 -14.97 -15.95 -31.32
N PRO A 235 -14.35 -17.12 -31.23
CA PRO A 235 -13.74 -17.72 -32.42
C PRO A 235 -14.81 -18.05 -33.46
N SER A 236 -14.45 -17.86 -34.72
CA SER A 236 -15.40 -18.12 -35.80
C SER A 236 -15.73 -19.62 -35.87
N PRO A 237 -16.97 -19.97 -36.18
CA PRO A 237 -17.31 -21.39 -36.34
C PRO A 237 -16.51 -22.08 -37.44
N GLU A 238 -16.06 -21.35 -38.45
CA GLU A 238 -15.21 -21.94 -39.47
C GLU A 238 -13.86 -22.34 -38.90
N ILE A 239 -13.26 -21.49 -38.05
CA ILE A 239 -11.99 -21.81 -37.44
C ILE A 239 -12.14 -22.94 -36.42
N VAL A 240 -13.22 -22.89 -35.64
CA VAL A 240 -13.45 -23.92 -34.63
C VAL A 240 -13.64 -25.27 -35.28
N LYS A 241 -14.37 -25.31 -36.40
CA LYS A 241 -14.60 -26.57 -37.10
C LYS A 241 -13.29 -27.17 -37.60
N TYR A 242 -12.40 -26.34 -38.15
CA TYR A 242 -11.13 -26.84 -38.65
C TYR A 242 -10.25 -27.34 -37.51
N THR A 243 -10.25 -26.65 -36.38
CA THR A 243 -9.47 -27.10 -35.23
C THR A 243 -9.97 -28.47 -34.74
N HIS A 244 -11.28 -28.69 -34.80
CA HIS A 244 -11.82 -29.99 -34.42
C HIS A 244 -11.30 -31.09 -35.33
N LYS A 245 -11.23 -30.82 -36.63
CA LYS A 245 -10.72 -31.82 -37.56
C LYS A 245 -9.26 -32.12 -37.30
N LEU A 246 -8.48 -31.11 -36.92
CA LEU A 246 -7.03 -31.29 -36.79
C LEU A 246 -6.68 -32.06 -35.52
N ALA A 247 -7.33 -31.76 -34.39
CA ALA A 247 -6.82 -32.20 -33.10
C ALA A 247 -7.86 -32.93 -32.25
N MET A 248 -8.91 -33.47 -32.86
CA MET A 248 -9.89 -34.23 -32.06
C MET A 248 -9.29 -35.54 -31.57
N GLU A 249 -8.65 -36.28 -32.46
CA GLU A 249 -8.15 -37.62 -32.11
C GLU A 249 -7.04 -37.53 -31.09
N ARG A 250 -6.08 -36.61 -31.28
CA ARG A 250 -4.96 -36.49 -30.35
C ARG A 250 -5.44 -36.05 -28.97
N LEU A 251 -6.39 -35.10 -28.93
CA LEU A 251 -6.95 -34.68 -27.65
C LEU A 251 -7.75 -35.79 -27.01
N TYR A 252 -8.46 -36.58 -27.82
CA TYR A 252 -9.23 -37.70 -27.27
C TYR A 252 -8.31 -38.73 -26.63
N ALA A 253 -7.18 -39.02 -27.25
CA ALA A 253 -6.24 -39.99 -26.69
C ALA A 253 -5.67 -39.49 -25.36
N VAL A 254 -5.38 -38.19 -25.27
CA VAL A 254 -4.83 -37.64 -24.03
C VAL A 254 -5.82 -37.79 -22.89
N PHE A 255 -7.10 -37.49 -23.15
CA PHE A 255 -8.10 -37.53 -22.10
C PHE A 255 -8.58 -38.95 -21.79
N THR A 256 -8.30 -39.92 -22.66
CA THR A 256 -8.59 -41.31 -22.37
C THR A 256 -7.40 -42.04 -21.76
N ASP A 257 -6.25 -41.36 -21.64
CA ASP A 257 -5.06 -41.93 -21.00
C ASP A 257 -5.18 -41.72 -19.50
N TYR A 258 -5.44 -42.78 -18.77
CA TYR A 258 -5.68 -42.69 -17.34
C TYR A 258 -4.40 -42.68 -16.52
N GLU A 259 -3.24 -42.82 -17.15
CA GLU A 259 -1.97 -42.78 -16.44
C GLU A 259 -1.47 -41.36 -16.20
N HIS A 260 -2.12 -40.36 -16.81
CA HIS A 260 -1.65 -38.99 -16.71
C HIS A 260 -1.84 -38.44 -15.30
N ASP A 261 -0.89 -37.62 -14.86
CA ASP A 261 -1.06 -36.76 -13.70
C ASP A 261 -1.35 -35.35 -14.18
N LYS A 262 -1.40 -34.40 -13.26
CA LYS A 262 -1.76 -33.03 -13.63
C LYS A 262 -0.73 -32.43 -14.59
N VAL A 263 0.56 -32.55 -14.26
CA VAL A 263 1.57 -31.87 -15.06
C VAL A 263 1.76 -32.55 -16.41
N SER A 264 1.61 -33.88 -16.48
CA SER A 264 1.79 -34.57 -17.75
C SER A 264 0.58 -34.39 -18.66
N ARG A 265 -0.62 -34.32 -18.09
CA ARG A 265 -1.80 -34.06 -18.89
C ARG A 265 -1.74 -32.68 -19.53
N ASP A 266 -1.32 -31.67 -18.76
CA ASP A 266 -1.20 -30.32 -19.31
C ASP A 266 -0.10 -30.25 -20.36
N GLU A 267 1.02 -30.94 -20.13
CA GLU A 267 2.09 -30.96 -21.11
C GLU A 267 1.66 -31.63 -22.40
N ALA A 268 0.92 -32.73 -22.30
CA ALA A 268 0.44 -33.41 -23.50
C ALA A 268 -0.53 -32.54 -24.29
N VAL A 269 -1.42 -31.84 -23.58
CA VAL A 269 -2.35 -30.93 -24.25
C VAL A 269 -1.58 -29.77 -24.89
N ASN A 270 -0.58 -29.24 -24.18
CA ASN A 270 0.20 -28.13 -24.71
C ASN A 270 0.96 -28.53 -25.97
N LYS A 271 1.46 -29.76 -26.02
CA LYS A 271 2.16 -30.23 -27.21
C LYS A 271 1.22 -30.28 -28.41
N ILE A 272 -0.03 -30.72 -28.20
CA ILE A 272 -1.02 -30.68 -29.27
C ILE A 272 -1.32 -29.24 -29.65
N ARG A 273 -1.42 -28.35 -28.65
CA ARG A 273 -1.72 -26.95 -28.93
C ARG A 273 -0.62 -26.32 -29.79
N LEU A 274 0.64 -26.61 -29.47
CA LEU A 274 1.75 -26.02 -30.23
C LEU A 274 1.71 -26.45 -31.68
N ASP A 275 1.45 -27.73 -31.95
CA ASP A 275 1.40 -28.22 -33.32
C ASP A 275 0.18 -27.68 -34.05
N THR A 276 -0.99 -27.70 -33.40
CA THR A 276 -2.22 -27.29 -34.08
C THR A 276 -2.21 -25.80 -34.40
N GLU A 277 -1.72 -24.98 -33.48
CA GLU A 277 -1.72 -23.53 -33.72
C GLU A 277 -0.78 -23.15 -34.86
N GLU A 278 0.29 -23.92 -35.07
CA GLU A 278 1.21 -23.61 -36.16
C GLU A 278 0.54 -23.78 -37.52
N GLN A 279 -0.21 -24.87 -37.71
CA GLN A 279 -0.92 -25.07 -38.96
C GLN A 279 -2.24 -24.32 -39.02
N LEU A 280 -2.74 -23.81 -37.89
CA LEU A 280 -3.93 -22.98 -37.91
C LEU A 280 -3.63 -21.60 -38.47
N LYS A 281 -2.45 -21.06 -38.16
CA LYS A 281 -2.06 -19.77 -38.72
C LYS A 281 -1.87 -19.86 -40.23
N GLU A 282 -1.32 -20.97 -40.71
CA GLU A 282 -1.14 -21.14 -42.15
C GLU A 282 -2.48 -21.16 -42.88
N LYS A 283 -3.47 -21.86 -42.31
CA LYS A 283 -4.78 -21.93 -42.95
C LYS A 283 -5.51 -20.59 -42.91
N PHE A 284 -5.31 -19.81 -41.85
CA PHE A 284 -5.95 -18.51 -41.67
C PHE A 284 -4.88 -17.47 -41.39
N PRO A 285 -4.16 -17.03 -42.42
CA PRO A 285 -3.09 -16.04 -42.19
C PRO A 285 -3.58 -14.72 -41.66
N GLU A 286 -4.83 -14.34 -41.95
CA GLU A 286 -5.36 -13.04 -41.53
C GLU A 286 -6.11 -13.12 -40.20
N ALA A 287 -6.20 -14.29 -39.59
CA ALA A 287 -6.97 -14.44 -38.37
C ALA A 287 -6.29 -13.73 -37.20
N ASP A 288 -7.10 -13.31 -36.23
CA ASP A 288 -6.59 -12.70 -35.02
C ASP A 288 -5.71 -13.70 -34.29
N PRO A 289 -4.50 -13.32 -33.85
CA PRO A 289 -3.67 -14.26 -33.09
C PRO A 289 -4.37 -14.83 -31.86
N TYR A 290 -5.18 -14.04 -31.15
CA TYR A 290 -5.92 -14.58 -30.03
C TYR A 290 -7.04 -15.51 -30.49
N GLU A 291 -7.62 -15.26 -31.66
CA GLU A 291 -8.67 -16.12 -32.17
C GLU A 291 -8.18 -17.54 -32.37
N ILE A 292 -6.90 -17.71 -32.74
CA ILE A 292 -6.34 -19.05 -32.85
C ILE A 292 -6.27 -19.71 -31.47
N ILE A 293 -5.86 -18.97 -30.45
CA ILE A 293 -5.74 -19.53 -29.11
C ILE A 293 -7.11 -19.96 -28.58
N GLU A 294 -8.11 -19.08 -28.74
CA GLU A 294 -9.43 -19.38 -28.20
C GLU A 294 -10.12 -20.50 -28.97
N SER A 295 -9.85 -20.62 -30.27
CA SER A 295 -10.46 -21.70 -31.04
C SER A 295 -9.98 -23.06 -30.55
N PHE A 296 -8.69 -23.18 -30.23
CA PHE A 296 -8.19 -24.44 -29.69
C PHE A 296 -8.78 -24.74 -28.32
N ASN A 297 -8.92 -23.71 -27.48
CA ASN A 297 -9.50 -23.92 -26.15
C ASN A 297 -10.95 -24.34 -26.24
N VAL A 298 -11.67 -23.88 -27.26
CA VAL A 298 -13.06 -24.30 -27.45
C VAL A 298 -13.12 -25.76 -27.88
N VAL A 299 -12.26 -26.16 -28.82
CA VAL A 299 -12.26 -27.53 -29.31
C VAL A 299 -11.82 -28.49 -28.22
N ALA A 300 -10.77 -28.13 -27.48
CA ALA A 300 -10.29 -28.99 -26.40
C ALA A 300 -11.34 -29.15 -25.32
N LYS A 301 -12.05 -28.07 -24.97
CA LYS A 301 -13.12 -28.17 -24.00
C LYS A 301 -14.26 -29.04 -24.50
N GLU A 302 -14.60 -28.93 -25.78
CA GLU A 302 -15.66 -29.75 -26.35
C GLU A 302 -15.29 -31.22 -26.33
N VAL A 303 -14.06 -31.55 -26.70
CA VAL A 303 -13.62 -32.95 -26.70
C VAL A 303 -13.63 -33.50 -25.28
N PHE A 304 -13.15 -32.70 -24.32
CA PHE A 304 -13.11 -33.14 -22.93
C PHE A 304 -14.51 -33.43 -22.41
N ARG A 305 -15.47 -32.56 -22.73
CA ARG A 305 -16.82 -32.74 -22.21
C ARG A 305 -17.56 -33.88 -22.90
N SER A 306 -17.23 -34.15 -24.17
CA SER A 306 -17.92 -35.21 -24.89
C SER A 306 -17.61 -36.58 -24.31
N ILE A 307 -16.43 -36.76 -23.73
CA ILE A 307 -16.08 -38.05 -23.14
C ILE A 307 -16.91 -38.32 -21.90
N VAL A 308 -17.11 -37.31 -21.06
CA VAL A 308 -17.90 -37.49 -19.84
C VAL A 308 -19.35 -37.80 -20.20
N LEU A 309 -19.91 -37.07 -21.16
CA LEU A 309 -21.32 -37.26 -21.50
C LEU A 309 -21.56 -38.60 -22.18
N ASN A 310 -20.73 -38.93 -23.17
CA ASN A 310 -20.97 -40.12 -23.99
C ASN A 310 -20.61 -41.41 -23.27
N GLU A 311 -19.53 -41.39 -22.49
CA GLU A 311 -18.97 -42.63 -21.94
C GLU A 311 -19.00 -42.72 -20.43
N TYR A 312 -19.40 -41.67 -19.71
CA TYR A 312 -19.46 -41.65 -18.25
C TYR A 312 -18.10 -41.90 -17.61
N LYS A 313 -17.01 -41.71 -18.35
CA LYS A 313 -15.67 -41.94 -17.86
C LYS A 313 -14.93 -40.61 -17.82
N ARG A 314 -14.27 -40.34 -16.69
CA ARG A 314 -13.55 -39.10 -16.52
C ARG A 314 -12.11 -39.25 -17.00
N CYS A 315 -11.41 -38.13 -17.10
CA CYS A 315 -10.08 -38.10 -17.71
C CYS A 315 -9.06 -38.91 -16.92
N ASP A 316 -9.29 -39.13 -15.63
CA ASP A 316 -8.38 -39.92 -14.81
C ASP A 316 -8.87 -41.34 -14.56
N GLY A 317 -9.90 -41.77 -15.29
CA GLY A 317 -10.42 -43.12 -15.15
C GLY A 317 -11.49 -43.29 -14.10
N ARG A 318 -11.79 -42.26 -13.31
CA ARG A 318 -12.83 -42.37 -12.30
C ARG A 318 -14.20 -42.33 -12.94
N ASP A 319 -15.18 -42.89 -12.22
CA ASP A 319 -16.57 -42.73 -12.60
C ASP A 319 -17.11 -41.45 -11.97
N LEU A 320 -18.39 -41.16 -12.22
CA LEU A 320 -18.96 -39.87 -11.83
C LEU A 320 -19.01 -39.67 -10.33
N THR A 321 -19.02 -40.74 -9.54
CA THR A 321 -19.23 -40.63 -8.10
C THR A 321 -18.00 -40.94 -7.27
N SER A 322 -16.94 -41.49 -7.87
CA SER A 322 -15.78 -41.91 -7.11
C SER A 322 -14.95 -40.72 -6.66
N LEU A 323 -14.42 -40.81 -5.45
CA LEU A 323 -13.53 -39.80 -4.90
C LEU A 323 -12.09 -40.07 -5.32
N ARG A 324 -11.23 -39.07 -5.11
CA ARG A 324 -9.81 -39.27 -5.27
C ARG A 324 -9.23 -39.91 -4.01
N ASN A 325 -7.96 -40.29 -4.10
CA ASN A 325 -7.28 -40.86 -2.94
C ASN A 325 -7.17 -39.83 -1.84
N VAL A 326 -7.51 -40.23 -0.62
CA VAL A 326 -7.51 -39.34 0.54
C VAL A 326 -6.55 -39.89 1.58
N SER A 327 -5.62 -39.05 2.03
CA SER A 327 -4.66 -39.42 3.06
C SER A 327 -4.67 -38.33 4.13
N CYS A 328 -4.63 -38.75 5.39
CA CYS A 328 -4.64 -37.83 6.51
C CYS A 328 -3.47 -38.13 7.43
N GLU A 329 -3.05 -37.12 8.18
CA GLU A 329 -1.93 -37.24 9.10
C GLU A 329 -2.05 -36.14 10.14
N VAL A 330 -1.67 -36.46 11.38
CA VAL A 330 -1.73 -35.50 12.47
C VAL A 330 -0.41 -35.52 13.23
N ASP A 331 -0.22 -34.50 14.05
CA ASP A 331 0.97 -34.36 14.90
C ASP A 331 2.25 -34.37 14.06
N MET A 332 2.28 -33.45 13.08
CA MET A 332 3.44 -33.36 12.20
C MET A 332 4.67 -32.83 12.93
N PHE A 333 4.50 -31.80 13.76
CA PHE A 333 5.61 -31.18 14.46
C PHE A 333 5.26 -31.03 15.94
N LYS A 334 6.28 -31.14 16.78
CA LYS A 334 6.06 -31.23 18.22
C LYS A 334 5.62 -29.89 18.81
N THR A 335 6.20 -28.79 18.34
CA THR A 335 5.96 -27.50 18.98
C THR A 335 4.61 -26.88 18.61
N LEU A 336 3.99 -27.33 17.53
CA LEU A 336 2.68 -26.80 17.15
C LEU A 336 1.62 -27.27 18.12
N HIS A 337 0.68 -26.38 18.46
CA HIS A 337 -0.44 -26.76 19.29
C HIS A 337 -1.30 -27.81 18.60
N GLY A 338 -1.52 -27.65 17.30
CA GLY A 338 -2.20 -28.66 16.52
C GLY A 338 -1.72 -28.59 15.09
N SER A 339 -1.71 -29.75 14.43
CA SER A 339 -1.25 -29.81 13.05
C SER A 339 -1.91 -30.98 12.35
N ALA A 340 -1.98 -30.89 11.03
CA ALA A 340 -2.59 -31.92 10.20
C ALA A 340 -2.19 -31.70 8.76
N LEU A 341 -1.91 -32.79 8.05
CA LEU A 341 -1.60 -32.75 6.63
C LEU A 341 -2.65 -33.57 5.89
N PHE A 342 -3.49 -32.88 5.12
CA PHE A 342 -4.57 -33.51 4.38
C PHE A 342 -4.21 -33.57 2.91
N GLN A 343 -4.38 -34.74 2.30
CA GLN A 343 -4.07 -34.97 0.90
C GLN A 343 -5.29 -35.51 0.19
N ARG A 344 -5.58 -34.94 -0.99
CA ARG A 344 -6.70 -35.39 -1.82
C ARG A 344 -6.22 -35.40 -3.26
N GLY A 345 -5.84 -36.57 -3.76
CA GLY A 345 -5.26 -36.66 -5.07
C GLY A 345 -3.92 -35.97 -5.13
N GLN A 346 -3.87 -34.83 -5.83
CA GLN A 346 -2.66 -34.02 -5.90
C GLN A 346 -2.84 -32.67 -5.19
N THR A 347 -3.79 -32.59 -4.27
CA THR A 347 -4.02 -31.38 -3.48
C THR A 347 -3.58 -31.64 -2.06
N GLN A 348 -2.56 -30.92 -1.60
CA GLN A 348 -2.01 -31.09 -0.26
C GLN A 348 -2.20 -29.79 0.52
N VAL A 349 -2.70 -29.92 1.74
CA VAL A 349 -2.98 -28.78 2.61
C VAL A 349 -2.40 -29.05 3.99
N LEU A 350 -1.63 -28.10 4.51
CA LEU A 350 -1.08 -28.18 5.84
C LEU A 350 -1.87 -27.23 6.75
N CYS A 351 -2.47 -27.77 7.80
CA CYS A 351 -3.31 -27.00 8.70
C CYS A 351 -2.66 -26.96 10.08
N THR A 352 -2.61 -25.77 10.66
CA THR A 352 -2.01 -25.54 11.97
C THR A 352 -3.02 -24.84 12.87
N VAL A 353 -3.03 -25.19 14.14
CA VAL A 353 -3.88 -24.57 15.14
C VAL A 353 -2.99 -23.86 16.15
N THR A 354 -3.25 -22.58 16.38
CA THR A 354 -2.49 -21.77 17.33
C THR A 354 -3.46 -21.15 18.32
N PHE A 355 -3.16 -21.28 19.60
CA PHE A 355 -3.95 -20.64 20.65
C PHE A 355 -3.34 -19.29 20.99
N ASP A 356 -4.22 -18.30 21.14
CA ASP A 356 -3.81 -16.94 21.45
C ASP A 356 -4.65 -16.42 22.61
N SER A 357 -4.27 -15.25 23.12
CA SER A 357 -5.04 -14.65 24.20
C SER A 357 -6.35 -14.09 23.68
N LEU A 358 -7.30 -13.91 24.59
CA LEU A 358 -8.59 -13.34 24.21
C LEU A 358 -8.43 -11.92 23.70
N GLU A 359 -7.53 -11.15 24.32
CA GLU A 359 -7.33 -9.75 23.98
C GLU A 359 -6.77 -9.55 22.58
N SER A 360 -6.26 -10.60 21.95
CA SER A 360 -5.70 -10.44 20.60
C SER A 360 -6.78 -10.17 19.56
N GLY A 361 -8.05 -10.45 19.87
CA GLY A 361 -9.11 -10.16 18.93
C GLY A 361 -9.33 -8.68 18.72
N ILE A 362 -9.27 -7.90 19.79
CA ILE A 362 -9.51 -6.45 19.75
C ILE A 362 -8.17 -5.73 19.70
N LYS A 363 -8.04 -4.77 18.79
CA LYS A 363 -6.78 -4.07 18.61
C LYS A 363 -7.03 -2.63 18.19
N SER A 364 -6.07 -1.77 18.53
CA SER A 364 -5.89 -0.44 17.93
C SER A 364 -7.18 0.38 17.95
N ASP A 365 -7.61 0.71 19.17
CA ASP A 365 -8.71 1.64 19.38
C ASP A 365 -10.02 1.11 18.80
N GLN A 366 -10.99 2.02 18.61
CA GLN A 366 -12.37 1.61 18.36
C GLN A 366 -12.63 1.34 16.89
N VAL A 367 -12.25 2.28 16.02
CA VAL A 367 -12.66 2.18 14.61
C VAL A 367 -12.00 0.99 13.94
N ILE A 368 -10.75 0.70 14.27
CA ILE A 368 -10.06 -0.43 13.65
C ILE A 368 -10.71 -1.74 14.06
N THR A 369 -10.99 -1.91 15.35
CA THR A 369 -11.62 -3.13 15.82
C THR A 369 -13.08 -3.22 15.45
N ALA A 370 -13.69 -2.13 14.98
CA ALA A 370 -15.06 -2.16 14.49
C ALA A 370 -15.16 -2.35 12.99
N ILE A 371 -14.10 -2.02 12.24
CA ILE A 371 -14.09 -2.29 10.81
C ILE A 371 -14.19 -3.80 10.56
N ASN A 372 -13.40 -4.57 11.30
CA ASN A 372 -13.41 -6.03 11.24
C ASN A 372 -13.84 -6.52 12.61
N GLY A 373 -15.13 -6.79 12.77
CA GLY A 373 -15.68 -7.05 14.09
C GLY A 373 -15.11 -8.32 14.71
N ILE A 374 -15.25 -8.41 16.03
CA ILE A 374 -14.77 -9.57 16.76
C ILE A 374 -15.61 -10.78 16.36
N LYS A 375 -14.94 -11.90 16.09
CA LYS A 375 -15.65 -13.13 15.75
C LYS A 375 -16.51 -13.57 16.93
N ASP A 376 -17.68 -14.15 16.62
CA ASP A 376 -18.63 -14.49 17.66
C ASP A 376 -18.00 -15.42 18.70
N LYS A 377 -17.64 -16.63 18.29
CA LYS A 377 -16.64 -17.38 19.02
C LYS A 377 -15.28 -16.89 18.61
N ASN A 378 -14.34 -16.92 19.55
CA ASN A 378 -12.99 -16.42 19.29
C ASN A 378 -12.25 -17.44 18.42
N PHE A 379 -12.60 -17.44 17.14
CA PHE A 379 -12.11 -18.45 16.21
C PHE A 379 -12.05 -17.82 14.82
N MET A 380 -10.87 -17.81 14.22
CA MET A 380 -10.70 -17.33 12.87
C MET A 380 -9.83 -18.31 12.09
N LEU A 381 -10.02 -18.33 10.77
CA LEU A 381 -9.25 -19.18 9.89
C LEU A 381 -8.54 -18.31 8.86
N HIS A 382 -7.25 -18.54 8.69
CA HIS A 382 -6.42 -17.83 7.72
C HIS A 382 -6.02 -18.80 6.62
N TYR A 383 -6.30 -18.44 5.37
CA TYR A 383 -6.04 -19.28 4.22
C TYR A 383 -4.92 -18.67 3.40
N GLU A 384 -3.98 -19.51 2.96
CA GLU A 384 -2.85 -19.08 2.16
C GLU A 384 -2.75 -19.92 0.90
N PHE A 385 -2.46 -19.27 -0.22
CA PHE A 385 -2.30 -19.94 -1.51
C PHE A 385 -0.96 -19.51 -2.09
N PRO A 386 0.14 -20.13 -1.65
CA PRO A 386 1.45 -19.69 -2.10
C PRO A 386 1.63 -19.92 -3.59
N PRO A 387 2.46 -19.14 -4.26
CA PRO A 387 2.66 -19.33 -5.70
C PRO A 387 3.23 -20.71 -6.06
N TYR A 388 4.04 -21.30 -5.18
CA TYR A 388 4.62 -22.60 -5.50
C TYR A 388 3.62 -23.73 -5.40
N ALA A 389 2.43 -23.50 -4.86
CA ALA A 389 1.40 -24.53 -4.84
C ALA A 389 1.01 -24.97 -6.23
N THR A 390 1.19 -24.08 -7.22
CA THR A 390 0.94 -24.40 -8.62
C THR A 390 2.20 -24.23 -9.47
N ASN A 391 3.37 -24.20 -8.84
CA ASN A 391 4.64 -24.01 -9.54
C ASN A 391 4.64 -22.69 -10.33
N GLU A 392 4.47 -21.60 -9.61
CA GLU A 392 4.27 -20.29 -10.22
C GLU A 392 5.10 -19.24 -9.49
N ILE A 393 5.32 -18.13 -10.18
CA ILE A 393 5.94 -16.94 -9.60
C ILE A 393 4.83 -15.93 -9.34
N GLY A 394 4.79 -15.40 -8.13
CA GLY A 394 3.77 -14.42 -7.80
C GLY A 394 4.21 -13.53 -6.66
N LYS A 395 3.76 -12.28 -6.69
CA LYS A 395 4.05 -11.35 -5.61
C LYS A 395 3.31 -11.77 -4.34
N VAL A 396 3.99 -11.60 -3.20
CA VAL A 396 3.42 -12.01 -1.92
C VAL A 396 3.45 -10.85 -0.93
N LEU A 399 -3.27 -7.63 -1.31
CA LEU A 399 -4.58 -8.16 -0.94
C LEU A 399 -5.14 -9.05 -2.03
N ASN A 400 -5.18 -10.35 -1.76
CA ASN A 400 -5.69 -11.34 -2.71
C ASN A 400 -7.17 -11.60 -2.43
N ARG A 401 -8.00 -11.44 -3.47
CA ARG A 401 -9.44 -11.61 -3.29
C ARG A 401 -9.80 -13.09 -3.13
N ARG A 402 -9.23 -13.95 -3.98
CA ARG A 402 -9.56 -15.37 -3.94
C ARG A 402 -9.15 -16.00 -2.62
N GLU A 403 -7.95 -15.66 -2.13
CA GLU A 403 -7.46 -16.25 -0.90
C GLU A 403 -8.25 -15.76 0.30
N LEU A 404 -8.66 -14.49 0.29
CA LEU A 404 -9.50 -13.98 1.37
C LEU A 404 -10.88 -14.64 1.37
N GLY A 405 -11.46 -14.84 0.19
CA GLY A 405 -12.77 -15.47 0.12
C GLY A 405 -12.74 -16.93 0.55
N HIS A 406 -11.71 -17.67 0.15
CA HIS A 406 -11.61 -19.07 0.53
C HIS A 406 -11.43 -19.24 2.04
N GLY A 407 -10.75 -18.29 2.69
CA GLY A 407 -10.60 -18.36 4.13
C GLY A 407 -11.92 -18.23 4.85
N ALA A 408 -12.78 -17.31 4.39
CA ALA A 408 -14.09 -17.15 5.01
C ALA A 408 -14.98 -18.36 4.74
N LEU A 409 -14.85 -18.96 3.55
CA LEU A 409 -15.65 -20.14 3.23
C LEU A 409 -15.30 -21.32 4.14
N ALA A 410 -14.01 -21.54 4.37
CA ALA A 410 -13.59 -22.63 5.25
C ALA A 410 -13.85 -22.30 6.71
N GLU A 411 -13.82 -21.02 7.07
CA GLU A 411 -14.04 -20.64 8.46
C GLU A 411 -15.49 -20.90 8.89
N LYS A 412 -16.45 -20.57 8.03
CA LYS A 412 -17.85 -20.81 8.37
C LYS A 412 -18.23 -22.29 8.26
N ALA A 413 -17.46 -23.07 7.49
CA ALA A 413 -17.68 -24.51 7.49
C ALA A 413 -17.36 -25.14 8.83
N LEU A 414 -16.28 -24.69 9.46
CA LEU A 414 -15.87 -25.18 10.77
C LEU A 414 -16.53 -24.43 11.92
N TYR A 415 -17.17 -23.31 11.65
CA TYR A 415 -17.73 -22.49 12.73
C TYR A 415 -18.77 -23.19 13.56
N PRO A 416 -19.76 -23.90 12.99
CA PRO A 416 -20.81 -24.48 13.85
C PRO A 416 -20.31 -25.48 14.87
N VAL A 417 -19.21 -26.18 14.60
CA VAL A 417 -18.72 -27.18 15.53
C VAL A 417 -17.76 -26.62 16.58
N ILE A 418 -17.35 -25.37 16.45
CA ILE A 418 -16.43 -24.78 17.43
C ILE A 418 -17.14 -24.62 18.77
N PRO A 419 -16.55 -25.04 19.88
CA PRO A 419 -17.21 -24.89 21.17
C PRO A 419 -17.25 -23.44 21.63
N ARG A 420 -18.17 -23.17 22.55
CA ARG A 420 -18.31 -21.84 23.13
C ARG A 420 -17.46 -21.72 24.39
N ASP A 421 -17.06 -20.48 24.68
CA ASP A 421 -16.31 -20.15 25.90
C ASP A 421 -14.99 -20.93 25.98
N PHE A 422 -14.32 -21.09 24.84
CA PHE A 422 -12.98 -21.64 24.86
C PHE A 422 -12.02 -20.63 25.48
N PRO A 423 -11.12 -21.07 26.37
CA PRO A 423 -10.28 -20.11 27.11
C PRO A 423 -9.22 -19.42 26.27
N PHE A 424 -9.14 -19.68 24.97
CA PHE A 424 -8.15 -19.05 24.11
C PHE A 424 -8.78 -18.73 22.77
N THR A 425 -8.14 -17.83 22.04
CA THR A 425 -8.49 -17.58 20.65
C THR A 425 -7.93 -18.70 19.78
N ILE A 426 -8.75 -19.25 18.91
CA ILE A 426 -8.36 -20.36 18.03
C ILE A 426 -8.07 -19.78 16.65
N ARG A 427 -6.82 -19.91 16.22
CA ARG A 427 -6.40 -19.44 14.90
C ARG A 427 -5.94 -20.65 14.09
N VAL A 428 -6.72 -21.01 13.09
CA VAL A 428 -6.38 -22.10 12.18
C VAL A 428 -5.73 -21.50 10.95
N THR A 429 -4.52 -21.93 10.64
CA THR A 429 -3.80 -21.49 9.45
C THR A 429 -3.74 -22.65 8.46
N SER A 430 -4.36 -22.45 7.30
CA SER A 430 -4.41 -23.46 6.26
C SER A 430 -3.53 -23.01 5.09
N GLU A 431 -2.51 -23.81 4.78
CA GLU A 431 -1.56 -23.49 3.72
C GLU A 431 -1.66 -24.55 2.63
N VAL A 432 -1.83 -24.10 1.39
CA VAL A 432 -1.95 -25.00 0.25
C VAL A 432 -0.55 -25.24 -0.31
N LEU A 433 -0.02 -26.44 -0.11
CA LEU A 433 1.29 -26.80 -0.64
C LEU A 433 1.22 -27.31 -2.07
N GLU A 434 0.17 -28.03 -2.42
CA GLU A 434 -0.09 -28.47 -3.78
C GLU A 434 -1.55 -28.23 -4.10
N SER A 435 -1.82 -27.77 -5.32
CA SER A 435 -3.17 -27.37 -5.73
C SER A 435 -3.53 -28.07 -7.03
N ASN A 436 -4.48 -29.01 -6.95
CA ASN A 436 -5.05 -29.63 -8.14
C ASN A 436 -6.56 -29.79 -8.03
N GLY A 437 -7.21 -29.13 -7.07
CA GLY A 437 -8.63 -29.31 -6.88
C GLY A 437 -9.19 -28.34 -5.88
N SER A 438 -10.07 -28.82 -5.00
CA SER A 438 -10.69 -27.97 -3.99
C SER A 438 -9.79 -27.89 -2.77
N SER A 439 -8.83 -26.97 -2.84
CA SER A 439 -7.98 -26.71 -1.69
C SER A 439 -8.75 -26.05 -0.56
N SER A 440 -9.75 -25.24 -0.89
CA SER A 440 -10.57 -24.60 0.14
C SER A 440 -11.38 -25.64 0.91
N MET A 441 -11.91 -26.64 0.23
CA MET A 441 -12.65 -27.69 0.92
C MET A 441 -11.70 -28.58 1.72
N ALA A 442 -10.49 -28.82 1.20
CA ALA A 442 -9.48 -29.53 1.97
C ALA A 442 -9.05 -28.76 3.20
N SER A 443 -9.21 -27.43 3.21
CA SER A 443 -8.91 -26.64 4.39
C SER A 443 -9.91 -26.92 5.52
N ALA A 444 -11.15 -27.25 5.17
CA ALA A 444 -12.13 -27.61 6.19
C ALA A 444 -11.85 -29.00 6.75
N CYS A 445 -11.52 -29.96 5.87
CA CYS A 445 -11.20 -31.31 6.34
C CYS A 445 -9.93 -31.31 7.16
N GLY A 446 -8.86 -30.71 6.64
CA GLY A 446 -7.63 -30.63 7.40
C GLY A 446 -7.76 -29.78 8.65
N GLY A 447 -8.56 -28.71 8.57
CA GLY A 447 -8.78 -27.89 9.73
C GLY A 447 -9.50 -28.62 10.85
N SER A 448 -10.43 -29.50 10.49
CA SER A 448 -11.10 -30.30 11.50
C SER A 448 -10.16 -31.32 12.12
N LEU A 449 -9.27 -31.91 11.32
CA LEU A 449 -8.27 -32.83 11.86
C LEU A 449 -7.31 -32.11 12.81
N ALA A 450 -6.86 -30.92 12.43
CA ALA A 450 -5.93 -30.18 13.27
C ALA A 450 -6.61 -29.70 14.54
N LEU A 451 -7.89 -29.34 14.45
CA LEU A 451 -8.63 -28.92 15.65
C LEU A 451 -8.75 -30.07 16.65
N MET A 452 -9.02 -31.29 16.15
CA MET A 452 -9.09 -32.45 17.03
C MET A 452 -7.73 -32.77 17.63
N ASP A 453 -6.67 -32.64 16.83
CA ASP A 453 -5.32 -32.92 17.32
C ASP A 453 -4.88 -31.89 18.35
N SER A 454 -5.31 -30.65 18.21
CA SER A 454 -4.92 -29.62 19.16
C SER A 454 -5.62 -29.78 20.51
N GLY A 455 -6.70 -30.53 20.57
CA GLY A 455 -7.45 -30.71 21.79
C GLY A 455 -8.70 -29.88 21.92
N VAL A 456 -9.08 -29.15 20.88
CA VAL A 456 -10.33 -28.38 20.88
C VAL A 456 -11.49 -29.36 20.82
N PRO A 457 -12.41 -29.32 21.77
CA PRO A 457 -13.53 -30.29 21.80
C PRO A 457 -14.65 -29.90 20.84
N ILE A 458 -14.38 -30.05 19.54
CA ILE A 458 -15.39 -29.75 18.54
C ILE A 458 -16.50 -30.79 18.60
N SER A 459 -17.71 -30.38 18.22
CA SER A 459 -18.86 -31.28 18.31
C SER A 459 -18.72 -32.48 17.38
N SER A 460 -18.25 -32.26 16.16
CA SER A 460 -18.09 -33.34 15.21
C SER A 460 -17.12 -32.91 14.11
N ALA A 461 -16.64 -33.90 13.36
CA ALA A 461 -15.72 -33.63 12.26
C ALA A 461 -16.47 -33.04 11.07
N VAL A 462 -15.77 -32.17 10.34
CA VAL A 462 -16.33 -31.45 9.21
C VAL A 462 -15.54 -31.83 7.96
N ALA A 463 -16.25 -32.22 6.91
CA ALA A 463 -15.63 -32.55 5.63
C ALA A 463 -16.36 -31.82 4.51
N GLY A 464 -15.61 -31.42 3.49
CA GLY A 464 -16.18 -30.74 2.35
C GLY A 464 -15.70 -31.36 1.05
N VAL A 465 -16.47 -31.11 -0.01
CA VAL A 465 -16.15 -31.63 -1.33
C VAL A 465 -16.69 -30.66 -2.37
N ALA A 466 -16.13 -30.74 -3.57
CA ALA A 466 -16.57 -29.92 -4.70
C ALA A 466 -17.24 -30.81 -5.74
N ILE A 467 -18.41 -30.40 -6.20
CA ILE A 467 -19.19 -31.15 -7.18
C ILE A 467 -19.15 -30.38 -8.49
N GLY A 468 -18.70 -31.04 -9.55
CA GLY A 468 -18.69 -30.45 -10.87
C GLY A 468 -19.96 -30.73 -11.64
N LEU A 469 -20.00 -30.23 -12.88
CA LEU A 469 -21.18 -30.38 -13.72
C LEU A 469 -20.78 -30.23 -15.17
N VAL A 470 -21.22 -31.16 -16.01
CA VAL A 470 -21.04 -31.09 -17.45
C VAL A 470 -22.41 -31.25 -18.10
N THR A 471 -22.80 -30.28 -18.92
CA THR A 471 -24.12 -30.28 -19.55
C THR A 471 -23.99 -30.23 -21.06
N LYS A 472 -25.07 -30.64 -21.72
CA LYS A 472 -25.19 -30.55 -23.17
C LYS A 472 -26.44 -29.73 -23.46
N THR A 473 -26.25 -28.48 -23.83
CA THR A 473 -27.35 -27.54 -24.05
C THR A 473 -27.70 -27.49 -25.53
N ASP A 474 -29.00 -27.42 -25.82
CA ASP A 474 -29.46 -27.31 -27.19
C ASP A 474 -29.09 -25.94 -27.75
N PRO A 475 -28.44 -25.86 -28.92
CA PRO A 475 -28.03 -24.55 -29.45
C PRO A 475 -29.20 -23.62 -29.76
N GLU A 476 -30.39 -24.17 -30.01
CA GLU A 476 -31.55 -23.35 -30.36
C GLU A 476 -32.44 -23.06 -29.15
N LYS A 477 -32.94 -24.10 -28.50
CA LYS A 477 -33.81 -23.90 -27.34
C LYS A 477 -33.05 -23.26 -26.19
N GLY A 478 -31.80 -23.68 -25.96
CA GLY A 478 -31.03 -23.24 -24.82
C GLY A 478 -31.21 -24.08 -23.57
N GLU A 479 -32.10 -25.06 -23.59
CA GLU A 479 -32.34 -25.90 -22.43
C GLU A 479 -31.26 -26.96 -22.31
N ILE A 480 -31.22 -27.61 -21.15
CA ILE A 480 -30.23 -28.63 -20.86
C ILE A 480 -30.81 -29.98 -21.27
N GLU A 481 -30.23 -30.58 -22.32
CA GLU A 481 -30.69 -31.88 -22.78
C GLU A 481 -30.35 -32.97 -21.78
N ASP A 482 -29.10 -33.02 -21.33
CA ASP A 482 -28.67 -33.97 -20.31
C ASP A 482 -27.43 -33.43 -19.63
N TYR A 483 -27.15 -33.98 -18.44
CA TYR A 483 -26.07 -33.46 -17.61
C TYR A 483 -25.48 -34.59 -16.79
N ARG A 484 -24.23 -34.39 -16.37
CA ARG A 484 -23.52 -35.31 -15.50
C ARG A 484 -22.95 -34.54 -14.32
N LEU A 485 -23.07 -35.12 -13.13
CA LEU A 485 -22.51 -34.53 -11.91
C LEU A 485 -21.28 -35.32 -11.50
N LEU A 486 -20.19 -34.62 -11.22
CA LEU A 486 -18.91 -35.23 -10.89
C LEU A 486 -18.56 -34.96 -9.45
N THR A 487 -18.01 -35.96 -8.77
CA THR A 487 -17.63 -35.86 -7.37
C THR A 487 -16.13 -35.65 -7.26
N ASP A 488 -15.73 -34.66 -6.47
CA ASP A 488 -14.31 -34.36 -6.20
C ASP A 488 -13.57 -34.07 -7.50
N ILE A 489 -13.97 -32.97 -8.15
CA ILE A 489 -13.44 -32.64 -9.46
C ILE A 489 -11.99 -32.21 -9.36
N LEU A 490 -11.25 -32.41 -10.46
CA LEU A 490 -9.89 -31.93 -10.56
C LEU A 490 -9.88 -30.45 -10.94
N GLY A 491 -8.68 -29.92 -11.16
CA GLY A 491 -8.58 -28.56 -11.66
C GLY A 491 -9.07 -28.44 -13.09
N ILE A 492 -8.77 -29.43 -13.92
CA ILE A 492 -9.18 -29.38 -15.33
C ILE A 492 -10.69 -29.51 -15.45
N GLU A 493 -11.30 -30.34 -14.62
CA GLU A 493 -12.74 -30.51 -14.69
C GLU A 493 -13.49 -29.26 -14.24
N ASP A 494 -12.95 -28.54 -13.26
CA ASP A 494 -13.52 -27.24 -12.90
C ASP A 494 -13.33 -26.23 -14.03
N TYR A 495 -12.15 -26.24 -14.65
CA TYR A 495 -11.86 -25.28 -15.72
C TYR A 495 -12.77 -25.50 -16.92
N ASN A 496 -12.99 -26.75 -17.30
CA ASN A 496 -13.81 -27.09 -18.45
C ASN A 496 -15.25 -27.42 -18.09
N GLY A 497 -15.63 -27.29 -16.83
CA GLY A 497 -16.96 -27.62 -16.37
C GLY A 497 -17.90 -26.43 -16.38
N ASP A 498 -19.04 -26.61 -15.72
CA ASP A 498 -20.08 -25.61 -15.66
C ASP A 498 -20.28 -25.01 -14.28
N MET A 499 -19.71 -25.61 -13.24
CA MET A 499 -19.94 -25.12 -11.89
C MET A 499 -18.89 -25.71 -10.96
N ASP A 500 -18.70 -25.04 -9.83
CA ASP A 500 -17.81 -25.50 -8.75
C ASP A 500 -18.66 -25.49 -7.48
N PHE A 501 -19.36 -26.59 -7.22
CA PHE A 501 -20.34 -26.68 -6.15
C PHE A 501 -19.65 -27.17 -4.89
N LYS A 502 -19.01 -26.25 -4.18
CA LYS A 502 -18.33 -26.58 -2.94
C LYS A 502 -19.31 -26.56 -1.78
N ILE A 503 -19.42 -27.67 -1.08
CA ILE A 503 -20.32 -27.79 0.07
C ILE A 503 -19.62 -28.60 1.16
N ALA A 504 -19.72 -28.12 2.40
CA ALA A 504 -19.09 -28.77 3.53
C ALA A 504 -20.11 -28.99 4.64
N GLY A 505 -19.84 -29.95 5.48
CA GLY A 505 -20.73 -30.22 6.60
C GLY A 505 -20.27 -31.45 7.37
N THR A 506 -20.98 -31.71 8.45
CA THR A 506 -20.76 -32.91 9.26
C THR A 506 -21.54 -34.08 8.68
N ASN A 507 -21.47 -35.22 9.37
CA ASN A 507 -22.15 -36.41 8.86
C ASN A 507 -23.67 -36.29 8.94
N LYS A 508 -24.20 -35.41 9.80
CA LYS A 508 -25.64 -35.29 9.98
C LYS A 508 -26.18 -33.92 9.56
N GLY A 509 -25.38 -33.08 8.92
CA GLY A 509 -25.88 -31.77 8.56
C GLY A 509 -25.00 -31.08 7.53
N ILE A 510 -25.39 -29.86 7.21
CA ILE A 510 -24.70 -29.00 6.25
C ILE A 510 -24.30 -27.73 6.97
N THR A 511 -23.05 -27.31 6.79
CA THR A 511 -22.53 -26.12 7.46
C THR A 511 -22.18 -24.98 6.52
N ALA A 512 -21.80 -25.27 5.28
CA ALA A 512 -21.42 -24.20 4.36
C ALA A 512 -21.68 -24.65 2.93
N LEU A 513 -21.83 -23.66 2.05
CA LEU A 513 -22.05 -23.92 0.64
C LEU A 513 -21.67 -22.68 -0.16
N GLN A 514 -20.99 -22.90 -1.28
CA GLN A 514 -20.64 -21.80 -2.18
C GLN A 514 -20.66 -22.36 -3.60
N ALA A 515 -21.76 -22.13 -4.31
CA ALA A 515 -21.91 -22.61 -5.68
C ALA A 515 -21.43 -21.54 -6.65
N ASP A 516 -20.38 -21.86 -7.41
CA ASP A 516 -19.81 -20.96 -8.41
C ASP A 516 -20.28 -21.44 -9.77
N ILE A 517 -21.45 -20.99 -10.18
CA ILE A 517 -22.07 -21.45 -11.43
C ILE A 517 -21.53 -20.60 -12.58
N LYS A 518 -20.96 -21.27 -13.58
CA LYS A 518 -20.46 -20.61 -14.77
C LYS A 518 -21.51 -20.48 -15.87
N LEU A 519 -22.49 -21.38 -15.89
CA LEU A 519 -23.57 -21.30 -16.84
C LEU A 519 -24.51 -20.15 -16.47
N PRO A 520 -25.24 -19.60 -17.44
CA PRO A 520 -26.23 -18.55 -17.15
C PRO A 520 -27.52 -19.11 -16.55
N GLY A 521 -27.39 -19.75 -15.39
CA GLY A 521 -28.52 -20.34 -14.71
C GLY A 521 -28.63 -21.84 -14.90
N ILE A 522 -28.98 -22.55 -13.85
CA ILE A 522 -29.18 -24.00 -13.91
C ILE A 522 -30.51 -24.34 -13.23
N PRO A 523 -31.16 -25.43 -13.61
CA PRO A 523 -32.43 -25.79 -12.98
C PRO A 523 -32.25 -26.13 -11.51
N ILE A 524 -33.32 -25.94 -10.75
CA ILE A 524 -33.26 -26.17 -9.30
C ILE A 524 -33.06 -27.64 -8.99
N LYS A 525 -33.52 -28.55 -9.85
CA LYS A 525 -33.39 -29.97 -9.57
C LYS A 525 -31.95 -30.44 -9.70
N ILE A 526 -31.15 -29.76 -10.54
CA ILE A 526 -29.72 -30.07 -10.61
C ILE A 526 -29.04 -29.71 -9.30
N VAL A 527 -29.46 -28.61 -8.68
CA VAL A 527 -28.89 -28.21 -7.39
C VAL A 527 -29.22 -29.24 -6.32
N MET A 528 -30.45 -29.76 -6.32
CA MET A 528 -30.83 -30.78 -5.35
C MET A 528 -30.01 -32.04 -5.52
N GLU A 529 -29.80 -32.46 -6.77
CA GLU A 529 -29.00 -33.67 -7.01
C GLU A 529 -27.54 -33.46 -6.67
N ALA A 530 -27.03 -32.24 -6.84
CA ALA A 530 -25.66 -31.95 -6.43
C ALA A 530 -25.51 -32.04 -4.93
N ILE A 531 -26.51 -31.55 -4.18
CA ILE A 531 -26.46 -31.63 -2.73
C ILE A 531 -26.51 -33.10 -2.28
N GLN A 532 -27.36 -33.90 -2.93
CA GLN A 532 -27.47 -35.31 -2.58
C GLN A 532 -26.19 -36.07 -2.94
N GLN A 533 -25.61 -35.79 -4.10
CA GLN A 533 -24.39 -36.47 -4.50
C GLN A 533 -23.25 -36.14 -3.54
N ALA A 534 -23.15 -34.89 -3.10
CA ALA A 534 -22.13 -34.52 -2.14
C ALA A 534 -22.40 -35.07 -0.76
N SER A 535 -23.66 -35.41 -0.46
CA SER A 535 -23.97 -35.99 0.84
C SER A 535 -23.30 -37.35 1.01
N VAL A 536 -23.34 -38.18 -0.03
CA VAL A 536 -22.73 -39.50 0.08
C VAL A 536 -21.21 -39.43 -0.07
N ALA A 537 -20.70 -38.42 -0.79
CA ALA A 537 -19.26 -38.24 -0.88
C ALA A 537 -18.67 -37.76 0.44
N LYS A 538 -19.41 -36.93 1.16
CA LYS A 538 -18.93 -36.44 2.46
C LYS A 538 -18.86 -37.56 3.49
N LYS A 539 -19.77 -38.52 3.42
CA LYS A 539 -19.72 -39.65 4.35
C LYS A 539 -18.45 -40.46 4.16
N GLU A 540 -18.06 -40.71 2.91
CA GLU A 540 -16.84 -41.47 2.65
C GLU A 540 -15.61 -40.75 3.17
N ILE A 541 -15.55 -39.43 2.99
CA ILE A 541 -14.40 -38.67 3.45
C ILE A 541 -14.31 -38.71 4.98
N LEU A 542 -15.46 -38.57 5.65
CA LEU A 542 -15.46 -38.64 7.11
C LEU A 542 -15.07 -40.03 7.60
N GLN A 543 -15.32 -41.06 6.79
CA GLN A 543 -14.87 -42.40 7.16
C GLN A 543 -13.35 -42.47 7.17
N ILE A 544 -12.70 -41.86 6.18
CA ILE A 544 -11.24 -41.90 6.10
C ILE A 544 -10.62 -41.05 7.20
N MET A 545 -11.16 -39.86 7.44
CA MET A 545 -10.59 -38.98 8.45
C MET A 545 -10.75 -39.56 9.86
N ASN A 546 -11.85 -40.27 10.12
CA ASN A 546 -12.06 -40.86 11.43
C ASN A 546 -11.05 -41.96 11.72
N LYS A 547 -10.46 -42.57 10.70
CA LYS A 547 -9.44 -43.58 10.93
C LYS A 547 -8.15 -42.96 11.45
N THR A 548 -7.80 -41.77 10.95
CA THR A 548 -6.62 -41.06 11.46
C THR A 548 -6.86 -40.57 12.88
N ILE A 549 -8.00 -39.90 13.11
CA ILE A 549 -8.38 -39.44 14.43
C ILE A 549 -9.89 -39.26 14.46
N SER A 550 -10.54 -39.77 15.51
CA SER A 550 -11.99 -39.78 15.58
C SER A 550 -12.58 -38.86 16.64
N LYS A 551 -11.82 -38.52 17.67
CA LYS A 551 -12.30 -37.67 18.73
C LYS A 551 -11.21 -36.69 19.13
N PRO A 552 -11.59 -35.53 19.69
CA PRO A 552 -10.57 -34.61 20.20
C PRO A 552 -9.78 -35.23 21.34
N ARG A 553 -8.51 -34.85 21.41
CA ARG A 553 -7.64 -35.37 22.46
C ARG A 553 -8.12 -34.90 23.83
N ALA A 554 -7.82 -35.72 24.84
CA ALA A 554 -8.37 -35.49 26.18
C ALA A 554 -7.91 -34.15 26.73
N SER A 555 -6.65 -33.80 26.52
CA SER A 555 -6.09 -32.56 27.04
C SER A 555 -5.27 -31.89 25.96
N ARG A 556 -5.04 -30.59 26.15
CA ARG A 556 -4.16 -29.86 25.25
C ARG A 556 -2.72 -30.31 25.44
N LYS A 557 -1.88 -29.94 24.49
CA LYS A 557 -0.48 -30.34 24.53
C LYS A 557 0.24 -29.70 25.72
N GLU A 558 1.29 -30.36 26.18
CA GLU A 558 2.03 -29.88 27.33
C GLU A 558 2.73 -28.56 27.04
N ASN A 559 3.16 -28.35 25.80
CA ASN A 559 3.79 -27.09 25.39
C ASN A 559 2.76 -26.05 24.95
N GLY A 560 1.51 -26.18 25.38
CA GLY A 560 0.47 -25.24 25.02
C GLY A 560 0.44 -24.05 25.93
N PRO A 561 -0.41 -23.08 25.59
CA PRO A 561 -0.50 -21.85 26.37
C PRO A 561 -1.04 -22.08 27.77
N VAL A 562 -0.63 -21.22 28.69
CA VAL A 562 -1.06 -21.26 30.07
C VAL A 562 -1.57 -19.87 30.46
N VAL A 563 -2.55 -19.85 31.36
CA VAL A 563 -3.09 -18.60 31.90
C VAL A 563 -3.22 -18.76 33.41
N GLU A 564 -2.61 -17.84 34.16
CA GLU A 564 -2.80 -17.79 35.61
C GLU A 564 -2.46 -16.39 36.10
N THR A 565 -2.98 -16.07 37.27
CA THR A 565 -2.87 -14.72 37.82
C THR A 565 -1.63 -14.58 38.71
N VAL A 566 -1.15 -13.34 38.80
CA VAL A 566 -0.04 -12.99 39.67
C VAL A 566 -0.48 -11.82 40.55
N GLN A 567 -0.24 -11.93 41.85
CA GLN A 567 -0.60 -10.88 42.79
C GLN A 567 0.58 -9.96 43.03
N VAL A 568 0.36 -8.66 42.86
CA VAL A 568 1.38 -7.66 43.13
C VAL A 568 0.80 -6.64 44.11
N PRO A 569 1.57 -6.19 45.09
CA PRO A 569 1.03 -5.26 46.09
C PRO A 569 0.80 -3.87 45.49
N LEU A 570 0.04 -3.07 46.25
CA LEU A 570 -0.25 -1.71 45.81
C LEU A 570 1.03 -0.87 45.69
N SER A 571 1.95 -1.04 46.65
CA SER A 571 3.18 -0.26 46.63
C SER A 571 4.04 -0.61 45.42
N LYS A 572 4.10 -1.89 45.06
CA LYS A 572 4.97 -2.32 43.97
C LYS A 572 4.34 -2.16 42.60
N ARG A 573 3.07 -1.76 42.51
CA ARG A 573 2.41 -1.62 41.22
C ARG A 573 3.07 -0.54 40.37
N ALA A 574 3.46 0.57 41.01
CA ALA A 574 4.07 1.68 40.27
C ALA A 574 5.36 1.25 39.60
N LYS A 575 6.20 0.49 40.31
CA LYS A 575 7.45 0.02 39.72
C LYS A 575 7.21 -1.09 38.71
N PHE A 576 6.22 -1.95 38.97
CA PHE A 576 5.97 -3.08 38.08
C PHE A 576 5.40 -2.62 36.73
N VAL A 577 4.38 -1.77 36.77
CA VAL A 577 3.75 -1.32 35.53
C VAL A 577 4.67 -0.37 34.76
N GLY A 578 5.37 0.50 35.47
CA GLY A 578 6.29 1.44 34.85
C GLY A 578 5.61 2.74 34.49
N PRO A 579 6.37 3.69 33.96
CA PRO A 579 5.79 4.99 33.58
C PRO A 579 4.84 4.88 32.41
N GLY A 580 3.55 5.04 32.66
CA GLY A 580 2.55 4.90 31.63
C GLY A 580 2.45 3.50 31.06
N GLY A 581 2.68 2.48 31.89
CA GLY A 581 2.63 1.12 31.40
C GLY A 581 3.80 0.70 30.57
N TYR A 582 4.92 1.45 30.63
CA TYR A 582 6.06 1.14 29.78
C TYR A 582 6.68 -0.20 30.12
N ASN A 583 6.81 -0.50 31.41
CA ASN A 583 7.45 -1.76 31.81
C ASN A 583 6.62 -2.96 31.37
N LEU A 584 5.30 -2.88 31.53
CA LEU A 584 4.45 -3.98 31.09
C LEU A 584 4.54 -4.16 29.58
N LYS A 585 4.48 -3.07 28.82
CA LYS A 585 4.59 -3.17 27.37
C LYS A 585 5.97 -3.67 26.94
N LYS A 586 7.00 -3.34 27.72
CA LYS A 586 8.34 -3.81 27.37
C LYS A 586 8.48 -5.31 27.59
N LEU A 587 8.01 -5.80 28.74
CA LEU A 587 8.12 -7.23 29.02
C LEU A 587 7.29 -8.05 28.03
N GLN A 588 6.08 -7.59 27.73
CA GLN A 588 5.20 -8.34 26.83
C GLN A 588 5.70 -8.33 25.39
N ALA A 589 6.64 -7.46 25.04
CA ALA A 589 7.11 -7.37 23.67
C ALA A 589 8.32 -8.25 23.39
N GLU A 590 9.10 -8.62 24.41
CA GLU A 590 10.28 -9.44 24.22
C GLU A 590 10.07 -10.89 24.62
N THR A 591 9.37 -11.16 25.71
CA THR A 591 9.14 -12.52 26.16
C THR A 591 7.88 -13.14 25.57
N GLY A 592 7.06 -12.37 24.87
CA GLY A 592 5.92 -12.89 24.15
C GLY A 592 4.65 -13.09 24.95
N VAL A 593 4.67 -12.85 26.25
CA VAL A 593 3.47 -13.04 27.07
C VAL A 593 2.57 -11.82 26.94
N THR A 594 1.33 -11.96 27.39
CA THR A 594 0.35 -10.87 27.39
C THR A 594 -0.15 -10.68 28.82
N ILE A 595 0.04 -9.48 29.35
CA ILE A 595 -0.31 -9.17 30.73
C ILE A 595 -1.39 -8.10 30.74
N SER A 596 -2.48 -8.38 31.46
CA SER A 596 -3.59 -7.44 31.60
C SER A 596 -3.98 -7.35 33.05
N GLN A 597 -4.42 -6.16 33.45
CA GLN A 597 -4.81 -5.91 34.84
C GLN A 597 -6.30 -6.22 35.00
N VAL A 598 -6.62 -7.17 35.87
CA VAL A 598 -8.02 -7.48 36.14
C VAL A 598 -8.59 -6.62 37.26
N ASP A 599 -7.74 -6.12 38.15
CA ASP A 599 -8.12 -5.13 39.16
C ASP A 599 -6.84 -4.56 39.74
N GLU A 600 -6.98 -3.72 40.77
CA GLU A 600 -5.84 -2.97 41.28
C GLU A 600 -4.77 -3.87 41.88
N GLU A 601 -5.09 -5.11 42.21
CA GLU A 601 -4.13 -6.02 42.86
C GLU A 601 -3.60 -7.10 41.93
N THR A 602 -4.47 -7.88 41.31
CA THR A 602 -4.06 -9.05 40.55
C THR A 602 -4.01 -8.74 39.06
N PHE A 603 -3.04 -9.36 38.39
CA PHE A 603 -2.89 -9.30 36.95
C PHE A 603 -3.02 -10.70 36.36
N SER A 604 -3.47 -10.79 35.13
CA SER A 604 -3.57 -12.05 34.41
C SER A 604 -2.48 -12.11 33.35
N VAL A 605 -1.75 -13.23 33.32
CA VAL A 605 -0.64 -13.43 32.39
C VAL A 605 -0.97 -14.60 31.48
N PHE A 606 -0.83 -14.38 30.18
CA PHE A 606 -1.01 -15.41 29.18
C PHE A 606 0.32 -15.64 28.48
N ALA A 607 0.80 -16.88 28.49
CA ALA A 607 2.03 -17.22 27.81
C ALA A 607 1.78 -18.35 26.82
N PRO A 608 2.18 -18.19 25.56
CA PRO A 608 1.91 -19.26 24.57
C PRO A 608 2.62 -20.56 24.88
N THR A 609 3.71 -20.54 25.64
CA THR A 609 4.44 -21.74 25.99
C THR A 609 4.79 -21.70 27.47
N PRO A 610 4.95 -22.86 28.11
CA PRO A 610 5.39 -22.86 29.52
C PRO A 610 6.75 -22.21 29.71
N SER A 611 7.64 -22.31 28.72
CA SER A 611 8.94 -21.63 28.83
C SER A 611 8.77 -20.12 28.84
N ALA A 612 7.82 -19.61 28.04
CA ALA A 612 7.59 -18.17 28.01
C ALA A 612 7.12 -17.67 29.37
N MET A 613 6.25 -18.42 30.05
CA MET A 613 5.82 -18.03 31.38
C MET A 613 6.94 -18.15 32.40
N HIS A 614 7.87 -19.09 32.19
CA HIS A 614 9.00 -19.23 33.10
C HIS A 614 9.86 -17.96 33.08
N GLU A 615 10.10 -17.41 31.90
CA GLU A 615 10.88 -16.17 31.81
C GLU A 615 10.15 -15.02 32.46
N ALA A 616 8.85 -14.90 32.23
CA ALA A 616 8.08 -13.80 32.79
C ALA A 616 7.83 -13.97 34.29
N ARG A 617 7.94 -15.19 34.81
CA ARG A 617 7.71 -15.40 36.23
C ARG A 617 8.87 -14.88 37.07
N ASP A 618 10.11 -15.14 36.62
CA ASP A 618 11.26 -14.62 37.35
C ASP A 618 11.37 -13.11 37.18
N PHE A 619 10.95 -12.58 36.02
CA PHE A 619 10.99 -11.14 35.80
C PHE A 619 10.05 -10.42 36.76
N ILE A 620 8.90 -11.02 37.05
CA ILE A 620 7.96 -10.41 37.99
C ILE A 620 8.51 -10.46 39.41
N THR A 621 9.10 -11.59 39.81
CA THR A 621 9.55 -11.74 41.18
C THR A 621 10.74 -10.84 41.49
N GLU A 622 11.66 -10.68 40.53
CA GLU A 622 12.83 -9.84 40.78
C GLU A 622 12.44 -8.39 40.99
N ILE A 623 11.39 -7.92 40.31
CA ILE A 623 10.87 -6.58 40.59
C ILE A 623 10.18 -6.56 41.95
N CYS A 624 9.45 -7.63 42.28
CA CYS A 624 8.73 -7.69 43.55
C CYS A 624 9.66 -7.77 44.76
N LYS A 625 10.95 -8.00 44.55
CA LYS A 625 11.91 -8.04 45.65
C LYS A 625 12.97 -6.95 45.48
N ALA B 2 25.28 33.31 -1.30
CA ALA B 2 24.48 33.55 -0.11
C ALA B 2 23.80 34.92 -0.17
N VAL B 3 22.82 35.03 -1.06
CA VAL B 3 22.09 36.28 -1.24
C VAL B 3 21.01 36.39 -0.18
N ALA B 4 20.91 37.55 0.45
CA ALA B 4 19.91 37.81 1.48
C ALA B 4 18.88 38.79 0.95
N VAL B 5 17.61 38.51 1.26
CA VAL B 5 16.48 39.34 0.84
C VAL B 5 15.74 39.78 2.09
N ASP B 6 15.53 41.09 2.22
CA ASP B 6 14.86 41.66 3.38
C ASP B 6 13.38 41.84 3.06
N LEU B 7 12.52 41.21 3.86
CA LEU B 7 11.06 41.30 3.71
C LEU B 7 10.52 41.85 5.02
N GLY B 8 10.47 43.17 5.12
CA GLY B 8 10.03 43.79 6.36
C GLY B 8 10.99 43.47 7.48
N ASN B 9 10.49 42.84 8.54
CA ASN B 9 11.29 42.45 9.69
C ASN B 9 11.83 41.02 9.58
N ARG B 10 11.60 40.36 8.44
CA ARG B 10 12.06 39.00 8.22
C ARG B 10 13.21 39.00 7.23
N LYS B 11 14.16 38.10 7.44
CA LYS B 11 15.32 37.95 6.57
C LYS B 11 15.28 36.59 5.90
N LEU B 12 15.50 36.57 4.58
CA LEU B 12 15.48 35.35 3.79
C LEU B 12 16.87 35.14 3.20
N GLU B 13 17.46 33.99 3.48
CA GLU B 13 18.81 33.68 3.01
C GLU B 13 18.75 32.52 2.03
N ILE B 14 19.34 32.72 0.85
CA ILE B 14 19.34 31.72 -0.22
C ILE B 14 20.78 31.39 -0.55
N SER B 15 21.10 30.10 -0.58
CA SER B 15 22.46 29.64 -0.86
C SER B 15 22.40 28.44 -1.79
N SER B 16 23.54 28.13 -2.41
CA SER B 16 23.62 27.02 -3.35
C SER B 16 25.07 26.61 -3.51
N GLY B 17 25.27 25.45 -4.13
CA GLY B 17 26.59 24.97 -4.46
C GLY B 17 27.29 24.16 -3.38
N LYS B 18 26.62 23.83 -2.30
CA LYS B 18 27.22 23.07 -1.21
C LYS B 18 26.67 21.66 -1.08
N LEU B 19 25.35 21.51 -1.00
CA LEU B 19 24.71 20.22 -0.78
C LEU B 19 24.06 19.73 -2.07
N ALA B 20 24.12 18.41 -2.28
CA ALA B 20 23.45 17.74 -3.40
C ALA B 20 23.85 18.35 -4.75
N ARG B 21 25.14 18.22 -5.05
CA ARG B 21 25.68 18.80 -6.26
C ARG B 21 25.43 17.95 -7.51
N PHE B 22 24.99 16.70 -7.35
CA PHE B 22 24.73 15.87 -8.51
C PHE B 22 23.40 16.22 -9.19
N ALA B 23 22.46 16.78 -8.44
CA ALA B 23 21.16 17.13 -9.01
C ALA B 23 21.31 18.24 -10.04
N ASP B 24 20.34 18.29 -10.96
CA ASP B 24 20.34 19.32 -12.00
C ASP B 24 20.28 20.71 -11.37
N GLY B 25 19.45 20.88 -10.36
CA GLY B 25 19.40 22.12 -9.61
C GLY B 25 19.18 21.83 -8.15
N SER B 26 19.74 22.69 -7.30
CA SER B 26 19.63 22.51 -5.86
C SER B 26 19.84 23.86 -5.19
N ALA B 27 19.09 24.09 -4.11
CA ALA B 27 19.19 25.33 -3.38
C ALA B 27 18.79 25.10 -1.93
N VAL B 28 19.27 25.98 -1.06
CA VAL B 28 18.91 25.97 0.36
C VAL B 28 18.38 27.34 0.72
N VAL B 29 17.17 27.38 1.29
CA VAL B 29 16.54 28.62 1.72
C VAL B 29 16.37 28.56 3.23
N GLN B 30 16.88 29.58 3.92
CA GLN B 30 16.86 29.62 5.37
C GLN B 30 16.17 30.90 5.84
N SER B 31 15.24 30.77 6.77
CA SER B 31 14.60 31.91 7.41
C SER B 31 14.63 31.68 8.91
N GLY B 32 15.37 32.53 9.63
CA GLY B 32 15.58 32.30 11.04
C GLY B 32 16.46 31.09 11.27
N ASP B 33 15.94 30.08 11.96
CA ASP B 33 16.65 28.83 12.18
C ASP B 33 16.03 27.66 11.42
N THR B 34 15.16 27.94 10.46
CA THR B 34 14.55 26.90 9.63
C THR B 34 15.22 26.90 8.26
N ALA B 35 15.72 25.74 7.85
CA ALA B 35 16.40 25.59 6.57
C ALA B 35 15.71 24.51 5.75
N VAL B 36 15.48 24.80 4.48
CA VAL B 36 14.83 23.87 3.56
C VAL B 36 15.70 23.75 2.32
N MET B 37 16.00 22.51 1.93
CA MET B 37 16.75 22.24 0.71
C MET B 37 15.80 21.67 -0.33
N VAL B 38 15.85 22.23 -1.54
CA VAL B 38 15.00 21.81 -2.64
C VAL B 38 15.88 21.43 -3.82
N THR B 39 15.55 20.31 -4.45
CA THR B 39 16.29 19.81 -5.60
C THR B 39 15.34 19.62 -6.77
N ALA B 40 15.91 19.68 -7.98
CA ALA B 40 15.13 19.50 -9.21
C ALA B 40 15.93 18.64 -10.18
N VAL B 41 15.28 17.60 -10.70
CA VAL B 41 15.90 16.68 -11.65
C VAL B 41 14.98 16.54 -12.85
N SER B 42 15.55 16.68 -14.05
CA SER B 42 14.81 16.52 -15.29
C SER B 42 15.60 15.63 -16.23
N LYS B 43 14.95 14.63 -16.80
CA LYS B 43 15.60 13.72 -17.73
C LYS B 43 15.74 14.36 -19.10
N THR B 44 16.83 14.01 -19.79
CA THR B 44 17.09 14.54 -21.11
C THR B 44 16.46 13.72 -22.22
N LYS B 45 15.88 12.56 -21.90
CA LYS B 45 15.17 11.73 -22.86
C LYS B 45 13.68 11.98 -22.76
N PRO B 46 12.99 12.27 -23.87
CA PRO B 46 11.56 12.55 -23.80
C PRO B 46 10.78 11.38 -23.24
N SER B 47 9.78 11.69 -22.42
CA SER B 47 8.99 10.66 -21.78
C SER B 47 7.99 10.04 -22.76
N PRO B 48 7.71 8.74 -22.61
CA PRO B 48 6.69 8.12 -23.47
C PRO B 48 5.32 8.74 -23.33
N SER B 49 4.95 9.22 -22.14
CA SER B 49 3.66 9.86 -21.94
C SER B 49 3.66 11.23 -22.61
N GLN B 50 2.60 11.53 -23.36
CA GLN B 50 2.54 12.75 -24.16
C GLN B 50 1.93 13.90 -23.37
N PHE B 51 2.58 14.22 -22.25
CA PHE B 51 2.28 15.41 -21.48
C PHE B 51 3.51 15.74 -20.65
N MET B 52 3.37 16.70 -19.73
CA MET B 52 4.48 17.11 -18.88
C MET B 52 4.43 16.31 -17.59
N PRO B 53 5.29 15.33 -17.38
CA PRO B 53 5.26 14.52 -16.15
C PRO B 53 6.04 15.18 -15.01
N LEU B 54 5.43 16.19 -14.40
CA LEU B 54 6.02 16.91 -13.29
C LEU B 54 5.39 16.45 -11.98
N VAL B 55 6.23 16.03 -11.04
CA VAL B 55 5.77 15.57 -9.74
C VAL B 55 6.55 16.33 -8.67
N VAL B 56 5.85 16.86 -7.67
CA VAL B 56 6.45 17.59 -6.57
C VAL B 56 6.15 16.82 -5.28
N ASP B 57 7.20 16.50 -4.53
CA ASP B 57 7.07 15.80 -3.26
C ASP B 57 7.69 16.65 -2.17
N TYR B 58 6.89 17.00 -1.17
CA TYR B 58 7.33 17.78 -0.03
C TYR B 58 7.33 16.86 1.19
N ARG B 59 8.49 16.73 1.84
CA ARG B 59 8.67 15.80 2.93
C ARG B 59 9.06 16.57 4.19
N GLN B 60 8.41 16.26 5.30
CA GLN B 60 8.78 16.78 6.60
C GLN B 60 9.31 15.64 7.46
N LYS B 61 10.52 15.81 7.99
CA LYS B 61 11.10 14.79 8.85
C LYS B 61 10.42 14.71 10.21
N ALA B 62 9.56 15.67 10.53
CA ALA B 62 8.90 15.71 11.82
C ALA B 62 7.54 16.37 11.68
N ALA B 63 6.67 16.09 12.64
CA ALA B 63 5.33 16.65 12.70
C ALA B 63 5.21 17.56 13.91
N ALA B 64 4.04 18.19 14.04
CA ALA B 64 3.75 19.11 15.15
C ALA B 64 4.80 20.22 15.24
N ALA B 65 5.20 20.74 14.08
CA ALA B 65 6.22 21.78 13.97
C ALA B 65 7.55 21.31 14.54
N GLY B 66 7.95 20.10 14.16
CA GLY B 66 9.26 19.57 14.49
C GLY B 66 9.40 18.93 15.85
N ARG B 67 8.33 18.91 16.67
CA ARG B 67 8.46 18.34 18.00
C ARG B 67 8.45 16.82 17.97
N ILE B 68 7.64 16.22 17.12
CA ILE B 68 7.49 14.77 17.04
C ILE B 68 8.22 14.29 15.78
N PRO B 69 9.24 13.44 15.89
CA PRO B 69 9.85 12.89 14.69
C PRO B 69 8.88 12.02 13.91
N THR B 70 8.83 12.23 12.59
CA THR B 70 7.92 11.51 11.72
C THR B 70 8.59 10.33 11.03
N ASN B 71 9.70 10.56 10.34
CA ASN B 71 10.49 9.45 9.85
C ASN B 71 10.99 8.62 11.02
N TYR B 72 11.39 7.39 10.73
CA TYR B 72 11.42 6.18 11.58
C TYR B 72 10.07 5.47 11.54
N LEU B 73 9.07 6.04 10.88
CA LEU B 73 7.75 5.42 10.78
C LEU B 73 7.51 4.90 9.37
N ARG B 74 6.51 4.04 9.26
CA ARG B 74 6.05 3.56 7.95
C ARG B 74 5.16 4.63 7.33
N ARG B 75 4.42 4.26 6.28
CA ARG B 75 3.68 5.21 5.46
C ARG B 75 4.60 6.29 4.91
N GLU B 76 5.86 5.90 4.65
CA GLU B 76 6.93 6.75 4.14
C GLU B 76 6.90 8.15 4.75
N ILE B 77 7.15 9.16 3.93
CA ILE B 77 6.99 10.54 4.34
C ILE B 77 6.09 11.33 3.42
N GLY B 78 5.95 10.94 2.15
CA GLY B 78 5.22 11.77 1.20
C GLY B 78 3.75 11.94 1.54
N THR B 79 3.11 10.87 1.99
CA THR B 79 1.67 10.90 2.24
C THR B 79 1.39 11.50 3.61
N SER B 80 0.63 12.59 3.62
CA SER B 80 0.17 13.29 4.81
C SER B 80 -0.75 14.40 4.33
N ASP B 81 -1.66 14.84 5.21
CA ASP B 81 -2.58 15.90 4.84
C ASP B 81 -1.82 17.19 4.52
N LYS B 82 -0.97 17.63 5.44
CA LYS B 82 -0.21 18.86 5.22
C LYS B 82 0.77 18.71 4.06
N GLU B 83 1.44 17.56 3.96
CA GLU B 83 2.48 17.41 2.96
C GLU B 83 1.92 17.34 1.55
N ILE B 84 0.78 16.68 1.37
CA ILE B 84 0.15 16.64 0.05
C ILE B 84 -0.30 18.03 -0.37
N LEU B 85 -0.91 18.78 0.55
CA LEU B 85 -1.35 20.14 0.22
C LEU B 85 -0.17 21.04 -0.10
N THR B 86 0.90 20.96 0.68
CA THR B 86 2.09 21.77 0.41
C THR B 86 2.69 21.42 -0.94
N SER B 87 2.72 20.13 -1.28
CA SER B 87 3.20 19.72 -2.60
C SER B 87 2.32 20.30 -3.70
N ARG B 88 1.01 20.38 -3.46
CA ARG B 88 0.11 20.94 -4.45
C ARG B 88 0.34 22.44 -4.63
N ILE B 89 0.62 23.15 -3.54
CA ILE B 89 0.89 24.58 -3.64
C ILE B 89 2.17 24.84 -4.44
N ILE B 90 3.21 24.06 -4.17
CA ILE B 90 4.47 24.22 -4.90
C ILE B 90 4.27 23.87 -6.37
N ASP B 91 3.51 22.81 -6.65
CA ASP B 91 3.32 22.37 -8.03
C ASP B 91 2.63 23.45 -8.86
N ARG B 92 1.61 24.11 -8.30
CA ARG B 92 0.89 25.13 -9.04
C ARG B 92 1.69 26.42 -9.18
N SER B 93 2.67 26.64 -8.32
CA SER B 93 3.49 27.84 -8.42
C SER B 93 4.53 27.73 -9.54
N ILE B 94 4.94 26.52 -9.89
CA ILE B 94 6.02 26.33 -10.86
C ILE B 94 5.54 25.75 -12.17
N ARG B 95 4.39 25.08 -12.20
CA ARG B 95 3.92 24.44 -13.43
C ARG B 95 3.67 25.41 -14.57
N PRO B 96 3.02 26.56 -14.38
CA PRO B 96 2.75 27.45 -15.54
C PRO B 96 4.00 27.99 -16.20
N LEU B 97 5.14 28.03 -15.51
CA LEU B 97 6.34 28.64 -16.05
C LEU B 97 7.16 27.70 -16.92
N PHE B 98 6.78 26.43 -17.02
CA PHE B 98 7.49 25.52 -17.90
C PHE B 98 7.12 25.79 -19.35
N PRO B 99 8.06 25.61 -20.28
CA PRO B 99 7.77 25.87 -21.70
C PRO B 99 6.78 24.85 -22.26
N ALA B 100 6.09 25.27 -23.31
CA ALA B 100 5.15 24.39 -23.98
C ALA B 100 5.89 23.30 -24.75
N GLY B 101 5.34 22.09 -24.72
CA GLY B 101 5.98 20.97 -25.38
C GLY B 101 7.17 20.40 -24.66
N TYR B 102 7.29 20.63 -23.35
CA TYR B 102 8.41 20.14 -22.56
C TYR B 102 8.02 18.81 -21.90
N PHE B 103 7.90 17.78 -22.74
CA PHE B 103 7.44 16.47 -22.29
C PHE B 103 8.63 15.65 -21.78
N TYR B 104 9.15 16.08 -20.63
CA TYR B 104 10.29 15.44 -20.00
C TYR B 104 9.98 15.21 -18.53
N ASP B 105 10.35 14.03 -18.04
CA ASP B 105 10.09 13.69 -16.65
C ASP B 105 10.85 14.64 -15.73
N THR B 106 10.14 15.24 -14.78
CA THR B 106 10.71 16.24 -13.89
C THR B 106 10.21 15.99 -12.48
N GLN B 107 11.11 16.06 -11.50
CA GLN B 107 10.77 15.85 -10.12
C GLN B 107 11.39 16.94 -9.26
N VAL B 108 10.60 17.48 -8.33
CA VAL B 108 11.05 18.48 -7.38
C VAL B 108 10.84 17.91 -5.99
N LEU B 109 11.91 17.88 -5.20
CA LEU B 109 11.88 17.31 -3.86
C LEU B 109 12.31 18.34 -2.83
N CYS B 110 11.63 18.35 -1.69
CA CYS B 110 11.90 19.30 -0.61
C CYS B 110 12.26 18.53 0.65
N ASN B 111 13.46 18.77 1.17
CA ASN B 111 13.93 18.14 2.40
C ASN B 111 14.10 19.21 3.46
N LEU B 112 13.45 19.00 4.61
CA LEU B 112 13.49 19.96 5.70
C LEU B 112 14.74 19.71 6.53
N LEU B 113 15.81 20.46 6.23
CA LEU B 113 17.07 20.26 6.95
C LEU B 113 16.93 20.55 8.43
N ALA B 114 16.22 21.63 8.77
CA ALA B 114 16.00 22.00 10.16
C ALA B 114 14.73 22.82 10.25
N VAL B 115 13.99 22.65 11.35
CA VAL B 115 12.77 23.39 11.61
C VAL B 115 12.84 23.89 13.05
N ASP B 116 12.71 25.21 13.22
CA ASP B 116 12.81 25.82 14.55
C ASP B 116 11.47 25.95 15.25
N GLY B 117 10.37 25.59 14.60
CA GLY B 117 9.06 25.72 15.21
C GLY B 117 8.54 27.14 15.28
N VAL B 118 9.19 28.09 14.63
CA VAL B 118 8.78 29.48 14.61
C VAL B 118 8.47 29.94 13.19
N ASN B 119 9.39 29.69 12.27
CA ASN B 119 9.20 30.03 10.86
C ASN B 119 8.64 28.83 10.11
N GLU B 120 7.83 29.10 9.10
CA GLU B 120 7.13 28.04 8.36
C GLU B 120 7.97 27.58 7.18
N PRO B 121 8.23 26.28 7.05
CA PRO B 121 9.06 25.80 5.93
C PRO B 121 8.34 25.72 4.61
N ASP B 122 7.00 25.73 4.60
CA ASP B 122 6.27 25.55 3.35
C ASP B 122 6.46 26.74 2.41
N VAL B 123 6.48 27.95 2.96
CA VAL B 123 6.77 29.12 2.13
C VAL B 123 8.19 29.07 1.58
N LEU B 124 9.15 28.68 2.43
CA LEU B 124 10.52 28.54 1.98
C LEU B 124 10.67 27.45 0.94
N ALA B 125 9.76 26.47 0.93
CA ALA B 125 9.83 25.39 -0.04
C ALA B 125 9.47 25.88 -1.44
N ILE B 126 8.52 26.82 -1.54
CA ILE B 126 8.17 27.37 -2.84
C ILE B 126 9.32 28.21 -3.38
N ASN B 127 9.91 29.05 -2.53
CA ASN B 127 11.05 29.84 -2.96
C ASN B 127 12.24 28.95 -3.30
N GLY B 128 12.45 27.89 -2.52
CA GLY B 128 13.52 26.95 -2.83
C GLY B 128 13.33 26.26 -4.17
N ALA B 129 12.08 25.90 -4.49
CA ALA B 129 11.80 25.34 -5.80
C ALA B 129 12.06 26.36 -6.90
N SER B 130 11.83 27.65 -6.61
CA SER B 130 12.12 28.69 -7.58
C SER B 130 13.61 28.83 -7.83
N VAL B 131 14.41 28.83 -6.75
CA VAL B 131 15.85 28.99 -6.90
C VAL B 131 16.47 27.75 -7.52
N ALA B 132 16.01 26.56 -7.13
CA ALA B 132 16.56 25.33 -7.66
C ALA B 132 16.33 25.23 -9.16
N LEU B 133 15.14 25.62 -9.62
CA LEU B 133 14.88 25.61 -11.06
C LEU B 133 15.60 26.74 -11.78
N SER B 134 15.80 27.87 -11.10
CA SER B 134 16.51 29.00 -11.71
C SER B 134 17.96 28.67 -11.97
N LEU B 135 18.63 28.04 -11.02
CA LEU B 135 20.05 27.72 -11.14
C LEU B 135 20.31 26.47 -11.96
N SER B 136 19.29 25.65 -12.22
CA SER B 136 19.47 24.44 -12.99
C SER B 136 19.53 24.76 -14.48
N ASP B 137 19.88 23.76 -15.26
CA ASP B 137 19.82 23.85 -16.71
C ASP B 137 18.46 23.49 -17.27
N ILE B 138 17.49 23.21 -16.40
CA ILE B 138 16.12 22.92 -16.82
C ILE B 138 15.51 24.20 -17.37
N PRO B 139 14.99 24.21 -18.60
CA PRO B 139 14.39 25.44 -19.13
C PRO B 139 13.15 25.85 -18.35
N TRP B 140 13.26 26.97 -17.64
CA TRP B 140 12.18 27.49 -16.82
C TRP B 140 12.10 29.00 -17.04
N ASN B 141 10.89 29.54 -16.96
CA ASN B 141 10.64 30.91 -17.36
C ASN B 141 10.48 31.79 -16.12
N GLY B 142 11.59 32.35 -15.67
CA GLY B 142 11.58 33.39 -14.66
C GLY B 142 11.36 32.88 -13.26
N PRO B 143 12.09 33.44 -12.30
CA PRO B 143 11.91 33.05 -10.91
C PRO B 143 10.58 33.56 -10.36
N VAL B 144 10.07 32.85 -9.37
CA VAL B 144 8.85 33.27 -8.68
C VAL B 144 9.18 33.50 -7.22
N GLY B 145 8.42 34.40 -6.60
CA GLY B 145 8.56 34.67 -5.18
C GLY B 145 7.27 34.34 -4.46
N ALA B 146 7.39 33.74 -3.29
CA ALA B 146 6.23 33.33 -2.52
C ALA B 146 6.32 33.89 -1.11
N VAL B 147 5.25 34.56 -0.67
CA VAL B 147 5.14 35.08 0.68
C VAL B 147 3.78 34.69 1.23
N ARG B 148 3.69 34.70 2.56
CA ARG B 148 2.42 34.50 3.24
C ARG B 148 2.01 35.81 3.91
N ILE B 149 0.76 36.20 3.72
CA ILE B 149 0.24 37.45 4.25
C ILE B 149 -0.83 37.12 5.29
N GLY B 150 -0.73 37.75 6.45
CA GLY B 150 -1.73 37.58 7.49
C GLY B 150 -2.12 38.92 8.08
N ILE B 151 -3.31 38.94 8.67
CA ILE B 151 -3.84 40.11 9.35
C ILE B 151 -3.98 39.75 10.82
N ILE B 152 -3.17 40.36 11.66
CA ILE B 152 -3.09 39.99 13.07
C ILE B 152 -3.91 40.92 13.94
N ASP B 153 -3.72 42.23 13.80
CA ASP B 153 -4.47 43.22 14.57
C ASP B 153 -4.91 44.36 13.67
N GLY B 154 -5.35 44.03 12.46
CA GLY B 154 -5.65 45.03 11.46
C GLY B 154 -4.46 45.44 10.62
N GLU B 155 -3.26 44.99 10.96
CA GLU B 155 -2.05 45.26 10.20
C GLU B 155 -1.62 44.01 9.46
N TYR B 156 -0.91 44.20 8.36
CA TYR B 156 -0.54 43.11 7.46
C TYR B 156 0.89 42.68 7.76
N VAL B 157 1.07 41.38 7.95
CA VAL B 157 2.34 40.80 8.35
C VAL B 157 2.80 39.83 7.26
N VAL B 158 4.06 39.97 6.84
CA VAL B 158 4.64 39.13 5.81
C VAL B 158 5.38 37.98 6.48
N ASN B 159 5.12 36.77 5.99
CA ASN B 159 5.67 35.52 6.52
C ASN B 159 5.48 35.44 8.03
N PRO B 160 4.24 35.37 8.52
CA PRO B 160 4.02 35.37 9.96
C PRO B 160 4.58 34.12 10.62
N THR B 161 5.00 34.29 11.87
CA THR B 161 5.46 33.15 12.66
C THR B 161 4.27 32.28 13.05
N ARG B 162 4.58 31.12 13.64
CA ARG B 162 3.52 30.20 14.05
C ARG B 162 2.62 30.81 15.11
N LYS B 163 3.18 31.62 16.00
CA LYS B 163 2.36 32.27 17.02
C LYS B 163 1.45 33.33 16.42
N GLU B 164 1.92 34.03 15.38
CA GLU B 164 1.09 35.04 14.74
C GLU B 164 -0.01 34.42 13.90
N MET B 165 0.25 33.28 13.26
CA MET B 165 -0.76 32.64 12.44
C MET B 165 -1.92 32.13 13.29
N SER B 166 -1.66 31.77 14.55
CA SER B 166 -2.72 31.32 15.44
C SER B 166 -3.68 32.45 15.82
N SER B 167 -3.30 33.70 15.58
CA SER B 167 -4.14 34.85 15.87
C SER B 167 -4.44 35.67 14.62
N SER B 168 -4.21 35.10 13.44
CA SER B 168 -4.39 35.81 12.19
C SER B 168 -5.75 35.47 11.59
N THR B 169 -6.45 36.50 11.12
CA THR B 169 -7.74 36.32 10.47
C THR B 169 -7.60 35.98 8.99
N LEU B 170 -6.38 35.91 8.47
CA LEU B 170 -6.15 35.63 7.07
C LEU B 170 -4.91 34.76 6.91
N ASN B 171 -5.01 33.76 6.03
CA ASN B 171 -3.89 32.87 5.70
C ASN B 171 -3.79 32.86 4.17
N LEU B 172 -3.07 33.82 3.62
CA LEU B 172 -2.97 34.01 2.18
C LEU B 172 -1.54 33.73 1.72
N VAL B 173 -1.41 32.96 0.65
CA VAL B 173 -0.12 32.65 0.05
C VAL B 173 -0.14 33.16 -1.38
N VAL B 174 0.83 34.01 -1.73
CA VAL B 174 0.90 34.66 -3.03
C VAL B 174 2.21 34.24 -3.70
N ALA B 175 2.11 33.74 -4.92
CA ALA B 175 3.27 33.44 -5.75
C ALA B 175 3.25 34.40 -6.94
N GLY B 176 4.33 35.15 -7.11
CA GLY B 176 4.39 36.20 -8.12
C GLY B 176 5.51 35.98 -9.11
N ALA B 177 5.21 36.24 -10.38
CA ALA B 177 6.19 36.20 -11.45
C ALA B 177 6.77 37.60 -11.65
N PRO B 178 7.85 37.73 -12.44
CA PRO B 178 8.37 39.06 -12.74
C PRO B 178 7.33 39.92 -13.45
N LYS B 179 7.58 41.23 -13.41
CA LYS B 179 6.67 42.25 -13.94
C LYS B 179 5.31 42.22 -13.24
N SER B 180 5.32 41.88 -11.95
CA SER B 180 4.15 41.99 -11.07
C SER B 180 2.98 41.15 -11.58
N GLN B 181 3.28 39.92 -11.97
CA GLN B 181 2.25 38.96 -12.33
C GLN B 181 1.95 38.04 -11.15
N ILE B 182 0.78 37.39 -11.21
CA ILE B 182 0.35 36.48 -10.16
C ILE B 182 0.21 35.09 -10.77
N VAL B 183 0.89 34.12 -10.16
CA VAL B 183 0.90 32.75 -10.67
C VAL B 183 0.03 31.83 -9.81
N MET B 184 0.04 32.02 -8.49
CA MET B 184 -0.72 31.17 -7.60
C MET B 184 -1.31 31.99 -6.47
N LEU B 185 -2.54 31.67 -6.09
CA LEU B 185 -3.19 32.28 -4.94
C LEU B 185 -3.87 31.18 -4.13
N GLU B 186 -3.64 31.19 -2.83
CA GLU B 186 -4.27 30.22 -1.93
C GLU B 186 -4.54 30.91 -0.60
N ALA B 187 -5.81 31.12 -0.30
CA ALA B 187 -6.20 31.88 0.88
C ALA B 187 -7.18 31.09 1.72
N SER B 188 -7.15 31.35 3.02
CA SER B 188 -8.11 30.81 3.98
C SER B 188 -8.40 31.93 4.96
N ALA B 189 -9.46 32.69 4.68
CA ALA B 189 -9.81 33.87 5.46
C ALA B 189 -10.92 33.54 6.45
N GLU B 190 -10.98 34.35 7.51
CA GLU B 190 -12.00 34.20 8.55
C GLU B 190 -13.19 35.12 8.26
N ASN B 191 -13.78 34.93 7.08
CA ASN B 191 -14.95 35.70 6.65
C ASN B 191 -14.66 37.19 6.64
N ILE B 192 -13.51 37.55 6.06
CA ILE B 192 -13.07 38.93 6.05
C ILE B 192 -13.71 39.69 4.89
N LEU B 193 -13.67 41.01 4.97
CA LEU B 193 -14.25 41.86 3.94
C LEU B 193 -13.46 41.76 2.65
N GLN B 194 -14.15 42.02 1.54
CA GLN B 194 -13.50 41.94 0.23
C GLN B 194 -12.40 42.97 0.08
N GLN B 195 -12.62 44.19 0.56
CA GLN B 195 -11.61 45.24 0.41
C GLN B 195 -10.35 44.88 1.19
N ASP B 196 -10.49 44.35 2.41
CA ASP B 196 -9.33 43.92 3.17
C ASP B 196 -8.62 42.76 2.49
N PHE B 197 -9.38 41.83 1.91
CA PHE B 197 -8.78 40.70 1.21
C PHE B 197 -7.99 41.16 0.00
N CYS B 198 -8.53 42.11 -0.77
CA CYS B 198 -7.86 42.58 -1.97
C CYS B 198 -6.60 43.37 -1.64
N HIS B 199 -6.61 44.12 -0.53
CA HIS B 199 -5.41 44.86 -0.13
C HIS B 199 -4.28 43.91 0.23
N ALA B 200 -4.59 42.78 0.86
CA ALA B 200 -3.57 41.81 1.21
C ALA B 200 -2.89 41.25 -0.03
N ILE B 201 -3.66 41.00 -1.09
CA ILE B 201 -3.08 40.52 -2.33
C ILE B 201 -2.13 41.55 -2.92
N LYS B 202 -2.53 42.83 -2.89
CA LYS B 202 -1.67 43.88 -3.40
C LYS B 202 -0.35 43.96 -2.63
N VAL B 203 -0.43 43.86 -1.30
CA VAL B 203 0.79 43.90 -0.48
C VAL B 203 1.65 42.68 -0.76
N GLY B 204 1.04 41.51 -0.89
CA GLY B 204 1.81 40.29 -1.11
C GLY B 204 2.59 40.31 -2.40
N VAL B 205 1.98 40.79 -3.48
CA VAL B 205 2.66 40.83 -4.77
C VAL B 205 3.87 41.75 -4.72
N LYS B 206 3.76 42.84 -3.96
CA LYS B 206 4.90 43.74 -3.80
C LYS B 206 6.07 43.05 -3.13
N TYR B 207 5.80 42.21 -2.14
CA TYR B 207 6.87 41.52 -1.42
C TYR B 207 7.52 40.43 -2.30
N THR B 208 6.72 39.76 -3.14
CA THR B 208 7.30 38.72 -3.99
C THR B 208 8.25 39.31 -5.03
N GLN B 209 8.07 40.57 -5.39
CA GLN B 209 8.98 41.19 -6.35
C GLN B 209 10.36 41.39 -5.77
N GLN B 210 10.46 41.64 -4.45
CA GLN B 210 11.77 41.73 -3.82
C GLN B 210 12.50 40.39 -3.87
N ILE B 211 11.77 39.29 -3.63
CA ILE B 211 12.38 37.97 -3.69
C ILE B 211 12.88 37.67 -5.09
N ILE B 212 12.09 38.03 -6.11
CA ILE B 212 12.52 37.81 -7.49
C ILE B 212 13.79 38.60 -7.78
N GLN B 213 13.88 39.82 -7.25
CA GLN B 213 15.08 40.62 -7.44
C GLN B 213 16.29 39.94 -6.80
N GLY B 214 16.12 39.37 -5.61
CA GLY B 214 17.22 38.68 -4.97
C GLY B 214 17.65 37.42 -5.70
N ILE B 215 16.68 36.63 -6.19
CA ILE B 215 17.00 35.41 -6.91
C ILE B 215 17.73 35.73 -8.21
N GLN B 216 17.28 36.78 -8.91
CA GLN B 216 17.93 37.15 -10.17
C GLN B 216 19.37 37.58 -9.94
N GLN B 217 19.67 38.16 -8.78
CA GLN B 217 21.05 38.51 -8.47
C GLN B 217 21.91 37.27 -8.36
N LEU B 218 21.40 36.22 -7.71
CA LEU B 218 22.17 34.99 -7.55
C LEU B 218 22.34 34.28 -8.89
N VAL B 219 21.32 34.34 -9.76
CA VAL B 219 21.40 33.67 -11.05
C VAL B 219 22.51 34.28 -11.91
N LYS B 220 22.57 35.61 -11.95
CA LYS B 220 23.63 36.27 -12.72
C LYS B 220 25.00 36.04 -12.10
N GLU B 221 25.08 36.08 -10.77
CA GLU B 221 26.35 35.87 -10.09
C GLU B 221 26.87 34.45 -10.29
N THR B 222 25.99 33.46 -10.24
CA THR B 222 26.40 32.07 -10.42
C THR B 222 26.79 31.80 -11.87
N GLY B 223 26.01 32.29 -12.83
CA GLY B 223 26.31 32.05 -14.23
C GLY B 223 25.58 30.84 -14.78
N VAL B 224 24.26 30.81 -14.63
CA VAL B 224 23.47 29.68 -15.09
C VAL B 224 23.42 29.65 -16.61
N THR B 225 23.49 28.44 -17.17
CA THR B 225 23.29 28.22 -18.60
C THR B 225 22.28 27.08 -18.77
N LYS B 226 21.25 27.32 -19.57
CA LYS B 226 20.17 26.37 -19.74
C LYS B 226 20.49 25.37 -20.85
N ARG B 227 19.96 24.16 -20.69
CA ARG B 227 20.13 23.12 -21.68
C ARG B 227 19.28 23.40 -22.91
N THR B 228 19.57 22.67 -23.98
CA THR B 228 18.74 22.70 -25.17
C THR B 228 18.00 21.38 -25.28
N PRO B 229 16.69 21.34 -25.03
CA PRO B 229 15.95 20.09 -25.17
C PRO B 229 16.03 19.59 -26.61
N GLN B 230 16.14 18.27 -26.76
CA GLN B 230 16.31 17.70 -28.09
C GLN B 230 15.07 17.89 -28.95
N LYS B 231 13.92 18.15 -28.35
CA LYS B 231 12.70 18.45 -29.10
C LYS B 231 11.63 19.06 -28.21
N LEU B 232 11.05 20.16 -28.65
CA LEU B 232 9.84 20.71 -28.04
C LEU B 232 8.64 20.24 -28.84
N PHE B 233 7.64 19.71 -28.16
CA PHE B 233 6.56 18.96 -28.80
C PHE B 233 5.37 19.83 -29.16
N THR B 234 5.58 21.10 -29.44
CA THR B 234 4.51 21.93 -29.96
C THR B 234 4.25 21.57 -31.42
N PRO B 235 2.99 21.57 -31.87
CA PRO B 235 2.70 21.24 -33.27
C PRO B 235 3.28 22.29 -34.21
N SER B 236 3.66 21.83 -35.40
CA SER B 236 4.21 22.73 -36.39
C SER B 236 3.16 23.74 -36.84
N PRO B 237 3.58 24.98 -37.14
CA PRO B 237 2.61 25.99 -37.57
C PRO B 237 1.86 25.63 -38.83
N GLU B 238 2.49 24.93 -39.77
CA GLU B 238 1.83 24.61 -41.03
C GLU B 238 0.72 23.57 -40.84
N ILE B 239 0.91 22.61 -39.93
CA ILE B 239 -0.13 21.62 -39.68
C ILE B 239 -1.30 22.25 -38.93
N VAL B 240 -1.00 23.12 -37.96
CA VAL B 240 -2.06 23.77 -37.19
C VAL B 240 -2.92 24.62 -38.09
N LYS B 241 -2.30 25.39 -38.99
CA LYS B 241 -3.07 26.23 -39.90
C LYS B 241 -3.91 25.39 -40.86
N TYR B 242 -3.45 24.20 -41.21
CA TYR B 242 -4.22 23.33 -42.09
C TYR B 242 -5.41 22.72 -41.34
N THR B 243 -5.21 22.32 -40.09
CA THR B 243 -6.32 21.83 -39.29
C THR B 243 -7.37 22.91 -39.09
N HIS B 244 -6.95 24.16 -38.99
CA HIS B 244 -7.91 25.26 -38.87
C HIS B 244 -8.79 25.36 -40.10
N LYS B 245 -8.21 25.23 -41.29
CA LYS B 245 -9.00 25.31 -42.51
C LYS B 245 -9.93 24.12 -42.68
N LEU B 246 -9.70 23.03 -41.95
CA LEU B 246 -10.52 21.83 -42.10
C LEU B 246 -11.63 21.71 -41.08
N ALA B 247 -11.43 22.24 -39.87
CA ALA B 247 -12.36 21.99 -38.77
C ALA B 247 -12.92 23.27 -38.15
N MET B 248 -12.60 24.45 -38.69
CA MET B 248 -13.08 25.68 -38.08
C MET B 248 -14.60 25.80 -38.19
N GLU B 249 -15.15 25.56 -39.39
CA GLU B 249 -16.59 25.73 -39.58
C GLU B 249 -17.37 24.67 -38.82
N ARG B 250 -16.90 23.42 -38.83
CA ARG B 250 -17.60 22.37 -38.10
C ARG B 250 -17.56 22.63 -36.60
N LEU B 251 -16.40 23.04 -36.08
CA LEU B 251 -16.30 23.32 -34.65
C LEU B 251 -17.09 24.56 -34.27
N TYR B 252 -17.15 25.55 -35.17
CA TYR B 252 -17.91 26.77 -34.88
C TYR B 252 -19.39 26.45 -34.68
N ALA B 253 -19.94 25.58 -35.55
CA ALA B 253 -21.34 25.20 -35.40
C ALA B 253 -21.58 24.47 -34.09
N VAL B 254 -20.64 23.62 -33.69
CA VAL B 254 -20.81 22.83 -32.47
C VAL B 254 -20.86 23.74 -31.24
N PHE B 255 -19.96 24.71 -31.17
CA PHE B 255 -19.89 25.57 -30.00
C PHE B 255 -20.96 26.67 -30.01
N THR B 256 -21.59 26.91 -31.16
CA THR B 256 -22.74 27.81 -31.22
C THR B 256 -24.06 27.08 -31.11
N ASP B 257 -24.04 25.75 -30.93
CA ASP B 257 -25.25 24.96 -30.73
C ASP B 257 -25.54 24.95 -29.24
N TYR B 258 -26.60 25.66 -28.84
CA TYR B 258 -26.86 25.91 -27.43
C TYR B 258 -27.69 24.82 -26.76
N GLU B 259 -28.16 23.83 -27.51
CA GLU B 259 -28.91 22.72 -26.92
C GLU B 259 -28.01 21.54 -26.57
N HIS B 260 -26.71 21.63 -26.81
CA HIS B 260 -25.79 20.57 -26.42
C HIS B 260 -25.67 20.50 -24.91
N ASP B 261 -25.50 19.28 -24.40
CA ASP B 261 -25.10 19.04 -23.03
C ASP B 261 -23.65 18.57 -23.04
N LYS B 262 -23.15 18.17 -21.86
CA LYS B 262 -21.74 17.81 -21.75
C LYS B 262 -21.38 16.64 -22.65
N VAL B 263 -22.18 15.58 -22.61
CA VAL B 263 -21.87 14.38 -23.38
C VAL B 263 -22.07 14.63 -24.87
N SER B 264 -23.19 15.26 -25.24
CA SER B 264 -23.48 15.48 -26.65
C SER B 264 -22.44 16.39 -27.31
N ARG B 265 -22.01 17.44 -26.60
CA ARG B 265 -21.00 18.34 -27.14
C ARG B 265 -19.68 17.61 -27.38
N ASP B 266 -19.28 16.76 -26.44
CA ASP B 266 -18.02 16.03 -26.59
C ASP B 266 -18.08 15.06 -27.76
N GLU B 267 -19.20 14.37 -27.94
CA GLU B 267 -19.32 13.44 -29.05
C GLU B 267 -19.33 14.16 -30.39
N ALA B 268 -19.96 15.34 -30.45
CA ALA B 268 -19.95 16.12 -31.68
C ALA B 268 -18.54 16.58 -32.03
N VAL B 269 -17.77 17.03 -31.02
CA VAL B 269 -16.39 17.42 -31.26
C VAL B 269 -15.56 16.20 -31.68
N ASN B 270 -15.77 15.07 -31.01
CA ASN B 270 -15.01 13.86 -31.32
C ASN B 270 -15.30 13.36 -32.73
N LYS B 271 -16.52 13.58 -33.22
CA LYS B 271 -16.84 13.20 -34.60
C LYS B 271 -16.00 14.01 -35.59
N ILE B 272 -15.83 15.32 -35.33
CA ILE B 272 -14.98 16.14 -36.18
C ILE B 272 -13.53 15.71 -36.04
N ARG B 273 -13.10 15.37 -34.82
CA ARG B 273 -11.71 14.96 -34.61
C ARG B 273 -11.39 13.69 -35.39
N LEU B 274 -12.29 12.71 -35.37
CA LEU B 274 -12.05 11.47 -36.09
C LEU B 274 -11.96 11.71 -37.59
N ASP B 275 -12.85 12.55 -38.13
CA ASP B 275 -12.83 12.81 -39.57
C ASP B 275 -11.64 13.66 -39.97
N THR B 276 -11.24 14.61 -39.13
CA THR B 276 -10.12 15.48 -39.48
C THR B 276 -8.79 14.76 -39.36
N GLU B 277 -8.64 13.92 -38.32
CA GLU B 277 -7.37 13.21 -38.12
C GLU B 277 -7.08 12.27 -39.27
N GLU B 278 -8.11 11.58 -39.78
CA GLU B 278 -7.91 10.69 -40.91
C GLU B 278 -7.70 11.44 -42.22
N GLN B 279 -7.67 12.77 -42.20
CA GLN B 279 -7.25 13.57 -43.34
C GLN B 279 -5.92 14.26 -43.13
N LEU B 280 -5.59 14.61 -41.87
CA LEU B 280 -4.27 15.18 -41.59
C LEU B 280 -3.17 14.17 -41.79
N LYS B 281 -3.44 12.90 -41.47
CA LYS B 281 -2.43 11.86 -41.67
C LYS B 281 -2.07 11.70 -43.14
N GLU B 282 -3.07 11.75 -44.02
CA GLU B 282 -2.79 11.64 -45.45
C GLU B 282 -2.10 12.89 -45.99
N LYS B 283 -2.44 14.07 -45.45
CA LYS B 283 -1.77 15.28 -45.89
C LYS B 283 -0.32 15.32 -45.42
N PHE B 284 -0.05 14.82 -44.21
CA PHE B 284 1.29 14.79 -43.64
C PHE B 284 1.59 13.37 -43.17
N PRO B 285 1.94 12.47 -44.10
CA PRO B 285 2.26 11.09 -43.70
C PRO B 285 3.45 10.97 -42.77
N GLU B 286 4.35 11.96 -42.77
CA GLU B 286 5.55 11.91 -41.94
C GLU B 286 5.32 12.46 -40.55
N ALA B 287 4.16 13.07 -40.28
CA ALA B 287 3.91 13.70 -38.99
C ALA B 287 3.84 12.67 -37.87
N ASP B 288 4.33 13.08 -36.70
CA ASP B 288 4.24 12.22 -35.53
C ASP B 288 2.76 11.99 -35.18
N PRO B 289 2.40 10.80 -34.72
CA PRO B 289 0.97 10.54 -34.42
C PRO B 289 0.39 11.49 -33.38
N TYR B 290 1.16 11.87 -32.37
CA TYR B 290 0.63 12.80 -31.37
C TYR B 290 0.54 14.22 -31.93
N GLU B 291 1.41 14.57 -32.87
CA GLU B 291 1.36 15.90 -33.46
C GLU B 291 0.01 16.16 -34.12
N ILE B 292 -0.61 15.12 -34.69
CA ILE B 292 -1.96 15.26 -35.21
C ILE B 292 -2.96 15.50 -34.07
N ILE B 293 -2.81 14.77 -32.97
CA ILE B 293 -3.75 14.90 -31.86
C ILE B 293 -3.68 16.31 -31.26
N GLU B 294 -2.47 16.83 -31.07
CA GLU B 294 -2.32 18.13 -30.45
C GLU B 294 -2.67 19.26 -31.43
N SER B 295 -2.49 19.04 -32.73
CA SER B 295 -2.86 20.05 -33.70
C SER B 295 -4.37 20.31 -33.67
N PHE B 296 -5.17 19.25 -33.58
CA PHE B 296 -6.61 19.43 -33.48
C PHE B 296 -7.00 20.11 -32.18
N ASN B 297 -6.29 19.78 -31.09
CA ASN B 297 -6.57 20.41 -29.81
C ASN B 297 -6.28 21.90 -29.84
N VAL B 298 -5.22 22.30 -30.55
CA VAL B 298 -4.90 23.72 -30.69
C VAL B 298 -6.00 24.44 -31.45
N VAL B 299 -6.46 23.85 -32.55
CA VAL B 299 -7.49 24.50 -33.36
C VAL B 299 -8.81 24.56 -32.60
N ALA B 300 -9.19 23.47 -31.94
CA ALA B 300 -10.45 23.45 -31.21
C ALA B 300 -10.44 24.44 -30.06
N LYS B 301 -9.32 24.54 -29.35
CA LYS B 301 -9.22 25.50 -28.25
C LYS B 301 -9.29 26.94 -28.76
N GLU B 302 -8.62 27.22 -29.89
CA GLU B 302 -8.65 28.57 -30.44
C GLU B 302 -10.05 28.95 -30.92
N VAL B 303 -10.75 28.03 -31.58
CA VAL B 303 -12.11 28.31 -32.03
C VAL B 303 -13.03 28.54 -30.84
N PHE B 304 -12.88 27.72 -29.80
CA PHE B 304 -13.72 27.86 -28.62
C PHE B 304 -13.53 29.21 -27.95
N ARG B 305 -12.28 29.67 -27.86
CA ARG B 305 -12.00 30.95 -27.20
C ARG B 305 -12.35 32.14 -28.08
N SER B 306 -12.26 32.00 -29.40
CA SER B 306 -12.56 33.11 -30.28
C SER B 306 -14.03 33.48 -30.24
N ILE B 307 -14.90 32.53 -29.92
CA ILE B 307 -16.33 32.80 -29.87
C ILE B 307 -16.66 33.70 -28.68
N VAL B 308 -16.09 33.38 -27.52
CA VAL B 308 -16.40 34.16 -26.31
C VAL B 308 -15.69 35.51 -26.37
N LEU B 309 -14.59 35.63 -27.10
CA LEU B 309 -13.89 36.90 -27.21
C LEU B 309 -14.62 37.87 -28.13
N ASN B 310 -15.13 37.38 -29.26
CA ASN B 310 -15.70 38.24 -30.28
C ASN B 310 -17.20 38.46 -30.11
N GLU B 311 -17.92 37.47 -29.57
CA GLU B 311 -19.37 37.54 -29.49
C GLU B 311 -19.90 37.63 -28.06
N TYR B 312 -19.04 37.49 -27.05
CA TYR B 312 -19.44 37.50 -25.65
C TYR B 312 -20.47 36.44 -25.33
N LYS B 313 -20.55 35.39 -26.16
CA LYS B 313 -21.53 34.33 -26.01
C LYS B 313 -20.80 33.03 -25.71
N ARG B 314 -21.30 32.31 -24.71
CA ARG B 314 -20.66 31.07 -24.26
C ARG B 314 -21.22 29.88 -25.04
N CYS B 315 -20.63 28.70 -24.80
CA CYS B 315 -20.99 27.51 -25.56
C CYS B 315 -22.40 27.02 -25.25
N ASP B 316 -22.99 27.43 -24.13
CA ASP B 316 -24.33 27.03 -23.76
C ASP B 316 -25.33 28.18 -23.80
N GLY B 317 -24.97 29.27 -24.48
CA GLY B 317 -25.87 30.40 -24.63
C GLY B 317 -25.87 31.39 -23.50
N ARG B 318 -25.11 31.14 -22.43
CA ARG B 318 -25.07 32.05 -21.30
C ARG B 318 -24.25 33.30 -21.65
N ASP B 319 -24.51 34.37 -20.90
CA ASP B 319 -23.64 35.54 -20.93
C ASP B 319 -22.55 35.38 -19.88
N LEU B 320 -21.63 36.33 -19.84
CA LEU B 320 -20.41 36.16 -19.06
C LEU B 320 -20.68 36.07 -17.56
N THR B 321 -21.72 36.75 -17.07
CA THR B 321 -21.99 36.80 -15.64
C THR B 321 -23.17 35.92 -15.22
N SER B 322 -23.66 35.05 -16.09
CA SER B 322 -24.83 34.25 -15.81
C SER B 322 -24.45 32.92 -15.17
N LEU B 323 -25.23 32.51 -14.18
CA LEU B 323 -25.03 31.23 -13.52
C LEU B 323 -25.79 30.12 -14.23
N ARG B 324 -25.45 28.88 -13.90
CA ARG B 324 -26.23 27.75 -14.34
C ARG B 324 -27.42 27.52 -13.40
N ASN B 325 -28.28 26.60 -13.79
CA ASN B 325 -29.43 26.28 -12.95
C ASN B 325 -28.97 25.66 -11.64
N VAL B 326 -29.57 26.11 -10.54
CA VAL B 326 -29.21 25.65 -9.20
C VAL B 326 -30.45 25.04 -8.56
N SER B 327 -30.33 23.79 -8.13
CA SER B 327 -31.39 23.08 -7.43
C SER B 327 -30.84 22.51 -6.14
N CYS B 328 -31.63 22.59 -5.08
CA CYS B 328 -31.21 22.12 -3.77
C CYS B 328 -32.33 21.31 -3.12
N GLU B 329 -31.95 20.24 -2.43
CA GLU B 329 -32.87 19.46 -1.62
C GLU B 329 -32.21 19.16 -0.28
N VAL B 330 -33.03 18.89 0.72
CA VAL B 330 -32.55 18.59 2.07
C VAL B 330 -33.29 17.36 2.59
N ASP B 331 -32.71 16.77 3.64
CA ASP B 331 -33.21 15.59 4.36
C ASP B 331 -33.89 14.59 3.44
N MET B 332 -33.18 14.11 2.42
CA MET B 332 -33.73 13.12 1.51
C MET B 332 -33.75 11.72 2.10
N PHE B 333 -32.95 11.46 3.13
CA PHE B 333 -32.91 10.14 3.76
C PHE B 333 -33.13 10.30 5.25
N LYS B 334 -34.05 9.50 5.79
CA LYS B 334 -34.48 9.68 7.18
C LYS B 334 -33.36 9.39 8.17
N THR B 335 -32.55 8.36 7.90
CA THR B 335 -31.55 7.92 8.88
C THR B 335 -30.33 8.82 8.95
N LEU B 336 -30.02 9.58 7.89
CA LEU B 336 -28.88 10.47 7.93
C LEU B 336 -29.12 11.62 8.90
N HIS B 337 -28.06 11.99 9.63
CA HIS B 337 -28.18 13.12 10.54
C HIS B 337 -28.46 14.41 9.79
N GLY B 338 -27.83 14.59 8.64
CA GLY B 338 -28.15 15.69 7.75
C GLY B 338 -27.76 15.31 6.34
N SER B 339 -28.52 15.83 5.38
CA SER B 339 -28.26 15.50 3.99
C SER B 339 -28.70 16.66 3.11
N ALA B 340 -28.10 16.73 1.91
CA ALA B 340 -28.43 17.75 0.94
C ALA B 340 -27.97 17.26 -0.43
N LEU B 341 -28.74 17.62 -1.45
CA LEU B 341 -28.43 17.28 -2.83
C LEU B 341 -28.35 18.58 -3.63
N PHE B 342 -27.14 19.04 -3.88
CA PHE B 342 -26.91 20.29 -4.60
C PHE B 342 -26.64 19.99 -6.07
N GLN B 343 -27.31 20.72 -6.95
CA GLN B 343 -27.15 20.56 -8.39
C GLN B 343 -26.84 21.92 -9.01
N ARG B 344 -25.81 21.97 -9.84
CA ARG B 344 -25.41 23.18 -10.56
C ARG B 344 -25.17 22.78 -12.01
N GLY B 345 -26.12 23.07 -12.87
CA GLY B 345 -26.03 22.60 -14.24
C GLY B 345 -26.06 21.08 -14.25
N GLN B 346 -25.03 20.47 -14.84
CA GLN B 346 -24.91 19.03 -14.85
C GLN B 346 -24.01 18.50 -13.74
N THR B 347 -23.54 19.37 -12.85
CA THR B 347 -22.75 18.94 -11.70
C THR B 347 -23.69 18.60 -10.55
N GLN B 348 -23.58 17.40 -10.02
CA GLN B 348 -24.43 16.92 -8.94
C GLN B 348 -23.56 16.45 -7.79
N VAL B 349 -23.86 16.93 -6.58
CA VAL B 349 -23.08 16.59 -5.40
C VAL B 349 -24.07 16.23 -4.28
N LEU B 350 -23.81 15.12 -3.61
CA LEU B 350 -24.60 14.67 -2.47
C LEU B 350 -23.76 14.87 -1.20
N CYS B 351 -24.28 15.65 -0.27
CA CYS B 351 -23.57 15.99 0.95
C CYS B 351 -24.28 15.36 2.15
N THR B 352 -23.50 14.75 3.04
CA THR B 352 -24.02 14.08 4.23
C THR B 352 -23.27 14.57 5.44
N VAL B 353 -24.00 14.78 6.54
CA VAL B 353 -23.42 15.19 7.81
C VAL B 353 -23.70 14.10 8.83
N THR B 354 -22.66 13.65 9.51
CA THR B 354 -22.77 12.63 10.55
C THR B 354 -21.98 13.07 11.77
N PHE B 355 -22.63 12.99 12.94
CA PHE B 355 -21.98 13.37 14.18
C PHE B 355 -21.15 12.21 14.73
N ASP B 356 -20.22 12.56 15.62
CA ASP B 356 -19.27 11.61 16.17
C ASP B 356 -18.98 11.91 17.63
N SER B 357 -18.43 10.90 18.30
CA SER B 357 -17.87 11.11 19.62
C SER B 357 -16.73 12.11 19.53
N LEU B 358 -16.71 13.03 20.49
CA LEU B 358 -15.67 14.05 20.50
C LEU B 358 -14.29 13.44 20.68
N GLU B 359 -14.16 12.47 21.57
CA GLU B 359 -12.85 11.95 21.95
C GLU B 359 -12.33 10.94 20.93
N SER B 360 -13.03 9.81 20.78
CA SER B 360 -12.53 8.74 19.93
C SER B 360 -12.52 9.11 18.46
N GLY B 361 -13.31 10.10 18.04
CA GLY B 361 -13.37 10.44 16.64
C GLY B 361 -12.09 11.06 16.13
N ILE B 362 -11.58 12.07 16.84
CA ILE B 362 -10.48 12.86 16.32
C ILE B 362 -9.11 12.32 16.73
N LYS B 363 -9.02 11.62 17.85
CA LYS B 363 -7.75 11.10 18.34
C LYS B 363 -7.50 9.71 17.76
N SER B 364 -6.36 9.55 17.10
CA SER B 364 -6.00 8.28 16.50
C SER B 364 -5.52 7.29 17.56
N ASP B 365 -5.28 6.06 17.13
CA ASP B 365 -4.85 5.01 18.06
C ASP B 365 -3.47 5.33 18.63
N GLN B 366 -2.51 5.63 17.77
CA GLN B 366 -1.15 5.95 18.19
C GLN B 366 -1.01 7.47 18.20
N VAL B 367 -0.64 8.03 19.35
CA VAL B 367 -0.52 9.48 19.46
C VAL B 367 0.61 9.99 18.59
N ILE B 368 1.60 9.15 18.31
CA ILE B 368 2.66 9.52 17.37
C ILE B 368 2.11 9.56 15.96
N THR B 369 1.29 8.57 15.59
CA THR B 369 0.72 8.49 14.25
C THR B 369 -0.24 9.65 13.96
N ALA B 370 -0.79 10.28 15.01
CA ALA B 370 -1.62 11.46 14.83
C ALA B 370 -0.76 12.67 14.47
N ILE B 371 -0.13 12.64 13.30
CA ILE B 371 0.71 13.74 12.85
C ILE B 371 -0.16 14.96 12.52
N ASN B 372 -1.26 14.73 11.79
CA ASN B 372 -2.32 15.74 11.64
C ASN B 372 -3.20 15.59 12.87
N GLY B 373 -2.70 16.15 13.98
CA GLY B 373 -3.20 15.75 15.28
C GLY B 373 -4.68 16.00 15.47
N ILE B 374 -5.14 17.20 15.13
CA ILE B 374 -6.51 17.59 15.43
C ILE B 374 -6.86 18.79 14.56
N LYS B 375 -8.15 18.94 14.27
CA LYS B 375 -8.68 20.15 13.68
C LYS B 375 -9.08 21.11 14.80
N ASP B 376 -8.89 22.41 14.55
CA ASP B 376 -9.08 23.40 15.62
C ASP B 376 -10.49 23.29 16.20
N LYS B 377 -11.49 23.27 15.32
CA LYS B 377 -12.82 22.83 15.69
C LYS B 377 -12.97 21.37 15.30
N ASN B 378 -13.81 20.64 16.02
CA ASN B 378 -14.02 19.22 15.74
C ASN B 378 -14.89 19.11 14.50
N PHE B 379 -14.25 19.31 13.34
CA PHE B 379 -14.96 19.42 12.08
C PHE B 379 -13.99 19.10 10.96
N MET B 380 -14.40 18.22 10.05
CA MET B 380 -13.60 17.90 8.88
C MET B 380 -14.51 17.45 7.75
N LEU B 381 -14.02 17.62 6.52
CA LEU B 381 -14.78 17.32 5.32
C LEU B 381 -14.03 16.32 4.47
N HIS B 382 -14.75 15.34 3.93
CA HIS B 382 -14.18 14.33 3.06
C HIS B 382 -14.83 14.48 1.67
N TYR B 383 -13.99 14.63 0.65
CA TYR B 383 -14.45 14.82 -0.71
C TYR B 383 -14.19 13.56 -1.50
N GLU B 384 -15.20 13.08 -2.22
CA GLU B 384 -15.11 11.86 -3.00
C GLU B 384 -15.43 12.16 -4.45
N PHE B 385 -14.63 11.60 -5.36
CA PHE B 385 -14.82 11.76 -6.80
C PHE B 385 -14.85 10.36 -7.41
N PRO B 386 -15.98 9.66 -7.27
CA PRO B 386 -16.04 8.30 -7.81
C PRO B 386 -15.91 8.31 -9.32
N PRO B 387 -15.33 7.25 -9.90
CA PRO B 387 -15.10 7.26 -11.35
C PRO B 387 -16.36 7.35 -12.19
N TYR B 388 -17.51 6.94 -11.67
CA TYR B 388 -18.73 7.03 -12.46
C TYR B 388 -19.26 8.46 -12.57
N ALA B 389 -18.69 9.41 -11.82
CA ALA B 389 -19.09 10.80 -11.97
C ALA B 389 -18.78 11.32 -13.36
N THR B 390 -17.78 10.74 -14.03
CA THR B 390 -17.42 11.10 -15.39
C THR B 390 -17.66 9.96 -16.38
N ASN B 391 -18.43 8.95 -15.97
CA ASN B 391 -18.66 7.74 -16.76
C ASN B 391 -17.33 7.10 -17.16
N GLU B 392 -16.56 6.73 -16.13
CA GLU B 392 -15.23 6.18 -16.32
C GLU B 392 -15.00 5.07 -15.32
N ILE B 393 -13.96 4.27 -15.59
CA ILE B 393 -13.50 3.22 -14.70
C ILE B 393 -12.19 3.69 -14.08
N GLY B 394 -12.13 3.72 -12.75
CA GLY B 394 -10.97 4.27 -12.08
C GLY B 394 -10.57 3.41 -10.90
N LYS B 395 -9.36 3.69 -10.41
CA LYS B 395 -8.82 3.01 -9.24
C LYS B 395 -9.58 3.49 -8.01
N VAL B 396 -10.50 2.64 -7.53
CA VAL B 396 -11.31 3.01 -6.37
C VAL B 396 -10.44 3.17 -5.12
N THR B 397 -9.27 2.54 -5.08
CA THR B 397 -8.31 2.69 -4.01
C THR B 397 -7.13 3.53 -4.51
N GLY B 398 -6.12 3.68 -3.66
CA GLY B 398 -4.95 4.45 -4.03
C GLY B 398 -5.11 5.92 -3.76
N LEU B 399 -4.04 6.57 -3.29
CA LEU B 399 -4.12 7.97 -2.88
C LEU B 399 -4.46 8.86 -4.07
N ASN B 400 -5.39 9.79 -3.84
CA ASN B 400 -5.80 10.77 -4.85
C ASN B 400 -5.45 12.15 -4.35
N ARG B 401 -4.47 12.79 -4.99
CA ARG B 401 -4.06 14.13 -4.60
C ARG B 401 -5.18 15.14 -4.86
N ARG B 402 -5.85 15.03 -6.00
CA ARG B 402 -6.93 15.95 -6.31
C ARG B 402 -8.07 15.84 -5.31
N GLU B 403 -8.42 14.61 -4.93
CA GLU B 403 -9.46 14.41 -3.93
C GLU B 403 -9.07 15.01 -2.58
N LEU B 404 -7.81 14.81 -2.18
CA LEU B 404 -7.35 15.37 -0.91
C LEU B 404 -7.35 16.90 -0.94
N GLY B 405 -6.92 17.49 -2.05
CA GLY B 405 -6.89 18.94 -2.14
C GLY B 405 -8.28 19.56 -2.13
N HIS B 406 -9.22 18.93 -2.83
CA HIS B 406 -10.58 19.46 -2.88
C HIS B 406 -11.28 19.37 -1.54
N GLY B 407 -11.01 18.32 -0.76
CA GLY B 407 -11.62 18.19 0.55
C GLY B 407 -11.18 19.28 1.50
N ALA B 408 -9.89 19.61 1.47
CA ALA B 408 -9.39 20.68 2.34
C ALA B 408 -9.88 22.05 1.89
N LEU B 409 -10.05 22.24 0.58
CA LEU B 409 -10.54 23.53 0.09
C LEU B 409 -11.98 23.78 0.53
N ALA B 410 -12.85 22.77 0.36
CA ALA B 410 -14.22 22.92 0.83
C ALA B 410 -14.30 23.00 2.34
N GLU B 411 -13.40 22.30 3.04
CA GLU B 411 -13.37 22.38 4.50
C GLU B 411 -12.96 23.77 4.97
N LYS B 412 -12.03 24.41 4.25
CA LYS B 412 -11.63 25.78 4.60
C LYS B 412 -12.78 26.75 4.41
N ALA B 413 -13.58 26.55 3.37
CA ALA B 413 -14.70 27.45 3.10
C ALA B 413 -15.73 27.43 4.22
N LEU B 414 -16.03 26.24 4.74
CA LEU B 414 -17.06 26.11 5.76
C LEU B 414 -16.52 26.26 7.18
N TYR B 415 -15.21 26.26 7.36
CA TYR B 415 -14.66 26.29 8.71
C TYR B 415 -15.01 27.55 9.50
N PRO B 416 -14.88 28.77 8.97
CA PRO B 416 -15.15 29.95 9.80
C PRO B 416 -16.58 30.07 10.30
N VAL B 417 -17.55 29.41 9.64
CA VAL B 417 -18.93 29.49 10.10
C VAL B 417 -19.31 28.33 11.02
N ILE B 418 -18.41 27.37 11.23
CA ILE B 418 -18.70 26.26 12.15
C ILE B 418 -18.71 26.79 13.58
N PRO B 419 -19.71 26.45 14.39
CA PRO B 419 -19.73 26.92 15.78
C PRO B 419 -18.60 26.27 16.58
N ARG B 420 -18.40 26.81 17.77
CA ARG B 420 -17.36 26.33 18.68
C ARG B 420 -17.99 25.58 19.84
N ASP B 421 -17.24 24.63 20.39
CA ASP B 421 -17.68 23.82 21.53
C ASP B 421 -18.95 23.04 21.20
N PHE B 422 -19.05 22.56 19.96
CA PHE B 422 -20.13 21.65 19.61
C PHE B 422 -19.94 20.31 20.32
N PRO B 423 -21.01 19.70 20.83
CA PRO B 423 -20.83 18.47 21.60
C PRO B 423 -20.26 17.30 20.81
N PHE B 424 -20.37 17.32 19.48
CA PHE B 424 -19.97 16.17 18.67
C PHE B 424 -18.96 16.62 17.62
N THR B 425 -18.26 15.63 17.06
CA THR B 425 -17.40 15.86 15.92
C THR B 425 -18.22 15.88 14.64
N ILE B 426 -18.17 16.99 13.92
CA ILE B 426 -18.96 17.18 12.71
C ILE B 426 -18.16 16.64 11.53
N ARG B 427 -18.74 15.69 10.80
CA ARG B 427 -18.10 15.09 9.64
C ARG B 427 -19.00 15.29 8.42
N VAL B 428 -18.52 16.05 7.45
CA VAL B 428 -19.25 16.30 6.22
C VAL B 428 -18.66 15.44 5.10
N THR B 429 -19.51 14.75 4.37
CA THR B 429 -19.12 13.92 3.24
C THR B 429 -19.69 14.53 1.98
N SER B 430 -18.86 14.76 0.98
CA SER B 430 -19.29 15.27 -0.31
C SER B 430 -18.98 14.23 -1.38
N GLU B 431 -20.00 13.76 -2.07
CA GLU B 431 -19.86 12.75 -3.10
C GLU B 431 -20.29 13.35 -4.43
N VAL B 432 -19.39 13.37 -5.41
CA VAL B 432 -19.67 13.92 -6.72
C VAL B 432 -20.32 12.81 -7.54
N LEU B 433 -21.64 12.86 -7.65
CA LEU B 433 -22.35 11.88 -8.47
C LEU B 433 -22.23 12.20 -9.95
N GLU B 434 -22.27 13.48 -10.30
CA GLU B 434 -21.99 13.95 -11.65
C GLU B 434 -21.07 15.15 -11.58
N SER B 435 -20.16 15.27 -12.53
CA SER B 435 -19.21 16.37 -12.57
C SER B 435 -19.19 16.98 -13.95
N ASN B 436 -19.50 18.28 -14.02
CA ASN B 436 -19.38 19.06 -15.25
C ASN B 436 -18.80 20.44 -14.96
N GLY B 437 -18.25 20.65 -13.78
CA GLY B 437 -17.76 21.95 -13.40
C GLY B 437 -17.11 21.95 -12.04
N SER B 438 -17.41 22.95 -11.22
CA SER B 438 -16.78 23.09 -9.91
C SER B 438 -17.54 22.24 -8.91
N SER B 439 -17.19 20.95 -8.86
CA SER B 439 -17.73 20.08 -7.84
C SER B 439 -17.18 20.43 -6.46
N SER B 440 -15.98 21.00 -6.40
CA SER B 440 -15.41 21.41 -5.12
C SER B 440 -16.23 22.55 -4.50
N MET B 441 -16.64 23.53 -5.30
CA MET B 441 -17.46 24.61 -4.78
C MET B 441 -18.88 24.15 -4.52
N ALA B 442 -19.38 23.19 -5.31
CA ALA B 442 -20.68 22.60 -5.01
C ALA B 442 -20.66 21.86 -3.68
N SER B 443 -19.50 21.32 -3.29
CA SER B 443 -19.37 20.71 -1.97
C SER B 443 -19.47 21.74 -0.86
N ALA B 444 -19.07 22.99 -1.14
CA ALA B 444 -19.19 24.05 -0.15
C ALA B 444 -20.66 24.43 0.05
N CYS B 445 -21.40 24.62 -1.06
CA CYS B 445 -22.80 24.98 -0.96
C CYS B 445 -23.63 23.82 -0.41
N GLY B 446 -23.43 22.62 -0.95
CA GLY B 446 -24.16 21.46 -0.45
C GLY B 446 -23.83 21.15 1.00
N GLY B 447 -22.56 21.29 1.38
CA GLY B 447 -22.20 21.09 2.77
C GLY B 447 -22.87 22.10 3.68
N SER B 448 -23.03 23.34 3.21
CA SER B 448 -23.72 24.35 4.00
C SER B 448 -25.19 23.98 4.21
N LEU B 449 -25.85 23.49 3.17
CA LEU B 449 -27.24 23.09 3.30
C LEU B 449 -27.40 21.91 4.25
N ALA B 450 -26.51 20.92 4.14
CA ALA B 450 -26.59 19.75 5.01
C ALA B 450 -26.32 20.13 6.46
N LEU B 451 -25.39 21.07 6.69
CA LEU B 451 -25.07 21.47 8.05
C LEU B 451 -26.27 22.13 8.73
N MET B 452 -26.99 22.98 8.01
CA MET B 452 -28.19 23.59 8.58
C MET B 452 -29.30 22.57 8.76
N ASP B 453 -29.38 21.58 7.87
CA ASP B 453 -30.37 20.52 7.99
C ASP B 453 -30.10 19.61 9.19
N SER B 454 -28.86 19.54 9.66
CA SER B 454 -28.52 18.72 10.81
C SER B 454 -28.85 19.39 12.13
N GLY B 455 -29.13 20.69 12.13
CA GLY B 455 -29.31 21.42 13.36
C GLY B 455 -28.07 22.08 13.91
N VAL B 456 -26.95 22.01 13.19
CA VAL B 456 -25.72 22.68 13.60
C VAL B 456 -25.91 24.18 13.44
N PRO B 457 -25.74 24.97 14.50
CA PRO B 457 -25.99 26.42 14.41
C PRO B 457 -24.83 27.20 13.77
N ILE B 458 -24.73 27.11 12.45
CA ILE B 458 -23.69 27.86 11.74
C ILE B 458 -24.07 29.33 11.67
N SER B 459 -23.04 30.17 11.53
CA SER B 459 -23.26 31.62 11.54
C SER B 459 -23.96 32.08 10.27
N SER B 460 -23.57 31.55 9.12
CA SER B 460 -24.15 31.98 7.85
C SER B 460 -23.94 30.88 6.81
N ALA B 461 -24.72 30.97 5.73
CA ALA B 461 -24.59 30.04 4.63
C ALA B 461 -23.40 30.40 3.76
N VAL B 462 -22.69 29.38 3.29
CA VAL B 462 -21.48 29.54 2.51
C VAL B 462 -21.74 29.04 1.09
N ALA B 463 -21.44 29.88 0.10
CA ALA B 463 -21.57 29.51 -1.29
C ALA B 463 -20.24 29.73 -2.00
N GLY B 464 -19.95 28.87 -2.97
CA GLY B 464 -18.73 28.97 -3.75
C GLY B 464 -19.04 28.99 -5.23
N VAL B 465 -18.07 29.48 -6.00
CA VAL B 465 -18.22 29.57 -7.45
C VAL B 465 -16.83 29.58 -8.06
N ALA B 466 -16.73 29.16 -9.31
CA ALA B 466 -15.48 29.16 -10.05
C ALA B 466 -15.57 30.16 -11.18
N ILE B 467 -14.55 31.01 -11.30
CA ILE B 467 -14.49 32.04 -12.33
C ILE B 467 -13.41 31.64 -13.32
N GLY B 468 -13.77 31.56 -14.59
CA GLY B 468 -12.81 31.30 -15.64
C GLY B 468 -12.29 32.57 -16.25
N LEU B 469 -11.47 32.40 -17.29
CA LEU B 469 -10.86 33.54 -17.96
C LEU B 469 -10.38 33.12 -19.33
N VAL B 470 -10.69 33.93 -20.33
CA VAL B 470 -10.20 33.74 -21.70
C VAL B 470 -9.50 35.01 -22.11
N THR B 471 -8.22 34.89 -22.47
CA THR B 471 -7.40 36.05 -22.82
C THR B 471 -6.99 36.00 -24.28
N LYS B 472 -6.71 37.17 -24.82
CA LYS B 472 -6.04 37.32 -26.11
C LYS B 472 -4.64 37.83 -25.82
N THR B 473 -3.63 37.13 -26.34
CA THR B 473 -2.24 37.44 -26.09
C THR B 473 -1.46 37.36 -27.39
N ASP B 474 -0.79 38.44 -27.76
CA ASP B 474 0.03 38.43 -28.96
C ASP B 474 1.28 37.56 -28.74
N PRO B 475 1.67 36.77 -29.75
CA PRO B 475 2.87 35.93 -29.58
C PRO B 475 4.17 36.68 -29.73
N GLU B 476 4.17 37.84 -30.41
CA GLU B 476 5.41 38.59 -30.60
C GLU B 476 5.98 39.09 -29.29
N LYS B 477 5.12 39.62 -28.41
CA LYS B 477 5.58 40.22 -27.16
C LYS B 477 5.08 39.49 -25.94
N GLY B 478 3.77 39.28 -25.80
CA GLY B 478 3.22 38.48 -24.72
C GLY B 478 2.35 39.19 -23.71
N GLU B 479 1.87 40.40 -24.00
CA GLU B 479 0.96 41.10 -23.10
C GLU B 479 -0.49 40.73 -23.40
N ILE B 480 -1.35 40.99 -22.42
CA ILE B 480 -2.77 40.70 -22.54
C ILE B 480 -3.48 41.94 -23.08
N GLU B 481 -4.09 41.80 -24.26
CA GLU B 481 -4.82 42.91 -24.85
C GLU B 481 -6.21 43.03 -24.23
N ASP B 482 -7.04 42.00 -24.41
CA ASP B 482 -8.38 41.99 -23.83
C ASP B 482 -8.68 40.60 -23.31
N TYR B 483 -9.66 40.53 -22.42
CA TYR B 483 -9.97 39.30 -21.70
C TYR B 483 -11.44 39.29 -21.31
N ARG B 484 -11.94 38.10 -21.04
CA ARG B 484 -13.30 37.91 -20.58
C ARG B 484 -13.28 37.06 -19.32
N LEU B 485 -14.09 37.45 -18.34
CA LEU B 485 -14.26 36.69 -17.11
C LEU B 485 -15.60 35.95 -17.17
N LEU B 486 -15.56 34.64 -16.94
CA LEU B 486 -16.74 33.80 -17.04
C LEU B 486 -17.15 33.33 -15.65
N THR B 487 -18.45 33.44 -15.36
CA THR B 487 -18.98 33.06 -14.06
C THR B 487 -19.52 31.64 -14.13
N ASP B 488 -19.13 30.81 -13.16
CA ASP B 488 -19.62 29.44 -13.05
C ASP B 488 -19.31 28.64 -14.32
N ILE B 489 -18.02 28.45 -14.56
CA ILE B 489 -17.56 27.87 -15.81
C ILE B 489 -17.91 26.38 -15.88
N LEU B 490 -18.03 25.88 -17.10
CA LEU B 490 -18.24 24.46 -17.34
C LEU B 490 -16.89 23.73 -17.32
N GLY B 491 -16.94 22.42 -17.54
CA GLY B 491 -15.71 21.66 -17.64
C GLY B 491 -14.91 22.00 -18.87
N ILE B 492 -15.59 22.22 -20.01
CA ILE B 492 -14.89 22.57 -21.23
C ILE B 492 -14.31 23.97 -21.14
N GLU B 493 -15.02 24.89 -20.47
CA GLU B 493 -14.50 26.23 -20.30
C GLU B 493 -13.26 26.26 -19.40
N ASP B 494 -13.19 25.34 -18.44
CA ASP B 494 -11.98 25.21 -17.63
C ASP B 494 -10.85 24.57 -18.43
N TYR B 495 -11.17 23.56 -19.24
CA TYR B 495 -10.15 22.88 -20.03
C TYR B 495 -9.53 23.81 -21.07
N ASN B 496 -10.36 24.61 -21.74
CA ASN B 496 -9.90 25.53 -22.77
C ASN B 496 -9.65 26.94 -22.24
N GLY B 497 -9.78 27.15 -20.94
CA GLY B 497 -9.62 28.46 -20.35
C GLY B 497 -8.19 28.73 -19.91
N ASP B 498 -8.06 29.68 -18.99
CA ASP B 498 -6.76 30.11 -18.50
C ASP B 498 -6.62 30.06 -16.99
N MET B 499 -7.69 29.80 -16.25
CA MET B 499 -7.68 29.94 -14.80
C MET B 499 -9.00 29.41 -14.24
N ASP B 500 -8.91 28.81 -13.06
CA ASP B 500 -10.06 28.23 -12.36
C ASP B 500 -10.09 28.89 -10.97
N PHE B 501 -10.77 30.03 -10.89
CA PHE B 501 -10.74 30.89 -9.71
C PHE B 501 -11.87 30.49 -8.77
N LYS B 502 -11.59 29.47 -7.97
CA LYS B 502 -12.57 28.96 -7.01
C LYS B 502 -12.49 29.79 -5.74
N ILE B 503 -13.57 30.48 -5.41
CA ILE B 503 -13.63 31.31 -4.21
C ILE B 503 -14.99 31.12 -3.56
N ALA B 504 -14.99 30.99 -2.24
CA ALA B 504 -16.20 30.75 -1.48
C ALA B 504 -16.27 31.75 -0.32
N GLY B 505 -17.48 31.96 0.18
CA GLY B 505 -17.67 32.84 1.31
C GLY B 505 -19.13 32.99 1.64
N THR B 506 -19.39 33.76 2.68
CA THR B 506 -20.75 34.07 3.09
C THR B 506 -21.23 35.28 2.29
N ASN B 507 -22.43 35.77 2.61
CA ASN B 507 -22.99 36.91 1.90
C ASN B 507 -22.26 38.21 2.20
N LYS B 508 -21.39 38.25 3.21
CA LYS B 508 -20.72 39.47 3.60
C LYS B 508 -19.21 39.28 3.78
N GLY B 509 -18.63 38.22 3.21
CA GLY B 509 -17.21 38.02 3.39
C GLY B 509 -16.68 36.92 2.49
N ILE B 510 -15.38 36.72 2.56
CA ILE B 510 -14.66 35.70 1.81
C ILE B 510 -14.03 34.74 2.79
N THR B 511 -14.23 33.44 2.57
CA THR B 511 -13.70 32.42 3.48
C THR B 511 -12.58 31.58 2.89
N ALA B 512 -12.56 31.38 1.57
CA ALA B 512 -11.53 30.54 0.98
C ALA B 512 -11.32 30.96 -0.47
N LEU B 513 -10.11 30.70 -0.98
CA LEU B 513 -9.77 31.02 -2.34
C LEU B 513 -8.68 30.07 -2.82
N GLN B 514 -8.79 29.65 -4.08
CA GLN B 514 -7.74 28.84 -4.72
C GLN B 514 -7.75 29.19 -6.20
N ALA B 515 -6.71 29.89 -6.65
CA ALA B 515 -6.60 30.31 -8.04
C ALA B 515 -5.69 29.35 -8.79
N ASP B 516 -6.26 28.58 -9.71
CA ASP B 516 -5.51 27.65 -10.54
C ASP B 516 -5.20 28.32 -11.87
N ILE B 517 -4.18 29.18 -11.85
CA ILE B 517 -3.82 29.96 -13.03
C ILE B 517 -2.95 29.11 -13.94
N LYS B 518 -3.44 28.87 -15.15
CA LYS B 518 -2.70 28.12 -16.16
C LYS B 518 -1.82 29.01 -17.03
N LEU B 519 -1.97 30.32 -16.92
CA LEU B 519 -1.10 31.24 -17.65
C LEU B 519 0.17 31.50 -16.86
N PRO B 520 1.24 31.95 -17.54
CA PRO B 520 2.48 32.33 -16.82
C PRO B 520 2.35 33.67 -16.12
N GLY B 521 1.36 33.78 -15.24
CA GLY B 521 1.10 35.01 -14.51
C GLY B 521 -0.01 35.83 -15.12
N ILE B 522 -0.82 36.44 -14.26
CA ILE B 522 -1.90 37.32 -14.72
C ILE B 522 -1.79 38.65 -13.98
N PRO B 523 -2.23 39.75 -14.57
CA PRO B 523 -2.15 41.05 -13.89
C PRO B 523 -3.02 41.09 -12.64
N ILE B 524 -2.61 41.93 -11.70
CA ILE B 524 -3.36 42.11 -10.45
C ILE B 524 -4.75 42.63 -10.74
N LYS B 525 -4.93 43.38 -11.83
CA LYS B 525 -6.24 43.92 -12.16
C LYS B 525 -7.24 42.82 -12.43
N ILE B 526 -6.83 41.77 -13.15
CA ILE B 526 -7.75 40.68 -13.48
C ILE B 526 -8.19 39.96 -12.22
N VAL B 527 -7.30 39.81 -11.25
CA VAL B 527 -7.67 39.17 -9.99
C VAL B 527 -8.70 40.00 -9.24
N MET B 528 -8.57 41.32 -9.31
CA MET B 528 -9.49 42.20 -8.59
C MET B 528 -10.92 42.04 -9.09
N GLU B 529 -11.11 42.02 -10.41
CA GLU B 529 -12.46 41.90 -10.95
C GLU B 529 -12.99 40.47 -10.83
N ALA B 530 -12.09 39.47 -10.82
CA ALA B 530 -12.54 38.11 -10.61
C ALA B 530 -13.19 37.94 -9.24
N ILE B 531 -12.60 38.57 -8.22
CA ILE B 531 -13.21 38.53 -6.89
C ILE B 531 -14.53 39.28 -6.88
N GLN B 532 -14.58 40.46 -7.53
CA GLN B 532 -15.81 41.24 -7.54
C GLN B 532 -16.92 40.52 -8.32
N GLN B 533 -16.59 39.94 -9.46
CA GLN B 533 -17.58 39.20 -10.23
C GLN B 533 -18.09 38.00 -9.45
N ALA B 534 -17.21 37.31 -8.74
CA ALA B 534 -17.62 36.19 -7.91
C ALA B 534 -18.48 36.62 -6.73
N SER B 535 -18.32 37.87 -6.26
CA SER B 535 -19.19 38.37 -5.20
C SER B 535 -20.63 38.45 -5.67
N VAL B 536 -20.85 38.92 -6.90
CA VAL B 536 -22.20 38.99 -7.45
C VAL B 536 -22.78 37.60 -7.62
N ALA B 537 -21.99 36.67 -8.17
CA ALA B 537 -22.47 35.32 -8.39
C ALA B 537 -22.77 34.61 -7.06
N LYS B 538 -21.94 34.82 -6.06
CA LYS B 538 -22.14 34.18 -4.77
C LYS B 538 -23.45 34.62 -4.12
N LYS B 539 -23.78 35.91 -4.24
CA LYS B 539 -25.03 36.40 -3.69
C LYS B 539 -26.24 35.79 -4.40
N GLU B 540 -26.15 35.63 -5.72
CA GLU B 540 -27.25 35.01 -6.46
C GLU B 540 -27.44 33.56 -6.04
N ILE B 541 -26.34 32.82 -5.85
CA ILE B 541 -26.45 31.44 -5.39
C ILE B 541 -27.06 31.39 -4.00
N LEU B 542 -26.63 32.29 -3.10
CA LEU B 542 -27.11 32.26 -1.73
C LEU B 542 -28.61 32.52 -1.66
N GLN B 543 -29.16 33.28 -2.61
CA GLN B 543 -30.61 33.48 -2.63
C GLN B 543 -31.34 32.23 -3.04
N ILE B 544 -30.76 31.43 -3.95
CA ILE B 544 -31.39 30.18 -4.35
C ILE B 544 -31.33 29.16 -3.22
N MET B 545 -30.18 29.05 -2.55
CA MET B 545 -30.06 28.13 -1.43
C MET B 545 -30.96 28.53 -0.26
N ASN B 546 -31.13 29.83 -0.05
CA ASN B 546 -31.96 30.29 1.07
C ASN B 546 -33.41 29.90 0.89
N LYS B 547 -33.88 29.76 -0.34
CA LYS B 547 -35.25 29.30 -0.58
C LYS B 547 -35.44 27.86 -0.07
N THR B 548 -34.45 27.00 -0.32
CA THR B 548 -34.52 25.63 0.16
C THR B 548 -34.47 25.58 1.69
N ILE B 549 -33.51 26.29 2.29
CA ILE B 549 -33.42 26.41 3.74
C ILE B 549 -32.64 27.67 4.06
N SER B 550 -33.15 28.47 4.99
CA SER B 550 -32.54 29.74 5.34
C SER B 550 -31.87 29.74 6.71
N LYS B 551 -32.36 28.97 7.66
CA LYS B 551 -31.82 28.92 9.00
C LYS B 551 -31.63 27.48 9.43
N PRO B 552 -30.70 27.22 10.34
CA PRO B 552 -30.55 25.86 10.86
C PRO B 552 -31.79 25.43 11.64
N ARG B 553 -32.03 24.12 11.65
CA ARG B 553 -33.15 23.57 12.38
C ARG B 553 -32.98 23.80 13.87
N ALA B 554 -34.11 24.00 14.56
CA ALA B 554 -34.08 24.32 15.99
C ALA B 554 -33.42 23.24 16.82
N SER B 555 -33.42 22.01 16.35
CA SER B 555 -32.77 20.91 17.06
C SER B 555 -32.32 19.87 16.06
N ARG B 556 -31.41 19.00 16.50
CA ARG B 556 -30.96 17.91 15.68
C ARG B 556 -32.07 16.87 15.52
N LYS B 557 -31.89 15.96 14.57
CA LYS B 557 -32.90 14.96 14.30
C LYS B 557 -33.06 14.02 15.50
N GLU B 558 -34.28 13.51 15.67
CA GLU B 558 -34.58 12.70 16.85
C GLU B 558 -33.79 11.41 16.88
N ASN B 559 -33.34 10.93 15.73
CA ASN B 559 -32.51 9.73 15.66
C ASN B 559 -31.01 10.04 15.71
N GLY B 560 -30.64 11.19 16.24
CA GLY B 560 -29.25 11.59 16.30
C GLY B 560 -28.55 11.03 17.52
N PRO B 561 -27.27 11.34 17.64
CA PRO B 561 -26.48 10.82 18.76
C PRO B 561 -26.90 11.41 20.09
N VAL B 562 -26.65 10.66 21.15
CA VAL B 562 -26.92 11.07 22.52
C VAL B 562 -25.71 10.77 23.37
N VAL B 563 -25.35 11.71 24.25
CA VAL B 563 -24.25 11.53 25.18
C VAL B 563 -24.76 11.78 26.59
N GLU B 564 -24.72 10.74 27.43
CA GLU B 564 -25.04 10.90 28.83
C GLU B 564 -24.30 9.83 29.62
N THR B 565 -24.06 10.13 30.90
CA THR B 565 -23.22 9.30 31.76
C THR B 565 -24.06 8.24 32.46
N VAL B 566 -23.39 7.16 32.86
CA VAL B 566 -24.00 6.09 33.65
C VAL B 566 -23.08 5.79 34.83
N GLN B 567 -23.67 5.72 36.02
CA GLN B 567 -22.92 5.42 37.22
C GLN B 567 -22.60 3.93 37.30
N VAL B 568 -21.35 3.60 37.60
CA VAL B 568 -20.91 2.23 37.79
C VAL B 568 -20.27 2.15 39.18
N PRO B 569 -20.77 1.29 40.08
CA PRO B 569 -20.19 1.20 41.42
C PRO B 569 -18.73 0.78 41.37
N LEU B 570 -17.94 1.30 42.31
CA LEU B 570 -16.52 0.99 42.36
C LEU B 570 -16.28 -0.48 42.66
N SER B 571 -17.18 -1.12 43.41
CA SER B 571 -17.05 -2.55 43.65
C SER B 571 -17.29 -3.35 42.39
N LYS B 572 -18.11 -2.84 41.47
CA LYS B 572 -18.43 -3.51 40.23
C LYS B 572 -17.54 -3.07 39.06
N ARG B 573 -16.61 -2.14 39.31
CA ARG B 573 -15.79 -1.61 38.23
C ARG B 573 -14.93 -2.69 37.58
N ALA B 574 -14.39 -3.60 38.40
CA ALA B 574 -13.51 -4.64 37.87
C ALA B 574 -14.24 -5.54 36.88
N LYS B 575 -15.46 -5.94 37.21
CA LYS B 575 -16.21 -6.83 36.32
C LYS B 575 -16.73 -6.10 35.09
N PHE B 576 -17.19 -4.86 35.26
CA PHE B 576 -17.77 -4.12 34.14
C PHE B 576 -16.73 -3.81 33.08
N VAL B 577 -15.57 -3.30 33.49
CA VAL B 577 -14.53 -2.95 32.53
C VAL B 577 -13.93 -4.20 31.91
N GLY B 578 -13.73 -5.24 32.71
CA GLY B 578 -13.13 -6.46 32.23
C GLY B 578 -11.63 -6.47 32.38
N PRO B 579 -10.98 -7.55 31.95
CA PRO B 579 -9.52 -7.63 32.08
C PRO B 579 -8.80 -6.70 31.12
N GLY B 580 -8.25 -5.61 31.64
CA GLY B 580 -7.58 -4.64 30.80
C GLY B 580 -8.50 -3.94 29.82
N GLY B 581 -9.73 -3.68 30.23
CA GLY B 581 -10.68 -3.01 29.35
C GLY B 581 -11.22 -3.88 28.23
N TYR B 582 -11.18 -5.20 28.38
CA TYR B 582 -11.66 -6.08 27.33
C TYR B 582 -13.17 -5.95 27.13
N ASN B 583 -13.93 -5.89 28.22
CA ASN B 583 -15.39 -5.83 28.10
C ASN B 583 -15.84 -4.53 27.44
N LEU B 584 -15.23 -3.40 27.83
CA LEU B 584 -15.59 -2.14 27.21
C LEU B 584 -15.27 -2.13 25.72
N LYS B 585 -14.12 -2.70 25.35
CA LYS B 585 -13.76 -2.77 23.93
C LYS B 585 -14.71 -3.68 23.17
N LYS B 586 -15.15 -4.77 23.79
CA LYS B 586 -16.08 -5.68 23.13
C LYS B 586 -17.45 -5.05 22.93
N LEU B 587 -17.98 -4.43 23.97
CA LEU B 587 -19.29 -3.78 23.87
C LEU B 587 -19.25 -2.62 22.87
N GLN B 588 -18.16 -1.86 22.88
CA GLN B 588 -18.02 -0.73 21.96
C GLN B 588 -17.74 -1.15 20.53
N ALA B 589 -17.50 -2.45 20.28
CA ALA B 589 -17.27 -2.94 18.92
C ALA B 589 -18.51 -3.60 18.32
N GLU B 590 -19.26 -4.36 19.12
CA GLU B 590 -20.49 -4.95 18.62
C GLU B 590 -21.57 -3.89 18.40
N THR B 591 -21.61 -2.88 19.26
CA THR B 591 -22.45 -1.71 19.07
C THR B 591 -21.58 -0.48 18.89
N GLY B 592 -22.15 0.56 18.28
CA GLY B 592 -21.37 1.75 18.02
C GLY B 592 -21.14 2.64 19.21
N VAL B 593 -21.57 2.21 20.40
CA VAL B 593 -21.46 3.02 21.59
C VAL B 593 -19.99 3.18 21.96
N THR B 594 -19.60 4.41 22.29
CA THR B 594 -18.25 4.72 22.74
C THR B 594 -18.30 5.06 24.23
N ILE B 595 -17.54 4.32 25.03
CA ILE B 595 -17.53 4.48 26.47
C ILE B 595 -16.17 5.02 26.90
N SER B 596 -16.19 6.10 27.67
CA SER B 596 -14.98 6.71 28.21
C SER B 596 -15.17 6.93 29.70
N GLN B 597 -14.18 6.55 30.49
CA GLN B 597 -14.25 6.71 31.94
C GLN B 597 -13.95 8.15 32.30
N VAL B 598 -14.89 8.80 32.98
CA VAL B 598 -14.73 10.19 33.38
C VAL B 598 -14.04 10.24 34.73
N ASP B 599 -14.63 9.62 35.74
CA ASP B 599 -14.02 9.53 37.06
C ASP B 599 -14.03 8.09 37.56
N GLU B 600 -13.67 7.89 38.82
CA GLU B 600 -13.60 6.54 39.38
C GLU B 600 -14.96 5.88 39.54
N GLU B 601 -16.06 6.62 39.38
CA GLU B 601 -17.39 6.07 39.60
C GLU B 601 -18.36 6.25 38.43
N THR B 602 -18.03 7.06 37.43
CA THR B 602 -18.95 7.34 36.33
C THR B 602 -18.27 7.10 34.99
N PHE B 603 -19.08 6.78 33.99
CA PHE B 603 -18.61 6.56 32.62
C PHE B 603 -19.49 7.37 31.67
N SER B 604 -18.86 8.20 30.85
CA SER B 604 -19.58 8.91 29.81
C SER B 604 -19.80 8.00 28.61
N VAL B 605 -21.03 7.95 28.13
CA VAL B 605 -21.43 7.04 27.06
C VAL B 605 -21.91 7.85 25.88
N PHE B 606 -21.30 7.63 24.72
CA PHE B 606 -21.74 8.22 23.47
C PHE B 606 -22.43 7.16 22.63
N ALA B 607 -23.66 7.42 22.23
CA ALA B 607 -24.42 6.50 21.41
C ALA B 607 -24.77 7.14 20.07
N PRO B 608 -24.41 6.53 18.95
CA PRO B 608 -24.74 7.14 17.65
C PRO B 608 -26.23 7.32 17.42
N THR B 609 -27.07 6.42 17.92
CA THR B 609 -28.51 6.49 17.75
C THR B 609 -29.16 6.17 19.07
N PRO B 610 -30.40 6.64 19.29
CA PRO B 610 -31.12 6.25 20.51
C PRO B 610 -31.30 4.74 20.63
N SER B 611 -31.48 4.03 19.51
CA SER B 611 -31.55 2.57 19.56
C SER B 611 -30.21 1.97 19.95
N ALA B 612 -29.11 2.61 19.58
CA ALA B 612 -27.79 2.11 19.97
C ALA B 612 -27.62 2.15 21.49
N MET B 613 -28.09 3.22 22.14
CA MET B 613 -28.03 3.26 23.59
C MET B 613 -29.05 2.34 24.23
N HIS B 614 -30.12 1.98 23.51
CA HIS B 614 -31.02 0.96 24.02
C HIS B 614 -30.27 -0.36 24.20
N GLU B 615 -29.53 -0.77 23.17
CA GLU B 615 -28.73 -1.99 23.28
C GLU B 615 -27.66 -1.86 24.36
N ALA B 616 -26.98 -0.72 24.39
CA ALA B 616 -25.92 -0.53 25.38
C ALA B 616 -26.47 -0.57 26.80
N ARG B 617 -27.61 0.07 27.03
CA ARG B 617 -28.17 0.14 28.37
C ARG B 617 -28.55 -1.23 28.90
N ASP B 618 -29.19 -2.05 28.06
CA ASP B 618 -29.53 -3.40 28.51
C ASP B 618 -28.29 -4.28 28.67
N PHE B 619 -27.21 -3.95 27.97
CA PHE B 619 -25.97 -4.71 28.14
C PHE B 619 -25.34 -4.46 29.50
N ILE B 620 -25.23 -3.20 29.89
CA ILE B 620 -24.60 -2.88 31.18
C ILE B 620 -25.50 -3.28 32.34
N THR B 621 -26.80 -3.01 32.24
CA THR B 621 -27.72 -3.39 33.32
C THR B 621 -27.76 -4.90 33.50
N GLU B 622 -27.53 -5.66 32.43
CA GLU B 622 -27.43 -7.11 32.57
C GLU B 622 -26.24 -7.48 33.45
N ILE B 623 -25.13 -6.77 33.31
CA ILE B 623 -23.96 -7.03 34.14
C ILE B 623 -24.29 -6.77 35.61
N CYS B 624 -25.12 -5.76 35.89
CA CYS B 624 -25.50 -5.46 37.26
C CYS B 624 -26.33 -6.58 37.89
N LYS B 625 -26.88 -7.48 37.09
CA LYS B 625 -27.64 -8.63 37.59
C LYS B 625 -28.82 -8.17 38.46
N ALA C 2 15.95 -37.32 6.17
CA ALA C 2 16.76 -38.25 5.39
C ALA C 2 18.24 -38.13 5.75
N VAL C 3 18.93 -37.21 5.10
CA VAL C 3 20.35 -37.00 5.33
C VAL C 3 20.54 -36.11 6.56
N ALA C 4 21.38 -36.56 7.49
CA ALA C 4 21.66 -35.83 8.70
C ALA C 4 23.11 -35.35 8.70
N VAL C 5 23.32 -34.11 9.12
CA VAL C 5 24.64 -33.50 9.20
C VAL C 5 24.89 -33.09 10.64
N ASP C 6 26.04 -33.50 11.17
CA ASP C 6 26.44 -33.17 12.54
C ASP C 6 27.36 -31.96 12.52
N LEU C 7 27.03 -30.96 13.33
CA LEU C 7 27.85 -29.75 13.48
C LEU C 7 28.10 -29.57 14.97
N GLY C 8 29.16 -30.19 15.48
CA GLY C 8 29.43 -30.14 16.90
C GLY C 8 28.30 -30.79 17.68
N ASN C 9 27.71 -30.04 18.60
CA ASN C 9 26.58 -30.52 19.37
C ASN C 9 25.24 -30.27 18.67
N ARG C 10 25.25 -29.62 17.51
CA ARG C 10 24.04 -29.33 16.76
C ARG C 10 23.79 -30.43 15.74
N LYS C 11 22.52 -30.76 15.54
CA LYS C 11 22.11 -31.78 14.59
C LYS C 11 21.21 -31.17 13.54
N LEU C 12 21.53 -31.40 12.27
CA LEU C 12 20.77 -30.87 11.15
C LEU C 12 20.18 -32.02 10.36
N GLU C 13 18.91 -31.87 9.96
CA GLU C 13 18.22 -32.88 9.17
C GLU C 13 17.71 -32.26 7.88
N ILE C 14 17.94 -32.93 6.77
CA ILE C 14 17.51 -32.47 5.45
C ILE C 14 16.67 -33.57 4.82
N SER C 15 15.51 -33.19 4.27
CA SER C 15 14.61 -34.14 3.66
C SER C 15 13.89 -33.46 2.50
N SER C 16 13.34 -34.29 1.61
CA SER C 16 12.60 -33.79 0.45
C SER C 16 11.70 -34.89 -0.06
N GLY C 17 10.70 -34.49 -0.84
CA GLY C 17 9.80 -35.42 -1.48
C GLY C 17 8.47 -35.64 -0.79
N LYS C 18 8.16 -34.88 0.25
CA LYS C 18 6.91 -35.03 0.98
C LYS C 18 6.00 -33.83 0.87
N LEU C 19 6.54 -32.62 0.79
CA LEU C 19 5.76 -31.40 0.79
C LEU C 19 6.06 -30.59 -0.46
N ALA C 20 5.04 -29.93 -1.01
CA ALA C 20 5.17 -29.04 -2.15
C ALA C 20 5.86 -29.73 -3.32
N ARG C 21 5.32 -30.88 -3.72
CA ARG C 21 5.92 -31.66 -4.78
C ARG C 21 5.70 -31.05 -6.16
N PHE C 22 4.87 -30.02 -6.27
CA PHE C 22 4.66 -29.35 -7.56
C PHE C 22 5.76 -28.36 -7.89
N ALA C 23 6.45 -27.82 -6.90
CA ALA C 23 7.51 -26.85 -7.13
C ALA C 23 8.69 -27.52 -7.83
N ASP C 24 9.49 -26.69 -8.50
CA ASP C 24 10.68 -27.20 -9.18
C ASP C 24 11.65 -27.82 -8.19
N GLY C 25 11.83 -27.20 -7.04
CA GLY C 25 12.62 -27.77 -5.97
C GLY C 25 12.00 -27.47 -4.64
N SER C 26 12.19 -28.39 -3.69
CA SER C 26 11.65 -28.23 -2.36
C SER C 26 12.51 -29.01 -1.38
N ALA C 27 12.59 -28.51 -0.15
CA ALA C 27 13.39 -29.15 0.87
C ALA C 27 12.89 -28.71 2.24
N VAL C 28 13.07 -29.58 3.23
CA VAL C 28 12.71 -29.29 4.61
C VAL C 28 13.97 -29.48 5.46
N VAL C 29 14.44 -28.40 6.05
CA VAL C 29 15.61 -28.41 6.92
C VAL C 29 15.14 -28.25 8.35
N GLN C 30 15.50 -29.19 9.21
CA GLN C 30 15.05 -29.21 10.59
C GLN C 30 16.25 -29.24 11.52
N SER C 31 16.26 -28.37 12.51
CA SER C 31 17.24 -28.38 13.58
C SER C 31 16.48 -28.33 14.90
N GLY C 32 16.62 -29.38 15.71
CA GLY C 32 15.81 -29.50 16.91
C GLY C 32 14.34 -29.65 16.58
N ASP C 33 13.51 -28.72 17.05
CA ASP C 33 12.09 -28.72 16.76
C ASP C 33 11.69 -27.61 15.79
N THR C 34 12.67 -26.92 15.19
CA THR C 34 12.41 -25.88 14.22
C THR C 34 12.54 -26.48 12.82
N ALA C 35 11.48 -26.36 12.02
CA ALA C 35 11.45 -26.90 10.67
C ALA C 35 11.14 -25.78 9.70
N VAL C 36 11.93 -25.71 8.62
CA VAL C 36 11.76 -24.71 7.57
C VAL C 36 11.68 -25.42 6.23
N MET C 37 10.67 -25.09 5.44
CA MET C 37 10.52 -25.62 4.09
C MET C 37 10.82 -24.50 3.09
N VAL C 38 11.68 -24.78 2.13
CA VAL C 38 12.08 -23.80 1.12
C VAL C 38 11.78 -24.38 -0.25
N THR C 39 11.16 -23.58 -1.11
CA THR C 39 10.82 -23.99 -2.47
C THR C 39 11.49 -23.05 -3.46
N ALA C 40 11.86 -23.61 -4.62
CA ALA C 40 12.45 -22.84 -5.71
C ALA C 40 11.62 -23.05 -6.97
N VAL C 41 11.20 -21.96 -7.58
CA VAL C 41 10.43 -22.00 -8.82
C VAL C 41 11.12 -21.12 -9.84
N SER C 42 11.35 -21.65 -11.04
CA SER C 42 11.96 -20.90 -12.12
C SER C 42 11.16 -21.13 -13.40
N LYS C 43 10.89 -20.06 -14.13
CA LYS C 43 10.13 -20.15 -15.36
C LYS C 43 10.98 -20.67 -16.50
N THR C 44 10.33 -21.32 -17.46
CA THR C 44 11.03 -21.85 -18.63
C THR C 44 11.14 -20.85 -19.77
N LYS C 45 10.23 -19.89 -19.83
CA LYS C 45 10.27 -18.85 -20.85
C LYS C 45 11.15 -17.69 -20.40
N PRO C 46 12.10 -17.24 -21.22
CA PRO C 46 12.97 -16.14 -20.80
C PRO C 46 12.18 -14.87 -20.52
N SER C 47 12.59 -14.15 -19.48
CA SER C 47 11.92 -12.91 -19.13
C SER C 47 12.44 -11.76 -20.02
N PRO C 48 11.58 -10.80 -20.33
CA PRO C 48 12.01 -9.65 -21.13
C PRO C 48 12.88 -8.65 -20.39
N SER C 49 13.08 -8.83 -19.09
CA SER C 49 13.85 -7.88 -18.30
C SER C 49 15.32 -7.84 -18.69
N GLN C 50 15.83 -8.88 -19.33
CA GLN C 50 17.22 -8.94 -19.79
C GLN C 50 18.22 -8.86 -18.63
N PHE C 51 17.82 -9.36 -17.47
CA PHE C 51 18.74 -9.59 -16.36
C PHE C 51 18.18 -10.72 -15.51
N MET C 52 18.77 -10.95 -14.34
CA MET C 52 18.36 -12.04 -13.47
C MET C 52 17.24 -11.55 -12.56
N PRO C 53 16.01 -12.04 -12.72
CA PRO C 53 14.88 -11.50 -11.94
C PRO C 53 14.69 -12.20 -10.61
N LEU C 54 15.72 -12.88 -10.11
CA LEU C 54 15.60 -13.66 -8.89
C LEU C 54 15.12 -12.80 -7.72
N VAL C 55 14.14 -13.32 -6.99
CA VAL C 55 13.59 -12.65 -5.81
C VAL C 55 13.43 -13.68 -4.70
N VAL C 56 13.82 -13.32 -3.48
CA VAL C 56 13.72 -14.18 -2.31
C VAL C 56 12.78 -13.51 -1.32
N ASP C 57 11.82 -14.28 -0.81
CA ASP C 57 10.81 -13.77 0.13
C ASP C 57 10.77 -14.67 1.37
N TYR C 58 11.63 -14.37 2.33
CA TYR C 58 11.56 -15.04 3.62
C TYR C 58 10.34 -14.57 4.39
N ARG C 59 9.63 -15.52 5.01
CA ARG C 59 8.36 -15.24 5.65
C ARG C 59 8.34 -15.94 7.00
N GLN C 60 7.91 -15.22 8.03
CA GLN C 60 7.73 -15.78 9.37
C GLN C 60 6.26 -15.67 9.75
N LYS C 61 5.75 -16.72 10.40
CA LYS C 61 4.35 -16.79 10.78
C LYS C 61 4.08 -16.25 12.17
N ALA C 62 5.12 -15.93 12.94
CA ALA C 62 4.93 -15.45 14.31
C ALA C 62 6.19 -14.73 14.75
N ALA C 63 6.02 -13.53 15.29
CA ALA C 63 7.15 -12.76 15.80
C ALA C 63 7.45 -13.13 17.24
N ALA C 64 8.55 -12.56 17.75
CA ALA C 64 9.02 -12.81 19.12
C ALA C 64 9.29 -14.31 19.35
N ALA C 65 10.19 -14.85 18.53
CA ALA C 65 10.60 -16.25 18.62
C ALA C 65 9.41 -17.19 18.50
N GLY C 66 8.48 -16.87 17.61
CA GLY C 66 7.34 -17.73 17.37
C GLY C 66 6.34 -17.76 18.50
N ARG C 67 6.27 -16.71 19.31
CA ARG C 67 5.34 -16.68 20.44
C ARG C 67 4.07 -15.90 20.15
N ILE C 68 4.13 -14.86 19.34
CA ILE C 68 2.99 -14.03 19.01
C ILE C 68 2.67 -14.24 17.53
N PRO C 69 1.56 -14.89 17.19
CA PRO C 69 1.21 -15.08 15.77
C PRO C 69 1.00 -13.75 15.07
N THR C 70 1.47 -13.66 13.83
CA THR C 70 1.32 -12.46 13.03
C THR C 70 0.88 -12.74 11.60
N ASN C 71 0.54 -13.99 11.27
CA ASN C 71 0.20 -14.31 9.89
C ASN C 71 -1.11 -13.67 9.45
N TYR C 72 -2.06 -13.51 10.37
CA TYR C 72 -3.39 -13.02 9.99
C TYR C 72 -3.38 -11.54 9.65
N LEU C 73 -2.54 -10.74 10.30
CA LEU C 73 -2.42 -9.32 9.98
C LEU C 73 -1.47 -9.02 8.84
N ARG C 74 -1.19 -9.99 7.97
CA ARG C 74 -0.34 -9.71 6.82
C ARG C 74 -0.93 -8.61 5.95
N ARG C 75 -2.26 -8.54 5.86
CA ARG C 75 -2.90 -7.51 5.07
C ARG C 75 -2.64 -6.12 5.63
N GLU C 76 -2.69 -5.98 6.96
CA GLU C 76 -2.62 -4.67 7.61
C GLU C 76 -1.22 -4.29 8.07
N ILE C 77 -0.23 -5.19 7.95
CA ILE C 77 1.11 -4.95 8.47
C ILE C 77 2.13 -4.86 7.34
N GLY C 78 2.10 -5.82 6.41
CA GLY C 78 3.13 -5.89 5.39
C GLY C 78 4.27 -6.81 5.81
N THR C 79 5.49 -6.51 5.36
CA THR C 79 6.66 -7.33 5.65
C THR C 79 7.53 -6.64 6.69
N SER C 80 7.92 -7.38 7.73
CA SER C 80 8.74 -6.85 8.80
C SER C 80 10.18 -6.67 8.34
N ASP C 81 10.97 -5.95 9.15
CA ASP C 81 12.36 -5.70 8.79
C ASP C 81 13.22 -6.94 8.95
N LYS C 82 12.94 -7.77 9.95
CA LYS C 82 13.70 -9.00 10.13
C LYS C 82 13.52 -9.93 8.93
N GLU C 83 12.30 -10.00 8.39
CA GLU C 83 12.06 -10.82 7.21
C GLU C 83 12.83 -10.29 6.01
N ILE C 84 12.87 -8.97 5.83
CA ILE C 84 13.58 -8.40 4.69
C ILE C 84 15.08 -8.66 4.82
N LEU C 85 15.63 -8.47 6.02
CA LEU C 85 17.08 -8.68 6.21
C LEU C 85 17.47 -10.13 5.96
N THR C 86 16.64 -11.07 6.43
CA THR C 86 16.91 -12.48 6.14
C THR C 86 16.83 -12.77 4.66
N SER C 87 15.90 -12.12 3.95
CA SER C 87 15.77 -12.31 2.52
C SER C 87 17.02 -11.82 1.79
N ARG C 88 17.60 -10.70 2.23
CA ARG C 88 18.83 -10.21 1.62
C ARG C 88 19.99 -11.18 1.85
N ILE C 89 20.06 -11.77 3.05
CA ILE C 89 21.13 -12.72 3.34
C ILE C 89 21.00 -13.96 2.46
N ILE C 90 19.79 -14.48 2.31
CA ILE C 90 19.57 -15.63 1.45
C ILE C 90 19.88 -15.29 0.00
N ASP C 91 19.45 -14.10 -0.43
CA ASP C 91 19.74 -13.67 -1.80
C ASP C 91 21.23 -13.56 -2.05
N ARG C 92 21.98 -13.03 -1.07
CA ARG C 92 23.42 -12.89 -1.22
C ARG C 92 24.10 -14.26 -1.32
N SER C 93 23.57 -15.27 -0.63
CA SER C 93 24.22 -16.58 -0.60
C SER C 93 24.01 -17.36 -1.89
N ILE C 94 22.90 -17.15 -2.59
CA ILE C 94 22.55 -17.99 -3.73
C ILE C 94 22.72 -17.27 -5.07
N ARG C 95 22.69 -15.94 -5.11
CA ARG C 95 22.76 -15.23 -6.38
C ARG C 95 24.07 -15.46 -7.14
N PRO C 96 25.25 -15.38 -6.53
CA PRO C 96 26.48 -15.52 -7.32
C PRO C 96 26.66 -16.87 -8.00
N LEU C 97 25.98 -17.91 -7.53
CA LEU C 97 26.17 -19.24 -8.08
C LEU C 97 25.29 -19.52 -9.29
N PHE C 98 24.40 -18.61 -9.66
CA PHE C 98 23.62 -18.79 -10.87
C PHE C 98 24.50 -18.58 -12.09
N PRO C 99 24.31 -19.34 -13.16
CA PRO C 99 25.13 -19.15 -14.36
C PRO C 99 24.85 -17.81 -15.02
N ALA C 100 25.86 -17.30 -15.73
CA ALA C 100 25.71 -16.05 -16.45
C ALA C 100 24.77 -16.22 -17.63
N GLY C 101 23.92 -15.20 -17.85
CA GLY C 101 22.95 -15.26 -18.91
C GLY C 101 21.67 -15.98 -18.58
N TYR C 102 21.44 -16.32 -17.31
CA TYR C 102 20.24 -17.04 -16.89
C TYR C 102 19.13 -16.01 -16.61
N PHE C 103 18.56 -15.49 -17.68
CA PHE C 103 17.54 -14.44 -17.59
C PHE C 103 16.15 -15.09 -17.53
N TYR C 104 15.90 -15.77 -16.41
CA TYR C 104 14.64 -16.46 -16.19
C TYR C 104 14.11 -16.11 -14.81
N ASP C 105 12.80 -15.86 -14.74
CA ASP C 105 12.17 -15.44 -13.49
C ASP C 105 12.25 -16.55 -12.46
N THR C 106 12.98 -16.30 -11.38
CA THR C 106 13.17 -17.27 -10.32
C THR C 106 12.71 -16.67 -8.99
N GLN C 107 11.99 -17.46 -8.21
CA GLN C 107 11.56 -17.05 -6.89
C GLN C 107 11.84 -18.17 -5.90
N VAL C 108 12.32 -17.77 -4.72
CA VAL C 108 12.62 -18.70 -3.63
C VAL C 108 11.76 -18.30 -2.44
N LEU C 109 10.97 -19.26 -1.95
CA LEU C 109 10.05 -19.01 -0.84
C LEU C 109 10.49 -19.80 0.38
N CYS C 110 10.35 -19.17 1.56
CA CYS C 110 10.65 -19.82 2.83
C CYS C 110 9.37 -19.90 3.65
N ASN C 111 9.04 -21.10 4.11
CA ASN C 111 7.84 -21.36 4.89
C ASN C 111 8.26 -21.98 6.22
N LEU C 112 8.11 -21.23 7.30
CA LEU C 112 8.48 -21.71 8.63
C LEU C 112 7.39 -22.66 9.12
N LEU C 113 7.61 -23.95 8.94
CA LEU C 113 6.62 -24.94 9.37
C LEU C 113 6.45 -24.93 10.88
N ALA C 114 7.55 -24.82 11.63
CA ALA C 114 7.48 -24.79 13.08
C ALA C 114 8.72 -24.10 13.62
N VAL C 115 8.55 -23.40 14.74
CA VAL C 115 9.65 -22.76 15.45
C VAL C 115 9.51 -23.06 16.94
N ASP C 116 10.60 -23.51 17.56
CA ASP C 116 10.58 -23.90 18.96
C ASP C 116 11.05 -22.79 19.90
N GLY C 117 11.46 -21.64 19.37
CA GLY C 117 11.98 -20.59 20.21
C GLY C 117 13.38 -20.84 20.75
N VAL C 118 14.10 -21.81 20.20
CA VAL C 118 15.45 -22.13 20.62
C VAL C 118 16.42 -22.09 19.44
N ASN C 119 16.10 -22.80 18.37
CA ASN C 119 16.93 -22.85 17.17
C ASN C 119 16.42 -21.83 16.17
N GLU C 120 17.30 -20.94 15.73
CA GLU C 120 16.89 -19.87 14.83
C GLU C 120 16.62 -20.41 13.44
N PRO C 121 15.48 -20.09 12.83
CA PRO C 121 15.17 -20.62 11.50
C PRO C 121 15.84 -19.88 10.35
N ASP C 122 16.46 -18.73 10.59
CA ASP C 122 17.01 -17.95 9.48
C ASP C 122 18.21 -18.64 8.84
N VAL C 123 19.06 -19.28 9.65
CA VAL C 123 20.19 -20.01 9.09
C VAL C 123 19.71 -21.25 8.36
N LEU C 124 18.71 -21.94 8.92
CA LEU C 124 18.14 -23.10 8.23
C LEU C 124 17.50 -22.71 6.92
N ALA C 125 17.00 -21.47 6.81
CA ALA C 125 16.42 -21.02 5.56
C ALA C 125 17.48 -20.93 4.46
N ILE C 126 18.68 -20.46 4.81
CA ILE C 126 19.76 -20.39 3.82
C ILE C 126 20.14 -21.79 3.35
N ASN C 127 20.25 -22.73 4.28
CA ASN C 127 20.56 -24.11 3.91
C ASN C 127 19.45 -24.72 3.08
N GLY C 128 18.19 -24.46 3.46
CA GLY C 128 17.08 -24.98 2.68
C GLY C 128 17.05 -24.46 1.27
N ALA C 129 17.42 -23.19 1.07
CA ALA C 129 17.49 -22.64 -0.27
C ALA C 129 18.55 -23.36 -1.11
N SER C 130 19.65 -23.76 -0.49
CA SER C 130 20.68 -24.50 -1.22
C SER C 130 20.20 -25.89 -1.60
N VAL C 131 19.55 -26.59 -0.68
CA VAL C 131 19.06 -27.94 -0.98
C VAL C 131 17.97 -27.90 -2.04
N ALA C 132 17.04 -26.95 -1.91
CA ALA C 132 15.94 -26.86 -2.87
C ALA C 132 16.44 -26.59 -4.27
N LEU C 133 17.46 -25.73 -4.39
CA LEU C 133 18.03 -25.46 -5.71
C LEU C 133 18.86 -26.64 -6.21
N SER C 134 19.55 -27.33 -5.30
CA SER C 134 20.37 -28.47 -5.70
C SER C 134 19.51 -29.62 -6.22
N LEU C 135 18.39 -29.89 -5.55
CA LEU C 135 17.51 -30.97 -5.98
C LEU C 135 16.64 -30.60 -7.16
N SER C 136 16.46 -29.31 -7.42
CA SER C 136 15.63 -28.88 -8.53
C SER C 136 16.37 -29.08 -9.85
N ASP C 137 15.65 -28.85 -10.94
CA ASP C 137 16.24 -28.86 -12.27
C ASP C 137 16.75 -27.48 -12.69
N ILE C 138 16.66 -26.49 -11.82
CA ILE C 138 17.16 -25.15 -12.13
C ILE C 138 18.68 -25.19 -12.21
N PRO C 139 19.29 -24.66 -13.26
CA PRO C 139 20.77 -24.64 -13.33
C PRO C 139 21.37 -23.79 -12.23
N TRP C 140 22.07 -24.45 -11.30
CA TRP C 140 22.67 -23.77 -10.17
C TRP C 140 23.93 -24.52 -9.78
N ASN C 141 24.94 -23.78 -9.36
CA ASN C 141 26.25 -24.36 -9.09
C ASN C 141 26.22 -25.08 -7.74
N GLY C 142 27.38 -25.48 -7.25
CA GLY C 142 27.50 -26.35 -6.09
C GLY C 142 26.72 -25.89 -4.88
N PRO C 143 26.42 -26.83 -3.99
CA PRO C 143 25.63 -26.50 -2.80
C PRO C 143 26.36 -25.54 -1.87
N VAL C 144 25.58 -24.80 -1.10
CA VAL C 144 26.10 -23.82 -0.15
C VAL C 144 25.69 -24.24 1.25
N GLY C 145 26.66 -24.31 2.16
CA GLY C 145 26.38 -24.50 3.56
C GLY C 145 26.46 -23.17 4.28
N ALA C 146 25.61 -23.00 5.29
CA ALA C 146 25.56 -21.76 6.05
C ALA C 146 25.45 -22.08 7.53
N VAL C 147 26.31 -21.45 8.33
CA VAL C 147 26.28 -21.57 9.78
C VAL C 147 26.39 -20.18 10.38
N ARG C 148 26.05 -20.09 11.66
CA ARG C 148 26.24 -18.88 12.44
C ARG C 148 27.27 -19.17 13.53
N ILE C 149 28.28 -18.30 13.63
CA ILE C 149 29.34 -18.44 14.63
C ILE C 149 29.16 -17.36 15.68
N GLY C 150 29.15 -17.77 16.95
CA GLY C 150 29.11 -16.84 18.04
C GLY C 150 30.24 -17.10 19.01
N ILE C 151 30.55 -16.08 19.81
CA ILE C 151 31.60 -16.16 20.81
C ILE C 151 30.94 -15.98 22.17
N ILE C 152 30.84 -17.06 22.94
CA ILE C 152 30.26 -17.04 24.28
C ILE C 152 31.33 -17.47 25.25
N ASP C 153 31.53 -16.66 26.30
CA ASP C 153 32.55 -16.88 27.34
C ASP C 153 33.91 -17.26 26.74
N GLY C 154 34.23 -16.68 25.59
CA GLY C 154 35.51 -16.92 24.95
C GLY C 154 35.61 -18.15 24.11
N GLU C 155 34.51 -18.86 23.88
CA GLU C 155 34.50 -20.06 23.07
C GLU C 155 33.62 -19.87 21.85
N TYR C 156 33.98 -20.55 20.76
CA TYR C 156 33.27 -20.41 19.50
C TYR C 156 32.18 -21.48 19.40
N VAL C 157 30.97 -21.05 19.05
CA VAL C 157 29.79 -21.90 19.02
C VAL C 157 29.20 -21.87 17.62
N VAL C 158 28.88 -23.05 17.09
CA VAL C 158 28.25 -23.17 15.77
C VAL C 158 26.74 -23.25 15.96
N ASN C 159 26.02 -22.41 15.24
CA ASN C 159 24.57 -22.30 15.33
C ASN C 159 24.08 -22.14 16.77
N PRO C 160 24.45 -21.06 17.45
CA PRO C 160 24.05 -20.89 18.85
C PRO C 160 22.55 -20.75 18.99
N THR C 161 22.03 -21.21 20.12
CA THR C 161 20.61 -21.09 20.41
C THR C 161 20.25 -19.63 20.65
N ARG C 162 18.95 -19.38 20.82
CA ARG C 162 18.48 -18.00 20.97
C ARG C 162 19.04 -17.35 22.23
N LYS C 163 19.08 -18.09 23.34
CA LYS C 163 19.61 -17.55 24.58
C LYS C 163 21.13 -17.49 24.59
N GLU C 164 21.80 -18.13 23.64
CA GLU C 164 23.25 -18.08 23.56
C GLU C 164 23.76 -16.84 22.83
N MET C 165 23.05 -16.39 21.78
CA MET C 165 23.48 -15.17 21.10
C MET C 165 23.25 -13.94 21.95
N SER C 166 22.29 -13.99 22.89
CA SER C 166 22.07 -12.85 23.77
C SER C 166 23.29 -12.58 24.64
N SER C 167 24.04 -13.62 25.00
CA SER C 167 25.26 -13.48 25.77
C SER C 167 26.51 -13.55 24.89
N SER C 168 26.35 -13.47 23.58
CA SER C 168 27.45 -13.59 22.64
C SER C 168 27.99 -12.21 22.27
N THR C 169 29.30 -12.14 22.07
CA THR C 169 29.94 -10.91 21.61
C THR C 169 30.11 -10.87 20.09
N LEU C 170 29.61 -11.87 19.37
CA LEU C 170 29.73 -11.92 17.93
C LEU C 170 28.50 -12.59 17.35
N ASN C 171 28.03 -12.07 16.22
CA ASN C 171 26.90 -12.63 15.47
C ASN C 171 27.35 -12.66 14.02
N LEU C 172 27.97 -13.76 13.62
CA LEU C 172 28.57 -13.89 12.29
C LEU C 172 27.87 -15.02 11.54
N VAL C 173 27.51 -14.76 10.29
CA VAL C 173 26.88 -15.74 9.42
C VAL C 173 27.80 -15.95 8.22
N VAL C 174 28.18 -17.20 7.98
CA VAL C 174 29.12 -17.55 6.91
C VAL C 174 28.42 -18.54 5.97
N ALA C 175 28.43 -18.21 4.68
CA ALA C 175 27.97 -19.12 3.64
C ALA C 175 29.17 -19.57 2.83
N GLY C 176 29.33 -20.87 2.68
CA GLY C 176 30.48 -21.45 2.02
C GLY C 176 30.09 -22.27 0.81
N ALA C 177 30.90 -22.20 -0.22
CA ALA C 177 30.81 -23.02 -1.42
C ALA C 177 31.78 -24.20 -1.30
N PRO C 178 31.72 -25.15 -2.23
CA PRO C 178 32.70 -26.23 -2.20
C PRO C 178 34.12 -25.72 -2.34
N LYS C 179 35.05 -26.45 -1.73
CA LYS C 179 36.48 -26.13 -1.71
C LYS C 179 36.78 -24.90 -0.86
N SER C 180 36.01 -24.71 0.22
CA SER C 180 36.28 -23.68 1.22
C SER C 180 36.34 -22.28 0.61
N GLN C 181 35.36 -21.96 -0.22
CA GLN C 181 35.21 -20.63 -0.79
C GLN C 181 34.08 -19.91 -0.08
N ILE C 182 34.32 -18.67 0.31
CA ILE C 182 33.34 -17.87 1.03
C ILE C 182 32.45 -17.16 0.02
N VAL C 183 31.14 -17.33 0.16
CA VAL C 183 30.17 -16.72 -0.75
C VAL C 183 29.51 -15.49 -0.14
N MET C 184 29.06 -15.59 1.11
CA MET C 184 28.44 -14.48 1.80
C MET C 184 29.06 -14.34 3.18
N LEU C 185 29.19 -13.09 3.64
CA LEU C 185 29.67 -12.81 4.99
C LEU C 185 28.83 -11.69 5.57
N GLU C 186 28.41 -11.85 6.82
CA GLU C 186 27.57 -10.85 7.48
C GLU C 186 27.77 -10.98 8.98
N ALA C 187 28.32 -9.96 9.61
CA ALA C 187 28.68 -10.04 11.02
C ALA C 187 28.32 -8.76 11.75
N SER C 188 28.19 -8.87 13.07
CA SER C 188 27.98 -7.72 13.94
C SER C 188 28.54 -8.09 15.30
N ALA C 189 29.69 -7.53 15.64
CA ALA C 189 30.40 -7.86 16.87
C ALA C 189 30.40 -6.68 17.82
N GLU C 190 30.62 -6.98 19.10
CA GLU C 190 30.68 -5.96 20.14
C GLU C 190 32.12 -5.47 20.33
N ASN C 191 32.68 -4.94 19.24
CA ASN C 191 34.03 -4.37 19.23
C ASN C 191 35.06 -5.41 19.65
N ILE C 192 35.14 -6.48 18.89
CA ILE C 192 36.04 -7.58 19.17
C ILE C 192 37.32 -7.39 18.37
N LEU C 193 38.37 -8.08 18.79
CA LEU C 193 39.67 -7.95 18.15
C LEU C 193 39.64 -8.57 16.75
N GLN C 194 40.56 -8.10 15.92
CA GLN C 194 40.63 -8.59 14.54
C GLN C 194 41.02 -10.07 14.50
N GLN C 195 41.95 -10.48 15.37
CA GLN C 195 42.37 -11.88 15.38
C GLN C 195 41.24 -12.80 15.78
N ASP C 196 40.43 -12.41 16.78
CA ASP C 196 39.28 -13.20 17.16
C ASP C 196 38.26 -13.26 16.03
N PHE C 197 38.05 -12.14 15.35
CA PHE C 197 37.13 -12.11 14.22
C PHE C 197 37.60 -13.01 13.09
N CYS C 198 38.90 -13.00 12.81
CA CYS C 198 39.45 -13.82 11.73
C CYS C 198 39.35 -15.31 12.07
N HIS C 199 39.58 -15.67 13.34
CA HIS C 199 39.49 -17.07 13.73
C HIS C 199 38.08 -17.60 13.58
N ALA C 200 37.08 -16.79 13.93
CA ALA C 200 35.69 -17.23 13.81
C ALA C 200 35.31 -17.53 12.37
N ILE C 201 35.82 -16.72 11.44
CA ILE C 201 35.55 -16.99 10.03
C ILE C 201 36.13 -18.32 9.60
N LYS C 202 37.35 -18.62 10.04
CA LYS C 202 37.99 -19.89 9.68
C LYS C 202 37.20 -21.07 10.22
N VAL C 203 36.70 -20.96 11.45
CA VAL C 203 35.89 -22.03 12.03
C VAL C 203 34.60 -22.19 11.23
N GLY C 204 33.96 -21.07 10.86
CA GLY C 204 32.70 -21.14 10.16
C GLY C 204 32.80 -21.82 8.80
N VAL C 205 33.84 -21.51 8.04
CA VAL C 205 34.00 -22.09 6.71
C VAL C 205 34.20 -23.60 6.82
N LYS C 206 34.90 -24.05 7.86
CA LYS C 206 35.08 -25.48 8.06
C LYS C 206 33.75 -26.17 8.34
N TYR C 207 32.86 -25.52 9.09
CA TYR C 207 31.58 -26.12 9.42
C TYR C 207 30.66 -26.20 8.21
N THR C 208 30.71 -25.19 7.34
CA THR C 208 29.89 -25.22 6.14
C THR C 208 30.32 -26.31 5.16
N GLN C 209 31.57 -26.76 5.24
CA GLN C 209 32.03 -27.83 4.37
C GLN C 209 31.33 -29.14 4.70
N GLN C 210 31.06 -29.39 5.99
CA GLN C 210 30.35 -30.60 6.37
C GLN C 210 28.91 -30.57 5.88
N ILE C 211 28.28 -29.40 5.88
CA ILE C 211 26.92 -29.27 5.36
C ILE C 211 26.90 -29.57 3.87
N ILE C 212 27.88 -29.04 3.13
CA ILE C 212 27.95 -29.28 1.69
C ILE C 212 28.13 -30.77 1.42
N GLN C 213 28.95 -31.44 2.21
CA GLN C 213 29.16 -32.88 2.03
C GLN C 213 27.86 -33.66 2.24
N GLY C 214 27.07 -33.26 3.23
CA GLY C 214 25.79 -33.90 3.45
C GLY C 214 24.81 -33.66 2.32
N ILE C 215 24.78 -32.44 1.78
CA ILE C 215 23.86 -32.11 0.70
C ILE C 215 24.22 -32.89 -0.56
N GLN C 216 25.51 -33.02 -0.86
CA GLN C 216 25.93 -33.75 -2.05
C GLN C 216 25.52 -35.21 -1.97
N GLN C 217 25.54 -35.79 -0.77
CA GLN C 217 25.06 -37.15 -0.60
C GLN C 217 23.57 -37.27 -0.91
N LEU C 218 22.78 -36.31 -0.45
CA LEU C 218 21.35 -36.32 -0.72
C LEU C 218 21.08 -36.15 -2.20
N VAL C 219 21.84 -35.29 -2.88
CA VAL C 219 21.65 -35.08 -4.32
C VAL C 219 21.93 -36.37 -5.08
N LYS C 220 23.01 -37.07 -4.72
CA LYS C 220 23.34 -38.33 -5.38
C LYS C 220 22.26 -39.38 -5.16
N GLU C 221 21.74 -39.47 -3.92
CA GLU C 221 20.70 -40.43 -3.63
C GLU C 221 19.41 -40.12 -4.40
N THR C 222 19.06 -38.84 -4.49
CA THR C 222 17.82 -38.47 -5.16
C THR C 222 17.89 -38.72 -6.66
N GLY C 223 19.06 -38.49 -7.27
CA GLY C 223 19.19 -38.62 -8.71
C GLY C 223 18.65 -37.41 -9.44
N VAL C 224 19.31 -36.27 -9.23
CA VAL C 224 18.84 -34.99 -9.76
C VAL C 224 19.37 -34.82 -11.18
N THR C 225 18.49 -34.41 -12.09
CA THR C 225 18.88 -34.02 -13.44
C THR C 225 18.51 -32.56 -13.66
N LYS C 226 19.35 -31.85 -14.41
CA LYS C 226 19.18 -30.42 -14.63
C LYS C 226 18.58 -30.16 -16.01
N ARG C 227 17.74 -29.14 -16.08
CA ARG C 227 17.12 -28.75 -17.33
C ARG C 227 18.15 -28.14 -18.27
N THR C 228 17.84 -28.17 -19.56
CA THR C 228 18.61 -27.43 -20.54
C THR C 228 17.90 -26.11 -20.81
N PRO C 229 18.45 -24.98 -20.41
CA PRO C 229 17.74 -23.71 -20.62
C PRO C 229 17.57 -23.42 -22.10
N GLN C 230 16.49 -22.69 -22.42
CA GLN C 230 16.19 -22.37 -23.81
C GLN C 230 17.35 -21.61 -24.44
N LYS C 231 17.93 -20.67 -23.71
CA LYS C 231 19.08 -19.92 -24.20
C LYS C 231 19.77 -19.25 -23.02
N LEU C 232 21.10 -19.24 -23.05
CA LEU C 232 21.88 -18.48 -22.08
C LEU C 232 22.33 -17.19 -22.76
N PHE C 233 21.92 -16.06 -22.19
CA PHE C 233 22.09 -14.75 -22.83
C PHE C 233 23.48 -14.18 -22.51
N THR C 234 24.48 -14.83 -23.09
CA THR C 234 25.84 -14.34 -23.04
C THR C 234 26.26 -13.87 -24.43
N PRO C 235 27.05 -12.80 -24.53
CA PRO C 235 27.46 -12.31 -25.85
C PRO C 235 28.34 -13.33 -26.56
N SER C 236 28.23 -13.35 -27.87
CA SER C 236 29.02 -14.28 -28.67
C SER C 236 30.50 -13.95 -28.54
N PRO C 237 31.37 -14.97 -28.50
CA PRO C 237 32.81 -14.70 -28.42
C PRO C 237 33.34 -13.91 -29.61
N GLU C 238 32.77 -14.11 -30.80
CA GLU C 238 33.22 -13.34 -31.96
C GLU C 238 32.70 -11.91 -31.92
N ILE C 239 31.55 -11.68 -31.30
CA ILE C 239 31.04 -10.31 -31.17
C ILE C 239 31.89 -9.53 -30.18
N VAL C 240 32.25 -10.15 -29.05
CA VAL C 240 33.09 -9.49 -28.06
C VAL C 240 34.48 -9.20 -28.63
N LYS C 241 34.99 -10.12 -29.47
CA LYS C 241 36.30 -9.90 -30.08
C LYS C 241 36.29 -8.67 -30.98
N TYR C 242 35.22 -8.47 -31.75
CA TYR C 242 35.12 -7.28 -32.58
C TYR C 242 34.92 -6.04 -31.74
N THR C 243 34.10 -6.13 -30.68
CA THR C 243 33.85 -4.97 -29.83
C THR C 243 35.13 -4.53 -29.12
N HIS C 244 35.93 -5.50 -28.66
CA HIS C 244 37.17 -5.15 -27.98
C HIS C 244 38.11 -4.38 -28.88
N LYS C 245 38.23 -4.81 -30.15
CA LYS C 245 39.09 -4.09 -31.08
C LYS C 245 38.59 -2.68 -31.34
N LEU C 246 37.27 -2.48 -31.32
CA LEU C 246 36.71 -1.17 -31.65
C LEU C 246 36.96 -0.15 -30.55
N ALA C 247 36.79 -0.55 -29.28
CA ALA C 247 36.78 0.40 -28.18
C ALA C 247 37.86 0.13 -27.13
N MET C 248 38.93 -0.58 -27.51
CA MET C 248 40.00 -0.82 -26.54
C MET C 248 40.75 0.46 -26.22
N GLU C 249 41.14 1.21 -27.26
CA GLU C 249 41.96 2.40 -27.04
C GLU C 249 41.14 3.53 -26.44
N ARG C 250 39.90 3.72 -26.91
CA ARG C 250 39.07 4.80 -26.38
C ARG C 250 38.77 4.59 -24.91
N LEU C 251 38.43 3.36 -24.52
CA LEU C 251 38.13 3.09 -23.12
C LEU C 251 39.39 3.17 -22.26
N TYR C 252 40.53 2.75 -22.81
CA TYR C 252 41.78 2.83 -22.07
C TYR C 252 42.14 4.27 -21.75
N ALA C 253 41.97 5.18 -22.71
CA ALA C 253 42.28 6.58 -22.49
C ALA C 253 41.36 7.19 -21.45
N VAL C 254 40.08 6.82 -21.47
CA VAL C 254 39.12 7.38 -20.53
C VAL C 254 39.47 6.96 -19.10
N PHE C 255 39.80 5.69 -18.91
CA PHE C 255 40.07 5.19 -17.57
C PHE C 255 41.44 5.60 -17.04
N THR C 256 42.35 6.05 -17.91
CA THR C 256 43.63 6.57 -17.48
C THR C 256 43.62 8.09 -17.31
N ASP C 257 42.48 8.74 -17.55
CA ASP C 257 42.35 10.17 -17.35
C ASP C 257 41.91 10.40 -15.91
N TYR C 258 42.81 10.93 -15.08
CA TYR C 258 42.57 11.08 -13.66
C TYR C 258 41.86 12.37 -13.30
N GLU C 259 41.56 13.23 -14.27
CA GLU C 259 40.81 14.45 -14.01
C GLU C 259 39.30 14.23 -13.99
N HIS C 260 38.84 13.04 -14.36
CA HIS C 260 37.41 12.77 -14.44
C HIS C 260 36.78 12.71 -13.06
N ASP C 261 35.51 13.07 -13.00
CA ASP C 261 34.64 12.81 -11.86
C ASP C 261 33.61 11.76 -12.27
N LYS C 262 32.65 11.50 -11.38
CA LYS C 262 31.68 10.45 -11.64
C LYS C 262 30.87 10.73 -12.90
N VAL C 263 30.37 11.96 -13.03
CA VAL C 263 29.50 12.29 -14.15
C VAL C 263 30.28 12.35 -15.46
N SER C 264 31.43 13.01 -15.45
CA SER C 264 32.19 13.18 -16.69
C SER C 264 32.74 11.86 -17.19
N ARG C 265 33.16 10.97 -16.27
CA ARG C 265 33.61 9.65 -16.69
C ARG C 265 32.48 8.83 -17.29
N ASP C 266 31.28 8.92 -16.70
CA ASP C 266 30.15 8.15 -17.20
C ASP C 266 29.75 8.58 -18.60
N GLU C 267 29.71 9.89 -18.86
CA GLU C 267 29.36 10.36 -20.18
C GLU C 267 30.50 10.19 -21.19
N ALA C 268 31.73 10.03 -20.72
CA ALA C 268 32.83 9.75 -21.64
C ALA C 268 32.74 8.34 -22.19
N VAL C 269 32.46 7.35 -21.32
CA VAL C 269 32.30 5.99 -21.79
C VAL C 269 30.98 5.85 -22.57
N ASN C 270 30.00 6.70 -22.26
CA ASN C 270 28.75 6.66 -23.02
C ASN C 270 28.94 7.15 -24.44
N LYS C 271 29.83 8.12 -24.63
CA LYS C 271 30.12 8.60 -25.98
C LYS C 271 30.74 7.51 -26.84
N ILE C 272 31.66 6.72 -26.26
CA ILE C 272 32.23 5.61 -26.99
C ILE C 272 31.18 4.53 -27.21
N ARG C 273 30.31 4.30 -26.22
CA ARG C 273 29.29 3.27 -26.36
C ARG C 273 28.35 3.60 -27.52
N LEU C 274 27.92 4.85 -27.62
CA LEU C 274 27.01 5.24 -28.70
C LEU C 274 27.68 5.05 -30.06
N ASP C 275 28.95 5.43 -30.18
CA ASP C 275 29.65 5.26 -31.45
C ASP C 275 29.84 3.78 -31.79
N THR C 276 30.18 2.96 -30.80
CA THR C 276 30.39 1.55 -31.04
C THR C 276 29.08 0.82 -31.32
N GLU C 277 27.98 1.28 -30.72
CA GLU C 277 26.70 0.60 -30.88
C GLU C 277 26.29 0.54 -32.35
N GLU C 278 26.39 1.67 -33.06
CA GLU C 278 25.97 1.70 -34.45
C GLU C 278 26.88 0.83 -35.32
N GLN C 279 28.19 0.89 -35.10
CA GLN C 279 29.12 0.11 -35.92
C GLN C 279 28.90 -1.39 -35.71
N LEU C 280 28.56 -1.80 -34.49
CA LEU C 280 28.31 -3.21 -34.23
C LEU C 280 27.07 -3.70 -34.95
N LYS C 281 26.04 -2.85 -35.04
CA LYS C 281 24.80 -3.26 -35.70
C LYS C 281 25.02 -3.57 -37.18
N GLU C 282 25.81 -2.73 -37.86
CA GLU C 282 26.10 -2.99 -39.27
C GLU C 282 26.91 -4.27 -39.44
N LYS C 283 27.85 -4.53 -38.53
CA LYS C 283 28.68 -5.73 -38.63
C LYS C 283 27.87 -6.99 -38.35
N PHE C 284 26.97 -6.92 -37.38
CA PHE C 284 26.16 -8.08 -36.96
C PHE C 284 24.69 -7.68 -36.92
N PRO C 285 24.05 -7.56 -38.09
CA PRO C 285 22.63 -7.20 -38.10
C PRO C 285 21.72 -8.22 -37.43
N GLU C 286 22.09 -9.51 -37.49
CA GLU C 286 21.25 -10.55 -36.91
C GLU C 286 21.32 -10.58 -35.39
N ALA C 287 22.32 -9.96 -34.80
CA ALA C 287 22.50 -10.02 -33.35
C ALA C 287 21.36 -9.32 -32.64
N ASP C 288 21.03 -9.83 -31.45
CA ASP C 288 19.97 -9.25 -30.64
C ASP C 288 20.36 -7.84 -30.20
N PRO C 289 19.39 -6.94 -30.03
CA PRO C 289 19.71 -5.61 -29.52
C PRO C 289 20.39 -5.63 -28.15
N TYR C 290 20.00 -6.57 -27.28
CA TYR C 290 20.67 -6.68 -25.99
C TYR C 290 22.06 -7.27 -26.12
N GLU C 291 22.27 -8.18 -27.07
CA GLU C 291 23.59 -8.78 -27.26
C GLU C 291 24.63 -7.73 -27.60
N ILE C 292 24.23 -6.71 -28.37
CA ILE C 292 25.14 -5.62 -28.68
C ILE C 292 25.44 -4.79 -27.44
N ILE C 293 24.42 -4.54 -26.61
CA ILE C 293 24.61 -3.73 -25.42
C ILE C 293 25.52 -4.44 -24.42
N GLU C 294 25.25 -5.72 -24.16
CA GLU C 294 26.01 -6.45 -23.15
C GLU C 294 27.45 -6.68 -23.60
N SER C 295 27.68 -6.84 -24.91
CA SER C 295 29.04 -7.05 -25.39
C SER C 295 29.94 -5.86 -25.08
N PHE C 296 29.40 -4.65 -25.21
CA PHE C 296 30.17 -3.46 -24.84
C PHE C 296 30.46 -3.45 -23.35
N ASN C 297 29.50 -3.88 -22.53
CA ASN C 297 29.73 -3.91 -21.09
C ASN C 297 30.83 -4.90 -20.72
N VAL C 298 30.91 -6.02 -21.42
CA VAL C 298 31.98 -6.99 -21.17
C VAL C 298 33.33 -6.38 -21.52
N VAL C 299 33.41 -5.68 -22.65
CA VAL C 299 34.67 -5.08 -23.06
C VAL C 299 35.08 -3.96 -22.11
N ALA C 300 34.12 -3.13 -21.70
CA ALA C 300 34.43 -2.04 -20.79
C ALA C 300 34.90 -2.57 -19.44
N LYS C 301 34.25 -3.61 -18.95
CA LYS C 301 34.68 -4.22 -17.69
C LYS C 301 36.07 -4.84 -17.81
N GLU C 302 36.33 -5.51 -18.93
CA GLU C 302 37.63 -6.15 -19.13
C GLU C 302 38.75 -5.12 -19.25
N VAL C 303 38.51 -4.03 -19.96
CA VAL C 303 39.53 -2.98 -20.08
C VAL C 303 39.74 -2.30 -18.74
N PHE C 304 38.66 -2.09 -17.99
CA PHE C 304 38.79 -1.43 -16.69
C PHE C 304 39.63 -2.24 -15.73
N ARG C 305 39.47 -3.57 -15.73
CA ARG C 305 40.22 -4.41 -14.82
C ARG C 305 41.66 -4.58 -15.24
N SER C 306 41.93 -4.59 -16.54
CA SER C 306 43.30 -4.80 -17.02
C SER C 306 44.23 -3.68 -16.56
N ILE C 307 43.69 -2.47 -16.37
CA ILE C 307 44.52 -1.36 -15.89
C ILE C 307 44.92 -1.58 -14.44
N VAL C 308 43.97 -2.00 -13.61
CA VAL C 308 44.29 -2.25 -12.20
C VAL C 308 45.26 -3.41 -12.06
N LEU C 309 45.03 -4.49 -12.81
CA LEU C 309 45.87 -5.68 -12.68
C LEU C 309 47.28 -5.43 -13.16
N ASN C 310 47.43 -4.72 -14.28
CA ASN C 310 48.75 -4.56 -14.90
C ASN C 310 49.52 -3.37 -14.38
N GLU C 311 48.83 -2.31 -13.93
CA GLU C 311 49.50 -1.07 -13.56
C GLU C 311 49.32 -0.68 -12.10
N TYR C 312 48.44 -1.35 -11.35
CA TYR C 312 48.24 -1.09 -9.93
C TYR C 312 47.78 0.34 -9.68
N LYS C 313 47.11 0.95 -10.65
CA LYS C 313 46.59 2.31 -10.53
C LYS C 313 45.10 2.30 -10.83
N ARG C 314 44.33 2.98 -10.00
CA ARG C 314 42.88 3.06 -10.19
C ARG C 314 42.55 4.08 -11.28
N CYS C 315 41.26 4.18 -11.61
CA CYS C 315 40.83 5.07 -12.68
C CYS C 315 40.97 6.53 -12.30
N ASP C 316 40.99 6.86 -11.01
CA ASP C 316 41.09 8.24 -10.55
C ASP C 316 42.50 8.62 -10.10
N GLY C 317 43.48 7.73 -10.31
CA GLY C 317 44.87 8.09 -10.16
C GLY C 317 45.55 7.65 -8.87
N ARG C 318 44.79 7.20 -7.88
CA ARG C 318 45.42 6.83 -6.62
C ARG C 318 45.88 5.38 -6.66
N ASP C 319 46.55 4.94 -5.60
CA ASP C 319 47.03 3.58 -5.49
C ASP C 319 46.01 2.71 -4.78
N LEU C 320 46.37 1.45 -4.56
CA LEU C 320 45.41 0.47 -4.05
C LEU C 320 44.95 0.81 -2.65
N THR C 321 45.85 1.26 -1.79
CA THR C 321 45.53 1.51 -0.39
C THR C 321 45.16 2.96 -0.10
N SER C 322 45.13 3.82 -1.10
CA SER C 322 44.88 5.24 -0.88
C SER C 322 43.39 5.52 -0.77
N LEU C 323 43.04 6.41 0.14
CA LEU C 323 41.66 6.88 0.30
C LEU C 323 41.42 8.11 -0.57
N ARG C 324 40.15 8.42 -0.77
CA ARG C 324 39.76 9.68 -1.38
C ARG C 324 39.66 10.76 -0.31
N ASN C 325 39.44 12.00 -0.75
CA ASN C 325 39.40 13.13 0.17
C ASN C 325 38.25 12.97 1.17
N VAL C 326 38.54 13.21 2.44
CA VAL C 326 37.58 13.09 3.51
C VAL C 326 37.46 14.45 4.20
N SER C 327 36.23 14.93 4.34
CA SER C 327 35.94 16.19 5.02
C SER C 327 34.79 15.97 5.99
N CYS C 328 34.86 16.63 7.14
CA CYS C 328 33.85 16.50 8.18
C CYS C 328 33.46 17.87 8.68
N GLU C 329 32.24 17.97 9.20
CA GLU C 329 31.71 19.21 9.74
C GLU C 329 30.61 18.86 10.73
N VAL C 330 30.51 19.68 11.80
CA VAL C 330 29.51 19.47 12.83
C VAL C 330 28.84 20.79 13.15
N ASP C 331 27.66 20.69 13.77
CA ASP C 331 26.91 21.85 14.27
C ASP C 331 26.60 22.85 13.14
N MET C 332 26.11 22.32 12.02
CA MET C 332 25.75 23.20 10.90
C MET C 332 24.42 23.91 11.14
N PHE C 333 23.48 23.28 11.83
CA PHE C 333 22.16 23.87 12.06
C PHE C 333 21.91 23.97 13.56
N LYS C 334 21.38 25.12 13.97
CA LYS C 334 21.26 25.42 15.40
C LYS C 334 20.23 24.53 16.08
N THR C 335 19.08 24.30 15.45
CA THR C 335 17.97 23.65 16.12
C THR C 335 18.11 22.13 16.18
N LEU C 336 19.00 21.54 15.39
CA LEU C 336 19.20 20.11 15.46
C LEU C 336 19.91 19.72 16.75
N HIS C 337 19.44 18.65 17.38
CA HIS C 337 20.09 18.17 18.60
C HIS C 337 21.53 17.79 18.34
N GLY C 338 21.78 17.13 17.23
CA GLY C 338 23.13 16.86 16.78
C GLY C 338 23.13 16.74 15.28
N SER C 339 24.23 17.13 14.65
CA SER C 339 24.28 17.14 13.20
C SER C 339 25.73 16.99 12.75
N ALA C 340 25.89 16.44 11.55
CA ALA C 340 27.21 16.26 10.96
C ALA C 340 27.06 16.11 9.46
N LEU C 341 28.06 16.60 8.73
CA LEU C 341 28.11 16.50 7.28
C LEU C 341 29.42 15.81 6.91
N PHE C 342 29.31 14.56 6.46
CA PHE C 342 30.47 13.75 6.12
C PHE C 342 30.60 13.67 4.60
N GLN C 343 31.79 13.98 4.09
CA GLN C 343 32.07 13.92 2.66
C GLN C 343 33.26 13.02 2.44
N ARG C 344 33.10 12.05 1.53
CA ARG C 344 34.18 11.14 1.15
C ARG C 344 34.16 11.04 -0.37
N GLY C 345 35.18 11.58 -1.01
CA GLY C 345 35.15 11.65 -2.46
C GLY C 345 33.98 12.49 -2.92
N GLN C 346 33.16 11.93 -3.80
CA GLN C 346 31.94 12.58 -4.27
C GLN C 346 30.70 12.05 -3.58
N THR C 347 30.86 11.44 -2.40
CA THR C 347 29.75 10.96 -1.59
C THR C 347 29.56 11.92 -0.42
N GLN C 348 28.33 12.37 -0.23
CA GLN C 348 28.01 13.30 0.85
C GLN C 348 26.81 12.77 1.62
N VAL C 349 26.95 12.69 2.94
CA VAL C 349 25.90 12.16 3.82
C VAL C 349 25.64 13.17 4.92
N LEU C 350 24.36 13.48 5.14
CA LEU C 350 23.94 14.40 6.19
C LEU C 350 23.32 13.60 7.30
N CYS C 351 23.95 13.61 8.48
CA CYS C 351 23.52 12.82 9.61
C CYS C 351 22.94 13.73 10.69
N THR C 352 21.77 13.36 11.22
CA THR C 352 21.07 14.15 12.22
C THR C 352 20.72 13.25 13.40
N VAL C 353 20.86 13.78 14.61
CA VAL C 353 20.53 13.07 15.83
C VAL C 353 19.35 13.76 16.49
N THR C 354 18.32 12.98 16.84
CA THR C 354 17.14 13.49 17.51
C THR C 354 16.90 12.67 18.77
N PHE C 355 16.56 13.35 19.86
CA PHE C 355 16.24 12.71 21.13
C PHE C 355 14.72 12.71 21.30
N ASP C 356 14.16 11.53 21.52
CA ASP C 356 12.73 11.37 21.73
C ASP C 356 12.51 10.68 23.07
N SER C 357 11.23 10.54 23.45
CA SER C 357 10.90 9.88 24.70
C SER C 357 11.16 8.38 24.58
N LEU C 358 11.41 7.76 25.73
CA LEU C 358 11.58 6.31 25.76
C LEU C 358 10.31 5.57 25.37
N GLU C 359 9.15 6.22 25.48
CA GLU C 359 7.88 5.60 25.12
C GLU C 359 7.63 5.61 23.62
N SER C 360 8.43 6.33 22.84
CA SER C 360 8.25 6.33 21.39
C SER C 360 8.67 5.03 20.74
N GLY C 361 9.41 4.18 21.45
CA GLY C 361 9.75 2.88 20.92
C GLY C 361 8.61 1.89 20.91
N ILE C 362 7.54 2.17 21.65
CA ILE C 362 6.36 1.32 21.68
C ILE C 362 5.40 1.78 20.59
N LYS C 363 4.72 0.83 19.96
CA LYS C 363 3.77 1.11 18.89
C LYS C 363 2.33 1.13 19.36
N SER C 364 2.09 1.14 20.67
CA SER C 364 0.80 1.25 21.33
C SER C 364 -0.09 0.02 21.16
N ASP C 365 0.34 -0.99 20.42
CA ASP C 365 -0.40 -2.23 20.31
C ASP C 365 0.57 -3.40 20.41
N GLN C 366 0.09 -4.51 20.97
CA GLN C 366 0.98 -5.61 21.34
C GLN C 366 1.69 -6.20 20.12
N VAL C 367 0.93 -6.54 19.08
CA VAL C 367 1.48 -7.36 18.01
C VAL C 367 2.49 -6.57 17.18
N ILE C 368 2.12 -5.35 16.79
CA ILE C 368 3.02 -4.56 15.93
C ILE C 368 4.28 -4.18 16.68
N THR C 369 4.17 -3.89 17.98
CA THR C 369 5.36 -3.62 18.79
C THR C 369 6.29 -4.82 18.81
N ALA C 370 5.73 -6.03 18.93
CA ALA C 370 6.55 -7.23 18.96
C ALA C 370 7.02 -7.66 17.58
N ILE C 371 6.41 -7.14 16.50
CA ILE C 371 6.82 -7.53 15.16
C ILE C 371 8.26 -7.10 14.89
N ASN C 372 8.58 -5.86 15.23
CA ASN C 372 9.93 -5.32 15.08
C ASN C 372 10.68 -5.23 16.40
N GLY C 373 10.02 -5.52 17.51
CA GLY C 373 10.68 -5.50 18.80
C GLY C 373 10.96 -4.10 19.31
N ILE C 374 11.62 -4.05 20.46
CA ILE C 374 12.07 -2.81 21.06
C ILE C 374 13.59 -2.78 20.97
N LYS C 375 14.14 -1.64 20.53
CA LYS C 375 15.58 -1.54 20.31
C LYS C 375 16.33 -1.78 21.61
N ASP C 376 17.50 -2.43 21.49
CA ASP C 376 18.22 -2.89 22.68
C ASP C 376 18.67 -1.73 23.55
N LYS C 377 19.28 -0.71 22.95
CA LYS C 377 19.77 0.44 23.68
C LYS C 377 18.89 1.67 23.47
N ASN C 378 17.65 1.47 23.02
CA ASN C 378 16.77 2.57 22.60
C ASN C 378 17.44 3.41 21.51
N PHE C 379 18.16 2.73 20.62
CA PHE C 379 18.91 3.38 19.55
C PHE C 379 18.49 2.79 18.22
N MET C 380 18.21 3.66 17.25
CA MET C 380 17.84 3.24 15.91
C MET C 380 18.44 4.19 14.90
N LEU C 381 18.59 3.72 13.67
CA LEU C 381 19.16 4.51 12.58
C LEU C 381 18.30 4.34 11.34
N HIS C 382 17.80 5.45 10.81
CA HIS C 382 17.04 5.45 9.58
C HIS C 382 17.92 5.98 8.45
N TYR C 383 18.03 5.20 7.38
CA TYR C 383 18.89 5.53 6.25
C TYR C 383 18.01 5.88 5.06
N GLU C 384 18.27 7.03 4.45
CA GLU C 384 17.49 7.53 3.33
C GLU C 384 18.39 7.71 2.13
N PHE C 385 17.93 7.23 0.97
CA PHE C 385 18.66 7.32 -0.29
C PHE C 385 17.74 7.99 -1.31
N PRO C 386 17.64 9.32 -1.27
CA PRO C 386 16.71 9.99 -2.17
C PRO C 386 17.17 9.91 -3.61
N PRO C 387 16.24 9.97 -4.57
CA PRO C 387 16.63 9.83 -5.98
C PRO C 387 17.55 10.93 -6.49
N TYR C 388 17.54 12.11 -5.89
CA TYR C 388 18.43 13.17 -6.38
C TYR C 388 19.88 12.95 -5.99
N ALA C 389 20.18 11.97 -5.14
CA ALA C 389 21.55 11.63 -4.83
C ALA C 389 22.32 11.15 -6.06
N THR C 390 21.61 10.63 -7.06
CA THR C 390 22.23 10.15 -8.29
C THR C 390 21.69 10.86 -9.52
N ASN C 391 21.11 12.05 -9.34
CA ASN C 391 20.47 12.79 -10.43
C ASN C 391 19.42 11.94 -11.13
N GLU C 392 18.57 11.31 -10.33
CA GLU C 392 17.59 10.36 -10.83
C GLU C 392 16.20 10.75 -10.36
N ILE C 393 15.19 10.22 -11.05
CA ILE C 393 13.80 10.41 -10.71
C ILE C 393 13.22 9.06 -10.31
N GLY C 394 12.59 9.00 -9.15
CA GLY C 394 11.96 7.77 -8.71
C GLY C 394 10.95 8.04 -7.63
N LYS C 395 10.03 7.10 -7.47
CA LYS C 395 9.03 7.21 -6.41
C LYS C 395 9.70 7.13 -5.04
N VAL C 396 9.14 7.87 -4.09
CA VAL C 396 9.65 7.88 -2.72
C VAL C 396 8.69 7.22 -1.75
N THR C 397 7.49 6.87 -2.17
CA THR C 397 6.56 6.18 -1.29
C THR C 397 7.08 4.78 -0.97
N GLY C 398 6.93 4.39 0.29
CA GLY C 398 7.40 3.10 0.75
C GLY C 398 8.87 3.10 1.05
N LEU C 399 9.35 1.97 1.55
CA LEU C 399 10.75 1.77 1.87
C LEU C 399 11.26 0.56 1.10
N ASN C 400 12.28 0.77 0.26
CA ASN C 400 12.84 -0.33 -0.49
C ASN C 400 13.79 -1.14 0.39
N ARG C 401 14.17 -2.32 -0.13
CA ARG C 401 14.96 -3.25 0.66
C ARG C 401 16.39 -2.73 0.87
N ARG C 402 16.94 -2.00 -0.11
CA ARG C 402 18.28 -1.46 0.05
C ARG C 402 18.36 -0.45 1.18
N GLU C 403 17.35 0.43 1.28
CA GLU C 403 17.33 1.40 2.37
C GLU C 403 17.20 0.70 3.72
N LEU C 404 16.38 -0.34 3.81
CA LEU C 404 16.22 -1.06 5.05
C LEU C 404 17.51 -1.77 5.44
N GLY C 405 18.14 -2.46 4.48
CA GLY C 405 19.36 -3.18 4.80
C GLY C 405 20.52 -2.27 5.17
N HIS C 406 20.76 -1.22 4.38
CA HIS C 406 21.83 -0.23 4.68
C HIS C 406 21.57 0.47 6.02
N GLY C 407 20.33 0.71 6.45
CA GLY C 407 20.08 1.29 7.75
C GLY C 407 20.45 0.36 8.89
N ALA C 408 20.18 -0.94 8.73
CA ALA C 408 20.54 -1.90 9.76
C ALA C 408 22.05 -2.13 9.83
N LEU C 409 22.73 -2.04 8.68
CA LEU C 409 24.18 -2.20 8.67
C LEU C 409 24.87 -1.06 9.41
N ALA C 410 24.48 0.18 9.12
CA ALA C 410 25.05 1.32 9.83
C ALA C 410 24.64 1.32 11.29
N GLU C 411 23.42 0.88 11.59
CA GLU C 411 22.99 0.79 12.99
C GLU C 411 23.81 -0.23 13.77
N LYS C 412 24.13 -1.35 13.14
CA LYS C 412 24.95 -2.37 13.81
C LYS C 412 26.38 -1.89 14.00
N ALA C 413 26.89 -1.06 13.09
CA ALA C 413 28.23 -0.52 13.26
C ALA C 413 28.31 0.40 14.47
N LEU C 414 27.29 1.22 14.69
CA LEU C 414 27.29 2.19 15.78
C LEU C 414 26.72 1.65 17.08
N TYR C 415 26.08 0.48 17.04
CA TYR C 415 25.44 -0.06 18.24
C TYR C 415 26.41 -0.31 19.39
N PRO C 416 27.56 -0.96 19.20
CA PRO C 416 28.40 -1.30 20.37
C PRO C 416 28.86 -0.11 21.19
N VAL C 417 29.07 1.05 20.57
CA VAL C 417 29.57 2.22 21.31
C VAL C 417 28.46 3.03 21.96
N ILE C 418 27.20 2.74 21.66
CA ILE C 418 26.10 3.49 22.27
C ILE C 418 26.05 3.21 23.76
N PRO C 419 25.98 4.22 24.61
CA PRO C 419 25.90 3.98 26.05
C PRO C 419 24.54 3.41 26.45
N ARG C 420 24.51 2.81 27.62
CA ARG C 420 23.29 2.23 28.16
C ARG C 420 22.65 3.20 29.17
N ASP C 421 21.34 3.04 29.35
CA ASP C 421 20.55 3.85 30.28
C ASP C 421 20.58 5.33 29.91
N PHE C 422 20.65 5.63 28.62
CA PHE C 422 20.49 7.02 28.19
C PHE C 422 19.04 7.46 28.38
N PRO C 423 18.81 8.66 28.92
CA PRO C 423 17.44 9.04 29.30
C PRO C 423 16.50 9.26 28.14
N PHE C 424 16.98 9.23 26.90
CA PHE C 424 16.13 9.47 25.73
C PHE C 424 16.38 8.40 24.68
N THR C 425 15.40 8.22 23.81
CA THR C 425 15.58 7.39 22.63
C THR C 425 16.42 8.14 21.61
N ILE C 426 17.48 7.50 21.13
CA ILE C 426 18.41 8.11 20.19
C ILE C 426 18.02 7.68 18.79
N ARG C 427 17.72 8.65 17.93
CA ARG C 427 17.37 8.41 16.54
C ARG C 427 18.39 9.11 15.66
N VAL C 428 19.00 8.37 14.74
CA VAL C 428 19.98 8.90 13.80
C VAL C 428 19.42 8.76 12.39
N THR C 429 19.39 9.87 11.66
CA THR C 429 18.90 9.89 10.29
C THR C 429 20.06 10.25 9.38
N SER C 430 20.34 9.38 8.40
CA SER C 430 21.41 9.59 7.44
C SER C 430 20.80 9.74 6.06
N GLU C 431 20.96 10.92 5.48
CA GLU C 431 20.45 11.22 4.14
C GLU C 431 21.63 11.34 3.18
N VAL C 432 21.63 10.52 2.14
CA VAL C 432 22.68 10.54 1.13
C VAL C 432 22.35 11.68 0.17
N LEU C 433 22.97 12.84 0.37
CA LEU C 433 22.74 13.96 -0.52
C LEU C 433 23.30 13.70 -1.91
N GLU C 434 24.46 13.05 -1.99
CA GLU C 434 25.01 12.60 -3.26
C GLU C 434 25.79 11.32 -3.03
N SER C 435 25.75 10.42 -4.01
CA SER C 435 26.28 9.09 -3.85
C SER C 435 27.26 8.77 -4.97
N ASN C 436 28.48 8.39 -4.59
CA ASN C 436 29.45 7.85 -5.52
C ASN C 436 30.21 6.66 -4.97
N GLY C 437 29.93 6.24 -3.74
CA GLY C 437 30.68 5.16 -3.14
C GLY C 437 29.90 4.48 -2.03
N SER C 438 30.58 4.16 -0.93
CA SER C 438 29.94 3.51 0.22
C SER C 438 29.23 4.57 1.05
N SER C 439 27.97 4.83 0.69
CA SER C 439 27.17 5.75 1.49
C SER C 439 26.77 5.13 2.83
N SER C 440 26.60 3.81 2.86
CA SER C 440 26.24 3.15 4.12
C SER C 440 27.37 3.26 5.13
N MET C 441 28.62 3.10 4.67
CA MET C 441 29.75 3.28 5.57
C MET C 441 29.96 4.74 5.94
N ALA C 442 29.67 5.66 5.01
CA ALA C 442 29.70 7.08 5.35
C ALA C 442 28.65 7.43 6.38
N SER C 443 27.54 6.69 6.41
CA SER C 443 26.54 6.91 7.45
C SER C 443 27.05 6.48 8.82
N ALA C 444 27.97 5.52 8.86
CA ALA C 444 28.57 5.13 10.13
C ALA C 444 29.53 6.19 10.64
N CYS C 445 30.37 6.74 9.75
CA CYS C 445 31.29 7.79 10.14
C CYS C 445 30.54 9.07 10.50
N GLY C 446 29.63 9.51 9.64
CA GLY C 446 28.86 10.70 9.93
C GLY C 446 27.96 10.54 11.14
N GLY C 447 27.42 9.34 11.34
CA GLY C 447 26.60 9.09 12.52
C GLY C 447 27.40 9.21 13.80
N SER C 448 28.66 8.75 13.77
CA SER C 448 29.52 8.89 14.93
C SER C 448 29.82 10.36 15.24
N LEU C 449 30.07 11.16 14.19
CA LEU C 449 30.34 12.58 14.40
C LEU C 449 29.13 13.29 14.97
N ALA C 450 27.94 13.01 14.43
CA ALA C 450 26.73 13.65 14.92
C ALA C 450 26.39 13.18 16.32
N LEU C 451 26.78 11.96 16.69
CA LEU C 451 26.52 11.47 18.04
C LEU C 451 27.36 12.19 19.07
N MET C 452 28.63 12.45 18.75
CA MET C 452 29.48 13.22 19.66
C MET C 452 29.01 14.67 19.75
N ASP C 453 28.62 15.24 18.61
CA ASP C 453 28.15 16.63 18.61
C ASP C 453 26.87 16.78 19.43
N SER C 454 25.99 15.78 19.38
CA SER C 454 24.75 15.85 20.13
C SER C 454 24.97 15.75 21.64
N GLY C 455 26.12 15.24 22.07
CA GLY C 455 26.42 15.11 23.47
C GLY C 455 26.25 13.72 24.05
N VAL C 456 25.97 12.72 23.24
CA VAL C 456 25.85 11.34 23.73
C VAL C 456 27.24 10.80 24.02
N PRO C 457 27.52 10.29 25.22
CA PRO C 457 28.87 9.80 25.55
C PRO C 457 29.16 8.41 25.00
N ILE C 458 29.41 8.34 23.70
CA ILE C 458 29.75 7.08 23.07
C ILE C 458 31.16 6.67 23.49
N SER C 459 31.40 5.36 23.51
CA SER C 459 32.68 4.85 23.99
C SER C 459 33.83 5.27 23.09
N SER C 460 33.63 5.21 21.78
CA SER C 460 34.69 5.54 20.84
C SER C 460 34.07 5.87 19.49
N ALA C 461 34.84 6.58 18.67
CA ALA C 461 34.40 6.90 17.32
C ALA C 461 34.40 5.65 16.45
N VAL C 462 33.48 5.62 15.49
CA VAL C 462 33.31 4.48 14.59
C VAL C 462 33.46 4.96 13.16
N ALA C 463 34.28 4.26 12.39
CA ALA C 463 34.49 4.57 10.98
C ALA C 463 34.36 3.30 10.17
N GLY C 464 33.87 3.44 8.94
CA GLY C 464 33.68 2.30 8.07
C GLY C 464 34.17 2.59 6.67
N VAL C 465 34.72 1.55 6.03
CA VAL C 465 35.23 1.65 4.67
C VAL C 465 34.77 0.44 3.88
N ALA C 466 34.82 0.57 2.55
CA ALA C 466 34.49 -0.52 1.64
C ALA C 466 35.73 -0.92 0.86
N ILE C 467 35.92 -2.22 0.69
CA ILE C 467 37.09 -2.77 0.02
C ILE C 467 36.62 -3.48 -1.26
N GLY C 468 37.25 -3.15 -2.38
CA GLY C 468 36.96 -3.81 -3.63
C GLY C 468 37.91 -4.96 -3.90
N LEU C 469 37.74 -5.58 -5.07
CA LEU C 469 38.54 -6.74 -5.44
C LEU C 469 38.48 -6.90 -6.96
N VAL C 470 39.65 -7.05 -7.58
CA VAL C 470 39.76 -7.32 -9.00
C VAL C 470 40.65 -8.54 -9.19
N THR C 471 40.10 -9.62 -9.74
CA THR C 471 40.80 -10.88 -9.88
C THR C 471 40.94 -11.24 -11.35
N LYS C 472 41.97 -12.04 -11.63
CA LYS C 472 42.19 -12.60 -12.95
C LYS C 472 41.96 -14.11 -12.86
N THR C 473 41.06 -14.63 -13.70
CA THR C 473 40.66 -16.02 -13.65
C THR C 473 40.66 -16.58 -15.07
N ASP C 474 41.41 -17.65 -15.30
CA ASP C 474 41.38 -18.27 -16.62
C ASP C 474 40.08 -19.06 -16.79
N PRO C 475 39.45 -18.98 -17.96
CA PRO C 475 38.23 -19.77 -18.18
C PRO C 475 38.48 -21.26 -18.28
N GLU C 476 39.73 -21.69 -18.49
CA GLU C 476 40.03 -23.11 -18.63
C GLU C 476 39.75 -23.87 -17.34
N LYS C 477 40.16 -23.31 -16.20
CA LYS C 477 40.04 -24.01 -14.92
C LYS C 477 39.07 -23.32 -13.97
N GLY C 478 39.28 -22.03 -13.68
CA GLY C 478 38.36 -21.28 -12.85
C GLY C 478 38.87 -20.84 -11.49
N GLU C 479 40.17 -21.00 -11.22
CA GLU C 479 40.75 -20.54 -9.96
C GLU C 479 41.44 -19.20 -10.14
N ILE C 480 41.56 -18.47 -9.04
CA ILE C 480 42.11 -17.12 -9.06
C ILE C 480 43.63 -17.19 -9.16
N GLU C 481 44.19 -16.50 -10.15
CA GLU C 481 45.63 -16.45 -10.33
C GLU C 481 46.26 -15.32 -9.52
N ASP C 482 45.75 -14.10 -9.68
CA ASP C 482 46.23 -12.96 -8.91
C ASP C 482 45.07 -11.98 -8.73
N TYR C 483 45.21 -11.11 -7.73
CA TYR C 483 44.12 -10.24 -7.34
C TYR C 483 44.68 -8.95 -6.77
N ARG C 484 43.83 -7.91 -6.77
CA ARG C 484 44.16 -6.63 -6.17
C ARG C 484 43.03 -6.22 -5.25
N LEU C 485 43.38 -5.78 -4.05
CA LEU C 485 42.42 -5.27 -3.09
C LEU C 485 42.48 -3.75 -3.09
N LEU C 486 41.32 -3.11 -3.24
CA LEU C 486 41.23 -1.66 -3.38
C LEU C 486 40.54 -1.06 -2.17
N THR C 487 41.08 0.05 -1.68
CA THR C 487 40.55 0.73 -0.51
C THR C 487 39.66 1.89 -0.94
N ASP C 488 38.47 1.96 -0.36
CA ASP C 488 37.50 3.04 -0.60
C ASP C 488 37.14 3.13 -2.09
N ILE C 489 36.50 2.07 -2.57
CA ILE C 489 36.19 1.98 -4.00
C ILE C 489 35.11 2.97 -4.39
N LEU C 490 35.16 3.41 -5.65
CA LEU C 490 34.11 4.24 -6.21
C LEU C 490 32.96 3.37 -6.70
N GLY C 491 31.95 4.01 -7.29
CA GLY C 491 30.83 3.27 -7.83
C GLY C 491 31.20 2.41 -9.01
N ILE C 492 32.03 2.93 -9.91
CA ILE C 492 32.46 2.16 -11.07
C ILE C 492 33.35 1.00 -10.65
N GLU C 493 34.09 1.14 -9.55
CA GLU C 493 34.95 0.07 -9.09
C GLU C 493 34.15 -1.03 -8.39
N ASP C 494 33.03 -0.69 -7.77
CA ASP C 494 32.13 -1.72 -7.25
C ASP C 494 31.35 -2.38 -8.38
N TYR C 495 30.89 -1.60 -9.35
CA TYR C 495 30.10 -2.14 -10.45
C TYR C 495 30.92 -3.10 -11.30
N ASN C 496 32.18 -2.75 -11.57
CA ASN C 496 33.07 -3.59 -12.37
C ASN C 496 33.95 -4.48 -11.50
N GLY C 497 33.78 -4.45 -10.18
CA GLY C 497 34.60 -5.24 -9.28
C GLY C 497 34.01 -6.60 -9.00
N ASP C 498 34.61 -7.28 -8.02
CA ASP C 498 34.22 -8.62 -7.64
C ASP C 498 33.48 -8.70 -6.30
N MET C 499 33.61 -7.68 -5.45
CA MET C 499 32.93 -7.72 -4.16
C MET C 499 32.80 -6.31 -3.63
N ASP C 500 31.88 -6.16 -2.68
CA ASP C 500 31.66 -4.91 -1.95
C ASP C 500 31.87 -5.23 -0.47
N PHE C 501 33.12 -5.17 -0.03
CA PHE C 501 33.51 -5.62 1.30
C PHE C 501 33.41 -4.44 2.27
N LYS C 502 32.20 -4.21 2.78
CA LYS C 502 31.97 -3.14 3.74
C LYS C 502 32.26 -3.63 5.15
N ILE C 503 33.04 -2.85 5.89
CA ILE C 503 33.42 -3.22 7.26
C ILE C 503 33.66 -1.95 8.05
N ALA C 504 33.15 -1.92 9.27
CA ALA C 504 33.27 -0.76 10.14
C ALA C 504 33.74 -1.20 11.53
N GLY C 505 34.23 -0.24 12.29
CA GLY C 505 34.68 -0.52 13.64
C GLY C 505 35.39 0.67 14.23
N THR C 506 35.73 0.52 15.51
CA THR C 506 36.49 1.55 16.21
C THR C 506 37.97 1.36 15.91
N ASN C 507 38.83 2.13 16.58
CA ASN C 507 40.26 2.03 16.33
C ASN C 507 40.87 0.76 16.91
N LYS C 508 40.14 0.02 17.75
CA LYS C 508 40.67 -1.17 18.41
C LYS C 508 39.71 -2.35 18.30
N GLY C 509 38.93 -2.42 17.23
CA GLY C 509 38.01 -3.53 17.09
C GLY C 509 37.20 -3.42 15.81
N ILE C 510 36.35 -4.42 15.62
CA ILE C 510 35.44 -4.52 14.49
C ILE C 510 34.02 -4.60 15.04
N THR C 511 33.12 -3.81 14.46
CA THR C 511 31.73 -3.78 14.92
C THR C 511 30.74 -4.32 13.92
N ALA C 512 31.01 -4.20 12.62
CA ALA C 512 30.08 -4.69 11.61
C ALA C 512 30.84 -5.09 10.36
N LEU C 513 30.25 -5.99 9.59
CA LEU C 513 30.82 -6.43 8.33
C LEU C 513 29.70 -6.95 7.44
N GLN C 514 29.77 -6.62 6.16
CA GLN C 514 28.82 -7.12 5.18
C GLN C 514 29.55 -7.26 3.85
N ALA C 515 29.99 -8.48 3.54
CA ALA C 515 30.67 -8.76 2.29
C ALA C 515 29.64 -9.15 1.23
N ASP C 516 29.68 -8.47 0.09
CA ASP C 516 28.77 -8.72 -1.02
C ASP C 516 29.60 -9.23 -2.19
N ILE C 517 29.81 -10.53 -2.23
CA ILE C 517 30.69 -11.15 -3.22
C ILE C 517 29.88 -11.48 -4.47
N LYS C 518 30.38 -11.04 -5.63
CA LYS C 518 29.75 -11.34 -6.90
C LYS C 518 30.40 -12.53 -7.62
N LEU C 519 31.61 -12.91 -7.23
CA LEU C 519 32.21 -14.12 -7.75
C LEU C 519 31.57 -15.34 -7.09
N PRO C 520 31.67 -16.51 -7.73
CA PRO C 520 31.18 -17.75 -7.10
C PRO C 520 32.13 -18.27 -6.02
N GLY C 521 32.29 -17.50 -4.96
CA GLY C 521 33.17 -17.84 -3.86
C GLY C 521 34.57 -17.28 -4.04
N ILE C 522 35.19 -16.93 -2.92
CA ILE C 522 36.56 -16.42 -2.93
C ILE C 522 37.35 -17.14 -1.83
N PRO C 523 38.67 -17.27 -1.98
CA PRO C 523 39.46 -17.92 -0.93
C PRO C 523 39.41 -17.17 0.39
N ILE C 524 39.59 -17.91 1.48
CA ILE C 524 39.54 -17.29 2.80
C ILE C 524 40.71 -16.35 3.01
N LYS C 525 41.85 -16.61 2.37
CA LYS C 525 43.01 -15.74 2.54
C LYS C 525 42.75 -14.35 1.95
N ILE C 526 41.90 -14.25 0.93
CA ILE C 526 41.53 -12.95 0.39
C ILE C 526 40.69 -12.19 1.40
N VAL C 527 39.79 -12.89 2.10
CA VAL C 527 38.99 -12.25 3.14
C VAL C 527 39.87 -11.74 4.27
N MET C 528 40.86 -12.54 4.67
CA MET C 528 41.76 -12.13 5.74
C MET C 528 42.55 -10.89 5.36
N GLU C 529 43.05 -10.84 4.12
CA GLU C 529 43.79 -9.67 3.66
C GLU C 529 42.88 -8.44 3.58
N ALA C 530 41.63 -8.63 3.15
CA ALA C 530 40.71 -7.51 3.05
C ALA C 530 40.43 -6.90 4.41
N ILE C 531 40.31 -7.74 5.44
CA ILE C 531 40.09 -7.23 6.80
C ILE C 531 41.31 -6.46 7.28
N GLN C 532 42.51 -6.95 6.97
CA GLN C 532 43.72 -6.24 7.37
C GLN C 532 43.87 -4.92 6.64
N GLN C 533 43.61 -4.91 5.33
CA GLN C 533 43.71 -3.68 4.56
C GLN C 533 42.68 -2.65 5.03
N ALA C 534 41.50 -3.11 5.44
CA ALA C 534 40.47 -2.18 5.89
C ALA C 534 40.79 -1.60 7.25
N SER C 535 41.53 -2.34 8.08
CA SER C 535 41.90 -1.81 9.40
C SER C 535 42.85 -0.62 9.27
N VAL C 536 43.78 -0.68 8.31
CA VAL C 536 44.69 0.43 8.08
C VAL C 536 43.92 1.66 7.61
N ALA C 537 43.01 1.47 6.66
CA ALA C 537 42.22 2.59 6.15
C ALA C 537 41.31 3.17 7.23
N LYS C 538 40.74 2.31 8.06
CA LYS C 538 39.88 2.77 9.13
C LYS C 538 40.65 3.63 10.12
N LYS C 539 41.92 3.31 10.36
CA LYS C 539 42.75 4.15 11.21
C LYS C 539 42.95 5.53 10.60
N GLU C 540 43.19 5.59 9.28
CA GLU C 540 43.38 6.87 8.61
C GLU C 540 42.12 7.72 8.68
N ILE C 541 40.96 7.11 8.47
CA ILE C 541 39.71 7.86 8.48
C ILE C 541 39.42 8.38 9.89
N LEU C 542 39.66 7.55 10.91
CA LEU C 542 39.47 8.01 12.29
C LEU C 542 40.41 9.14 12.63
N GLN C 543 41.59 9.18 12.01
CA GLN C 543 42.52 10.29 12.23
C GLN C 543 41.93 11.60 11.74
N ILE C 544 41.31 11.58 10.55
CA ILE C 544 40.71 12.80 10.00
C ILE C 544 39.50 13.21 10.82
N MET C 545 38.67 12.24 11.22
CA MET C 545 37.45 12.56 11.96
C MET C 545 37.76 13.18 13.32
N ASN C 546 38.82 12.72 13.97
CA ASN C 546 39.14 13.22 15.31
C ASN C 546 39.55 14.68 15.29
N LYS C 547 40.06 15.17 14.17
CA LYS C 547 40.41 16.58 14.06
C LYS C 547 39.17 17.46 14.16
N THR C 548 38.08 17.06 13.49
CA THR C 548 36.83 17.81 13.58
C THR C 548 36.25 17.75 14.98
N ILE C 549 36.19 16.56 15.57
CA ILE C 549 35.72 16.37 16.93
C ILE C 549 36.27 15.07 17.46
N SER C 550 36.81 15.09 18.69
CA SER C 550 37.44 13.92 19.26
C SER C 550 36.73 13.37 20.48
N LYS C 551 35.96 14.19 21.19
CA LYS C 551 35.22 13.75 22.36
C LYS C 551 33.81 14.30 22.29
N PRO C 552 32.84 13.61 22.88
CA PRO C 552 31.49 14.16 22.94
C PRO C 552 31.42 15.42 23.78
N ARG C 553 30.45 16.27 23.46
CA ARG C 553 30.29 17.51 24.21
C ARG C 553 29.94 17.22 25.66
N ALA C 554 30.38 18.12 26.54
CA ALA C 554 30.17 17.92 27.97
C ALA C 554 28.70 17.84 28.34
N SER C 555 27.82 18.42 27.52
CA SER C 555 26.39 18.34 27.76
C SER C 555 25.66 18.50 26.43
N ARG C 556 24.39 18.13 26.43
CA ARG C 556 23.57 18.29 25.24
C ARG C 556 23.28 19.76 24.98
N LYS C 557 22.79 20.06 23.78
CA LYS C 557 22.51 21.43 23.42
C LYS C 557 21.40 22.01 24.29
N GLU C 558 21.41 23.33 24.42
CA GLU C 558 20.45 23.99 25.31
C GLU C 558 19.01 23.76 24.86
N ASN C 559 18.77 23.82 23.55
CA ASN C 559 17.43 23.58 23.01
C ASN C 559 17.03 22.10 23.06
N GLY C 560 17.81 21.24 23.70
CA GLY C 560 17.53 19.83 23.72
C GLY C 560 16.33 19.46 24.57
N PRO C 561 15.89 18.21 24.47
CA PRO C 561 14.70 17.79 25.23
C PRO C 561 14.95 17.79 26.73
N VAL C 562 13.86 17.99 27.47
CA VAL C 562 13.88 18.00 28.92
C VAL C 562 12.82 17.05 29.44
N VAL C 563 13.05 16.53 30.65
CA VAL C 563 12.09 15.67 31.33
C VAL C 563 11.84 16.25 32.71
N GLU C 564 10.56 16.45 33.05
CA GLU C 564 10.18 17.04 34.32
C GLU C 564 9.07 16.20 34.94
N THR C 565 8.93 16.31 36.26
CA THR C 565 7.86 15.65 36.99
C THR C 565 6.94 16.73 37.57
N VAL C 566 5.65 16.61 37.29
CA VAL C 566 4.66 17.55 37.81
C VAL C 566 3.78 16.83 38.82
N GLN C 567 3.20 17.62 39.72
CA GLN C 567 2.35 17.11 40.77
C GLN C 567 0.93 17.62 40.57
N VAL C 568 -0.03 16.71 40.52
CA VAL C 568 -1.44 17.08 40.43
C VAL C 568 -2.21 16.29 41.49
N PRO C 569 -3.00 16.95 42.32
CA PRO C 569 -3.78 16.21 43.33
C PRO C 569 -4.81 15.30 42.68
N LEU C 570 -5.18 14.24 43.41
CA LEU C 570 -6.08 13.24 42.85
C LEU C 570 -7.43 13.83 42.46
N SER C 571 -7.91 14.81 43.23
CA SER C 571 -9.15 15.50 42.84
C SER C 571 -8.96 16.22 41.51
N LYS C 572 -7.82 16.87 41.33
CA LYS C 572 -7.51 17.56 40.09
C LYS C 572 -7.30 16.59 38.92
N ARG C 573 -7.01 15.32 39.21
CA ARG C 573 -6.63 14.40 38.15
C ARG C 573 -7.78 14.12 37.19
N ALA C 574 -9.02 14.17 37.68
CA ALA C 574 -10.17 13.85 36.83
C ALA C 574 -10.30 14.85 35.67
N LYS C 575 -10.16 16.14 35.97
CA LYS C 575 -10.28 17.16 34.93
C LYS C 575 -8.98 17.41 34.19
N PHE C 576 -7.84 17.14 34.80
CA PHE C 576 -6.57 17.27 34.10
C PHE C 576 -6.42 16.16 33.06
N VAL C 577 -6.71 14.92 33.45
CA VAL C 577 -6.63 13.81 32.52
C VAL C 577 -7.75 13.89 31.49
N GLY C 578 -8.96 14.22 31.94
CA GLY C 578 -10.09 14.33 31.05
C GLY C 578 -10.82 13.01 30.89
N PRO C 579 -11.95 13.03 30.17
CA PRO C 579 -12.71 11.79 29.96
C PRO C 579 -11.96 10.79 29.10
N GLY C 580 -11.55 9.68 29.69
CA GLY C 580 -10.78 8.69 28.96
C GLY C 580 -9.39 9.14 28.60
N GLY C 581 -8.83 10.10 29.33
CA GLY C 581 -7.53 10.64 28.99
C GLY C 581 -7.54 11.58 27.80
N TYR C 582 -8.72 12.09 27.42
CA TYR C 582 -8.82 12.90 26.21
C TYR C 582 -8.03 14.20 26.34
N ASN C 583 -8.04 14.81 27.53
CA ASN C 583 -7.29 16.04 27.72
C ASN C 583 -5.80 15.81 27.56
N LEU C 584 -5.28 14.71 28.12
CA LEU C 584 -3.87 14.39 27.98
C LEU C 584 -3.49 14.13 26.53
N LYS C 585 -4.36 13.40 25.80
CA LYS C 585 -4.07 13.13 24.39
C LYS C 585 -4.14 14.40 23.55
N LYS C 586 -5.07 15.30 23.89
CA LYS C 586 -5.17 16.57 23.17
C LYS C 586 -3.93 17.42 23.37
N LEU C 587 -3.43 17.49 24.62
CA LEU C 587 -2.23 18.27 24.88
C LEU C 587 -1.00 17.65 24.22
N GLN C 588 -1.00 16.33 24.04
CA GLN C 588 0.13 15.66 23.40
C GLN C 588 0.30 16.13 21.97
N ALA C 589 -0.78 16.12 21.18
CA ALA C 589 -0.67 16.43 19.76
C ALA C 589 -0.48 17.92 19.52
N GLU C 590 -1.19 18.76 20.28
CA GLU C 590 -1.13 20.19 20.02
C GLU C 590 0.23 20.78 20.37
N THR C 591 0.75 20.46 21.55
CA THR C 591 1.99 21.05 22.04
C THR C 591 3.21 20.24 21.62
N GLY C 592 3.10 18.93 21.57
CA GLY C 592 4.22 18.06 21.27
C GLY C 592 4.82 17.36 22.46
N VAL C 593 4.48 17.77 23.68
CA VAL C 593 5.01 17.09 24.85
C VAL C 593 4.31 15.76 25.03
N THR C 594 4.89 14.91 25.87
CA THR C 594 4.34 13.59 26.18
C THR C 594 4.21 13.46 27.69
N ILE C 595 3.00 13.16 28.15
CA ILE C 595 2.72 13.05 29.58
C ILE C 595 2.35 11.60 29.87
N SER C 596 3.08 10.99 30.80
CA SER C 596 2.87 9.61 31.20
C SER C 596 2.71 9.56 32.72
N GLN C 597 1.67 8.87 33.19
CA GLN C 597 1.46 8.76 34.62
C GLN C 597 2.47 7.80 35.23
N VAL C 598 3.16 8.25 36.26
CA VAL C 598 4.13 7.43 36.98
C VAL C 598 3.49 6.77 38.19
N ASP C 599 2.83 7.56 39.03
CA ASP C 599 2.08 7.05 40.17
C ASP C 599 0.80 7.86 40.29
N GLU C 600 0.12 7.76 41.44
CA GLU C 600 -1.18 8.40 41.60
C GLU C 600 -1.12 9.90 41.37
N GLU C 601 -0.09 10.56 41.91
CA GLU C 601 0.02 12.02 41.84
C GLU C 601 1.00 12.50 40.78
N THR C 602 2.18 11.89 40.69
CA THR C 602 3.22 12.38 39.81
C THR C 602 2.93 12.03 38.35
N PHE C 603 3.23 12.97 37.46
CA PHE C 603 3.14 12.76 36.02
C PHE C 603 4.46 13.17 35.39
N SER C 604 5.04 12.27 34.60
CA SER C 604 6.29 12.56 33.90
C SER C 604 5.98 13.25 32.58
N VAL C 605 6.65 14.36 32.33
CA VAL C 605 6.44 15.17 31.14
C VAL C 605 7.75 15.23 30.36
N PHE C 606 7.68 14.86 29.08
CA PHE C 606 8.82 14.95 28.18
C PHE C 606 8.52 15.98 27.11
N ALA C 607 9.41 16.96 26.96
CA ALA C 607 9.23 18.02 25.97
C ALA C 607 10.46 18.05 25.06
N PRO C 608 10.27 18.06 23.74
CA PRO C 608 11.43 18.08 22.83
C PRO C 608 12.26 19.35 22.92
N THR C 609 11.70 20.45 23.40
CA THR C 609 12.38 21.73 23.50
C THR C 609 11.97 22.40 24.80
N PRO C 610 12.86 23.20 25.40
CA PRO C 610 12.43 24.01 26.54
C PRO C 610 11.30 24.96 26.20
N SER C 611 11.25 25.47 24.98
CA SER C 611 10.12 26.30 24.56
C SER C 611 8.84 25.48 24.49
N ALA C 612 8.91 24.26 23.95
CA ALA C 612 7.75 23.37 23.96
C ALA C 612 7.32 23.03 25.37
N MET C 613 8.29 22.88 26.28
CA MET C 613 7.97 22.69 27.68
C MET C 613 7.25 23.91 28.24
N HIS C 614 7.67 25.11 27.83
CA HIS C 614 7.15 26.34 28.43
C HIS C 614 5.63 26.42 28.29
N GLU C 615 5.10 26.06 27.13
CA GLU C 615 3.66 26.07 26.91
C GLU C 615 2.97 24.84 27.49
N ALA C 616 3.70 23.95 28.15
CA ALA C 616 3.11 22.77 28.79
C ALA C 616 2.78 23.01 30.25
N ARG C 617 3.67 23.62 31.03
CA ARG C 617 3.32 23.97 32.40
C ARG C 617 2.21 25.01 32.43
N ASP C 618 2.11 25.84 31.39
CA ASP C 618 1.03 26.82 31.33
C ASP C 618 -0.33 26.12 31.31
N PHE C 619 -0.45 25.04 30.55
CA PHE C 619 -1.70 24.28 30.54
C PHE C 619 -1.98 23.65 31.90
N ILE C 620 -0.93 23.16 32.57
CA ILE C 620 -1.12 22.51 33.87
C ILE C 620 -1.61 23.51 34.90
N THR C 621 -1.01 24.70 34.94
CA THR C 621 -1.39 25.70 35.94
C THR C 621 -2.70 26.39 35.59
N GLU C 622 -2.97 26.61 34.30
CA GLU C 622 -4.18 27.32 33.91
C GLU C 622 -5.44 26.55 34.28
N ILE C 623 -5.33 25.25 34.52
CA ILE C 623 -6.46 24.48 35.02
C ILE C 623 -6.77 24.93 36.43
N CYS C 624 -8.04 25.28 36.68
CA CYS C 624 -8.48 25.78 37.98
C CYS C 624 -7.63 26.96 38.45
P PO4 D . -10.51 -24.38 -5.13
O1 PO4 D . -10.95 -22.98 -5.66
O2 PO4 D . -11.12 -25.48 -6.04
O3 PO4 D . -8.93 -24.45 -5.16
O4 PO4 D . -10.99 -24.58 -3.66
P PO4 E . -13.46 21.09 -10.09
O1 PO4 E . -11.91 20.87 -10.10
O2 PO4 E . -13.81 22.24 -11.09
O3 PO4 E . -14.17 19.76 -10.51
O4 PO4 E . -13.93 21.50 -8.65
P PO4 F . 26.81 1.64 -1.35
O1 PO4 F . 26.23 2.89 -2.09
O2 PO4 F . 25.99 0.38 -1.77
O3 PO4 F . 28.31 1.45 -1.75
O4 PO4 F . 26.70 1.86 0.20
#